data_5FYK
#
_entry.id   5FYK
#
_cell.length_a   130.780
_cell.length_b   130.780
_cell.length_c   314.620
_cell.angle_alpha   90.00
_cell.angle_beta   90.00
_cell.angle_gamma   120.00
#
_symmetry.space_group_name_H-M   'P 63'
#
loop_
_entity.id
_entity.type
_entity.pdbx_description
1 polymer 'JR-FL, GP41 ENV ECTODOMAIN'
2 polymer 35O22
3 polymer 35O22
4 polymer 'JR-FL, GP120 ENV ECTODOMAIN'
5 polymer PGT122
6 polymer PGT122
7 polymer VRC01
8 branched beta-D-mannopyranose-(1-4)-2-acetamido-2-deoxy-beta-D-glucopyranose-(1-4)-2-acetamido-2-deoxy-beta-D-glucopyranose
9 branched alpha-D-mannopyranose-(1-3)-[alpha-D-mannopyranose-(1-6)]alpha-D-mannopyranose-(1-6)-[alpha-D-mannopyranose-(1-3)]beta-D-mannopyranose-(1-4)-2-acetamido-2-deoxy-beta-D-glucopyranose-(1-4)-2-acetamido-2-deoxy-beta-D-glucopyranose
10 branched alpha-D-mannopyranose-(1-2)-alpha-D-mannopyranose-(1-2)-alpha-D-mannopyranose-(1-3)-[alpha-D-mannopyranose-(1-3)-[alpha-D-mannopyranose-(1-6)]alpha-D-mannopyranose-(1-6)]beta-D-mannopyranose-(1-4)-2-acetamido-2-deoxy-beta-D-glucopyranose-(1-4)-2-acetamido-2-deoxy-beta-D-glucopyranose
11 branched alpha-D-mannopyranose-(1-2)-alpha-D-mannopyranose-(1-3)-[alpha-D-mannopyranose-(1-6)]alpha-D-mannopyranose-(1-6)-beta-D-mannopyranose-(1-4)-2-acetamido-2-deoxy-beta-D-glucopyranose-(1-4)-2-acetamido-2-deoxy-beta-D-glucopyranose
12 branched alpha-D-mannopyranose-(1-2)-alpha-D-mannopyranose-(1-6)-[alpha-D-mannopyranose-(1-3)]alpha-D-mannopyranose-(1-6)-beta-D-mannopyranose-(1-4)-2-acetamido-2-deoxy-beta-D-glucopyranose-(1-4)-2-acetamido-2-deoxy-beta-D-glucopyranose
13 branched alpha-D-mannopyranose-(1-3)-beta-D-mannopyranose-(1-4)-2-acetamido-2-deoxy-beta-D-glucopyranose-(1-4)-2-acetamido-2-deoxy-beta-D-glucopyranose
14 branched alpha-D-mannopyranose-(1-2)-alpha-D-mannopyranose-(1-2)-alpha-D-mannopyranose-(1-3)-[alpha-D-mannopyranose-(1-3)-alpha-D-mannopyranose-(1-6)]beta-D-mannopyranose-(1-4)-2-acetamido-2-deoxy-beta-D-glucopyranose-(1-4)-2-acetamido-2-deoxy-beta-D-glucopyranose
15 branched alpha-D-mannopyranose-(1-3)-[alpha-D-mannopyranose-(1-6)]beta-D-mannopyranose-(1-4)-2-acetamido-2-deoxy-beta-D-glucopyranose-(1-4)-2-acetamido-2-deoxy-beta-D-glucopyranose
16 branched alpha-D-mannopyranose-(1-2)-alpha-D-mannopyranose-(1-3)-alpha-D-mannopyranose-(1-6)-[alpha-D-mannopyranose-(1-2)-alpha-D-mannopyranose-(1-3)]beta-D-mannopyranose-(1-4)-2-acetamido-2-deoxy-beta-D-glucopyranose-(1-4)-2-acetamido-2-deoxy-beta-D-glucopyranose
17 branched alpha-D-mannopyranose-(1-2)-alpha-D-mannopyranose-(1-2)-alpha-D-mannopyranose-(1-3)-[alpha-D-mannopyranose-(1-2)-alpha-D-mannopyranose-(1-3)-[alpha-D-mannopyranose-(1-6)]alpha-D-mannopyranose-(1-6)]beta-D-mannopyranose-(1-4)-2-acetamido-2-deoxy-beta-D-glucopyranose-(1-4)-2-acetamido-2-deoxy-beta-D-glucopyranose
18 branched alpha-D-mannopyranose-(1-2)-alpha-D-mannopyranose-(1-3)-[alpha-D-mannopyranose-(1-6)-alpha-D-mannopyranose-(1-6)]beta-D-mannopyranose-(1-4)-2-acetamido-2-deoxy-beta-D-glucopyranose-(1-4)-2-acetamido-2-deoxy-beta-D-glucopyranose
19 branched alpha-D-mannopyranose-(1-2)-alpha-D-mannopyranose-(1-6)-[alpha-D-mannopyranose-(1-3)]alpha-D-mannopyranose-(1-6)-[alpha-D-mannopyranose-(1-3)]beta-D-mannopyranose-(1-4)-2-acetamido-2-deoxy-beta-D-glucopyranose-(1-4)-2-acetamido-2-deoxy-beta-D-glucopyranose
20 branched alpha-D-mannopyranose-(1-3)-alpha-D-mannopyranose-(1-6)-[alpha-D-mannopyranose-(1-3)]beta-D-mannopyranose-(1-4)-2-acetamido-2-deoxy-beta-D-glucopyranose-(1-4)-2-acetamido-2-deoxy-beta-D-glucopyranose
21 branched 2-acetamido-2-deoxy-beta-D-glucopyranose-(1-4)-2-acetamido-2-deoxy-beta-D-glucopyranose
22 branched alpha-D-mannopyranose-(1-2)-alpha-D-mannopyranose-(1-3)-alpha-D-mannopyranose-(1-6)-beta-D-mannopyranose-(1-4)-2-acetamido-2-deoxy-beta-D-glucopyranose-(1-4)-2-acetamido-2-deoxy-beta-D-glucopyranose
23 branched alpha-D-mannopyranose-(1-6)-alpha-D-mannopyranose-(1-6)-[alpha-D-mannopyranose-(1-3)]beta-D-mannopyranose-(1-4)-2-acetamido-2-deoxy-beta-D-glucopyranose-(1-4)-2-acetamido-2-deoxy-beta-D-glucopyranose
24 non-polymer 2-acetamido-2-deoxy-beta-D-glucopyranose
#
loop_
_entity_poly.entity_id
_entity_poly.type
_entity_poly.pdbx_seq_one_letter_code
_entity_poly.pdbx_strand_id
1 'polypeptide(L)'
;AVGIGAVFLGFLGAAGSTMGAASMTLTVQARLLLSGIVQQQNNLLRAPEAQERMLQLTVWGIKQLQARVLAVERYLGDQQ
LLGIWGCSGKLICCTAVPWNASWSNKSLDRIWNNMTWMEWEREIDNYTSEIYTLIEESQNQQEKNEQELLELDGGLEVLF
Q
;
B
2 'polypeptide(L)'
;QGQLVQSGAELKKPGASVKISCKTSGYRFNFYHINWIRQTAGRGPEWMGWISPYSGDKNLAPAFQDRVIMTTDTEVPVTS
FTSTGAAYMEIRNLKFDDTGTYFCAKGLLRDGSSTWLPYLWGQGTLLTVSSASTKGPSVFPLAPSSKSTSGGTAALGCLV
KDYFPEPVTVSWNSGALTSGVHTFPAVLQSSGLYSLSSVVTVPSSSLGTQTYICNVNHKPSNTKVDKRVEPKSCDKGLEV
LFQ
;
D
3 'polypeptide(L)'
;QSVLTQSASVSGSLGQSVTISCTGPNSVCCSHKSISWYQWPPGRAPTLIIYEDNERAPGISPRFSGYKSYWSAYLTISDL
RPEDETTYYCCSYTHNSGCVFGTGTKVSVLGQSKANPSVTLFPPSSEELQANKATLVCLISDFYPGAVTVAWKADSSPVK
AGVETTTPSKQSNNKYAASSYLSLTPEQWKSHRSYSCQVTHEGSTVEKTVAPTECS
;
E
4 'polypeptide(L)'
;VEKLWVTVYYGVPVWKEATTTLFCASDAKAYDTEVHNVWATHACVPTDPNPQEVVLENVTEHFNMWKNNMVEQMQEDIIS
LWDQSLKPCVKLTPLCVTLNCKDVNATNTTNDSEGTMERGEIKNCSFNITTSIRDKVQKEYALFYKLDVVPIDNNNTSYR
LISCDTSVITQACPKISFEPIPIHYCAPAGFAILKCNDKTFNGKGPCKNVSTVQCTHGIRPVVSTQLLLNGSLAEEEVVI
RSDNFTNNAKTIIVQLKESVEINCTRPNNNTRKSIHIGPGRAFYTTGEIIGDIRQAHCNISRAKWNDTLKQIVIKLREQF
ENKTIVFNHSSGGDPEIVMHSFNCGGEFFYCNSTQLFNSTWNNNTEGSNNTEGNTITLPCRIKQIINMWQEIGKAMYAPP
IRGQIRCSSNITGLLLTRDGCINENGTEIFRPGGGDMRDNWRSELYKYKVVKIEPLGVAPTKCKRRVVGRRRRRR
;
G
5 'polypeptide(L)'
;QVHLQESGPGLVKPSETLSLTCNVSGTLVRDNYWSWIRQPLGKQPEWIGYVHDSGDTNYNPSLKSRVHLSLDKSKNLVSL
RLTGVTAADSAIYYCATTKHGRRIYGVVAFKEWFTYFYMDVWGKGTSVTVSSASTKGPSVFPLAPSSKSTSGGTAALGCL
VKDYFPEPVTVSWNSGALTSGVHTFPAVLQSSGLYSLSSVVTVPSSSLGTQTYICNVNHKPSNTKVDKRVEPKSCDKGLE
VLFQ
;
H
6 'polypeptide(L)'
;APTFVSVAPGQTARITCGEESLGSRSVIWYQQRPGQAPSLIIYNNNDRPSGIPDRFSGSPGSTFGTTATLTITSVEAGDE
ADYYCHIWDSRRPTNWVFGEGTTLIVLSQPKAAPSVTLFPPSSEELQANKATLVCLISDFYPGAVTVAWKADSSPVKAGV
ETTTPSKQSNNKYAASSYLSLTPEQWKSHKSYSCQVTHEGSTVEKTVAPTECS
;
L
7 'polypeptide(L)'
;EIVLTQSPGTLSLSPGETAIISCRTSQYGSLAWYQQRPGQAPRLVIYSGSTRAAGIPDRFSGSRWGPDYNLTISNLESGD
FGVYYCQQYEFFGQGTKVQVGGGGSGGGGSGGGGSQVQLVQSGGQMKKPGESMRISCRASGYEFIDCTLNWIRLAPGKRP
EWMGWLKPRGGAVNYCRPLQGRVTMTRDVYSDTAFLELRSLTVDDTAVYFCTRGKNCDYNWDFEHWGRGTPVIVGGLVPR
;
U,V
#
# COMPACT_ATOMS: atom_id res chain seq x y z
N GLY A 3 -30.49 -23.53 -32.57
CA GLY A 3 -30.00 -24.47 -31.59
C GLY A 3 -28.69 -24.05 -30.95
N ILE A 4 -27.59 -24.30 -31.66
CA ILE A 4 -26.27 -23.89 -31.21
C ILE A 4 -25.58 -23.04 -32.27
N GLY A 5 -25.83 -23.38 -33.54
CA GLY A 5 -25.25 -22.69 -34.68
C GLY A 5 -26.18 -21.60 -35.19
N ALA A 6 -27.42 -21.62 -34.72
CA ALA A 6 -28.42 -20.63 -35.14
C ALA A 6 -28.80 -19.68 -34.01
N VAL A 7 -27.99 -19.64 -32.96
CA VAL A 7 -28.23 -18.78 -31.81
C VAL A 7 -27.04 -17.84 -31.58
N PHE A 8 -27.05 -17.15 -30.44
CA PHE A 8 -26.03 -16.15 -30.12
C PHE A 8 -24.74 -16.79 -29.61
N LEU A 9 -23.61 -16.12 -29.82
CA LEU A 9 -22.30 -16.60 -29.36
C LEU A 9 -21.46 -15.46 -28.74
N GLY A 10 -21.01 -14.52 -29.56
CA GLY A 10 -20.22 -13.40 -29.07
C GLY A 10 -18.81 -13.32 -29.63
N PHE A 11 -18.26 -12.12 -29.68
CA PHE A 11 -16.93 -11.89 -30.24
C PHE A 11 -15.89 -12.78 -29.58
N LEU A 12 -15.16 -13.52 -30.42
CA LEU A 12 -14.02 -14.32 -29.99
C LEU A 12 -14.44 -15.45 -29.04
N GLY A 13 -15.71 -15.82 -29.07
CA GLY A 13 -16.25 -16.83 -28.16
C GLY A 13 -15.63 -18.21 -28.29
N ALA A 14 -15.27 -18.57 -29.51
CA ALA A 14 -14.75 -19.90 -29.78
C ALA A 14 -13.22 -19.94 -29.72
N ALA A 15 -12.64 -19.05 -28.92
CA ALA A 15 -11.19 -18.97 -28.78
C ALA A 15 -10.60 -20.29 -28.29
N GLY A 16 -11.33 -20.95 -27.39
CA GLY A 16 -10.94 -22.23 -26.86
C GLY A 16 -11.86 -23.35 -27.31
N SER A 17 -12.53 -23.15 -28.44
CA SER A 17 -13.37 -24.18 -29.02
C SER A 17 -12.63 -24.81 -30.20
N THR A 18 -12.97 -26.05 -30.50
CA THR A 18 -12.30 -26.79 -31.57
C THR A 18 -12.37 -26.05 -32.91
N MET A 19 -11.44 -26.38 -33.80
CA MET A 19 -11.39 -25.77 -35.12
C MET A 19 -12.70 -25.96 -35.88
N GLY A 20 -13.33 -27.12 -35.67
CA GLY A 20 -14.60 -27.41 -36.30
C GLY A 20 -15.70 -26.54 -35.72
N ALA A 21 -15.70 -26.41 -34.40
CA ALA A 21 -16.70 -25.58 -33.73
C ALA A 21 -16.63 -24.14 -34.22
N ALA A 22 -15.43 -23.59 -34.22
CA ALA A 22 -15.20 -22.20 -34.62
C ALA A 22 -15.65 -21.95 -36.06
N SER A 23 -15.70 -23.01 -36.85
CA SER A 23 -16.04 -22.92 -38.27
C SER A 23 -17.47 -22.47 -38.53
N MET A 24 -18.24 -22.27 -37.47
CA MET A 24 -19.59 -21.75 -37.64
C MET A 24 -19.60 -20.28 -37.24
N THR A 25 -18.79 -19.94 -36.25
CA THR A 25 -18.76 -18.59 -35.71
C THR A 25 -17.66 -17.73 -36.32
N LEU A 26 -17.64 -17.69 -37.65
CA LEU A 26 -16.68 -16.83 -38.36
C LEU A 26 -17.20 -15.41 -38.45
N THR A 27 -18.44 -15.27 -38.93
CA THR A 27 -19.12 -13.97 -39.09
C THR A 27 -18.93 -13.11 -37.85
N VAL A 28 -19.01 -13.75 -36.69
CA VAL A 28 -18.74 -13.08 -35.44
C VAL A 28 -17.38 -12.37 -35.46
N GLN A 29 -16.32 -13.08 -35.82
CA GLN A 29 -14.97 -12.51 -35.84
C GLN A 29 -14.54 -12.19 -37.26
N ALA A 30 -15.44 -12.28 -38.21
CA ALA A 30 -15.13 -11.85 -39.56
C ALA A 30 -15.73 -10.46 -39.76
N ARG A 31 -16.70 -10.14 -38.90
CA ARG A 31 -17.31 -8.82 -38.79
C ARG A 31 -16.48 -8.03 -37.78
N LEU A 32 -16.70 -6.72 -37.73
CA LEU A 32 -16.10 -5.87 -36.70
C LEU A 32 -14.57 -5.76 -36.82
N LEU A 33 -14.00 -6.36 -37.87
CA LEU A 33 -12.58 -6.23 -38.15
C LEU A 33 -12.34 -4.79 -38.55
N LEU A 34 -13.23 -4.32 -39.39
CA LEU A 34 -13.49 -2.91 -39.57
C LEU A 34 -14.98 -2.74 -39.31
N SER A 35 -15.42 -1.50 -39.11
CA SER A 35 -16.81 -1.16 -38.81
C SER A 35 -17.23 -1.64 -37.42
N GLY A 36 -16.38 -2.41 -36.75
CA GLY A 36 -16.61 -2.72 -35.35
C GLY A 36 -16.52 -1.43 -34.58
N ILE A 37 -15.66 -0.55 -35.07
CA ILE A 37 -15.45 0.74 -34.43
C ILE A 37 -16.06 1.92 -35.20
N VAL A 38 -16.21 1.81 -36.53
CA VAL A 38 -16.72 2.94 -37.30
C VAL A 38 -18.22 3.09 -37.10
N GLN A 39 -18.90 1.98 -36.78
CA GLN A 39 -20.31 2.04 -36.44
C GLN A 39 -20.44 2.75 -35.11
N GLN A 40 -19.68 2.27 -34.12
CA GLN A 40 -19.72 2.80 -32.76
C GLN A 40 -19.20 4.24 -32.70
N GLN A 41 -18.12 4.52 -33.42
CA GLN A 41 -17.53 5.86 -33.39
C GLN A 41 -18.49 6.90 -33.93
N ASN A 42 -18.93 6.71 -35.17
CA ASN A 42 -19.86 7.65 -35.80
C ASN A 42 -21.13 7.82 -34.98
N ASN A 43 -21.64 6.71 -34.43
CA ASN A 43 -22.87 6.76 -33.63
C ASN A 43 -22.68 7.46 -32.29
N LEU A 44 -21.63 7.10 -31.55
CA LEU A 44 -21.40 7.69 -30.24
C LEU A 44 -20.84 9.11 -30.33
N LEU A 45 -20.05 9.39 -31.36
CA LEU A 45 -19.52 10.75 -31.57
C LEU A 45 -20.48 11.80 -31.96
N ARG A 46 -21.62 11.46 -32.54
CA ARG A 46 -22.65 12.47 -32.82
C ARG A 46 -23.51 12.77 -31.59
N ALA A 47 -23.09 12.42 -30.40
CA ALA A 47 -23.64 12.97 -29.17
C ALA A 47 -23.65 14.49 -29.21
N PRO A 48 -24.63 15.11 -28.55
CA PRO A 48 -24.76 16.58 -28.56
C PRO A 48 -23.58 17.27 -27.89
N GLU A 49 -22.46 17.35 -28.59
CA GLU A 49 -21.27 18.02 -28.10
C GLU A 49 -21.00 19.29 -28.89
N ALA A 50 -21.07 19.15 -30.22
CA ALA A 50 -20.80 20.24 -31.15
C ALA A 50 -19.38 20.79 -31.01
N GLN A 51 -18.47 19.98 -30.47
CA GLN A 51 -17.06 20.36 -30.42
C GLN A 51 -16.19 19.20 -30.91
N GLU A 52 -16.74 18.42 -31.83
CA GLU A 52 -15.95 17.44 -32.56
C GLU A 52 -14.85 18.18 -33.30
N ARG A 53 -13.60 17.93 -32.90
CA ARG A 53 -12.43 18.54 -33.54
C ARG A 53 -12.35 20.05 -33.29
N MET A 54 -12.77 20.46 -32.09
CA MET A 54 -12.63 21.85 -31.67
C MET A 54 -11.19 22.10 -31.26
N LEU A 55 -10.71 23.33 -31.50
CA LEU A 55 -9.32 23.70 -31.31
C LEU A 55 -8.46 22.85 -32.24
N GLN A 56 -8.97 22.68 -33.46
CA GLN A 56 -8.39 21.78 -34.46
C GLN A 56 -8.13 20.41 -33.84
N LEU A 57 -6.96 19.83 -34.13
CA LEU A 57 -6.68 18.48 -33.64
C LEU A 57 -5.80 18.46 -32.40
N THR A 58 -6.00 17.44 -31.56
CA THR A 58 -5.40 17.43 -30.24
C THR A 58 -4.58 16.18 -30.01
N VAL A 59 -4.46 15.79 -28.75
CA VAL A 59 -3.66 14.62 -28.36
C VAL A 59 -4.41 13.32 -28.64
N TRP A 60 -5.73 13.34 -28.49
CA TRP A 60 -6.54 12.19 -28.87
C TRP A 60 -6.80 12.25 -30.37
N GLY A 61 -6.45 13.40 -30.96
CA GLY A 61 -6.62 13.64 -32.37
C GLY A 61 -5.86 12.66 -33.23
N ILE A 62 -4.60 12.43 -32.90
CA ILE A 62 -3.76 11.54 -33.70
C ILE A 62 -3.91 10.10 -33.22
N LYS A 63 -4.07 9.90 -31.91
CA LYS A 63 -4.23 8.55 -31.35
C LYS A 63 -5.30 7.80 -32.10
N GLN A 64 -6.38 8.50 -32.45
CA GLN A 64 -7.42 7.89 -33.23
C GLN A 64 -7.03 7.75 -34.71
N LEU A 65 -6.63 8.84 -35.36
CA LEU A 65 -6.38 8.81 -36.79
C LEU A 65 -5.19 7.94 -37.16
N GLN A 66 -4.18 7.91 -36.30
CA GLN A 66 -3.05 7.02 -36.52
C GLN A 66 -3.50 5.56 -36.42
N ALA A 67 -4.57 5.34 -35.66
CA ALA A 67 -5.11 4.01 -35.44
C ALA A 67 -6.33 3.75 -36.32
N ARG A 68 -7.03 4.82 -36.71
CA ARG A 68 -8.14 4.68 -37.65
C ARG A 68 -7.59 4.21 -38.99
N VAL A 69 -6.54 4.89 -39.44
CA VAL A 69 -5.95 4.62 -40.75
C VAL A 69 -5.23 3.27 -40.78
N LEU A 70 -4.86 2.77 -39.60
CA LEU A 70 -4.25 1.45 -39.50
C LEU A 70 -5.30 0.39 -39.74
N ALA A 71 -6.40 0.47 -38.99
CA ALA A 71 -7.44 -0.54 -38.98
C ALA A 71 -7.91 -0.95 -40.36
N VAL A 72 -7.89 0.00 -41.30
CA VAL A 72 -8.42 -0.25 -42.62
C VAL A 72 -7.39 -0.93 -43.50
N GLU A 73 -6.14 -0.48 -43.46
CA GLU A 73 -5.10 -1.06 -44.29
C GLU A 73 -4.77 -2.45 -43.75
N ARG A 74 -4.89 -2.59 -42.44
CA ARG A 74 -4.73 -3.87 -41.79
C ARG A 74 -5.82 -4.81 -42.29
N TYR A 75 -7.02 -4.24 -42.42
CA TYR A 75 -8.17 -5.01 -42.89
C TYR A 75 -8.08 -5.25 -44.38
N LEU A 76 -7.59 -4.25 -45.10
CA LEU A 76 -7.49 -4.35 -46.56
C LEU A 76 -6.35 -5.23 -46.98
N GLY A 77 -5.47 -5.55 -46.03
CA GLY A 77 -4.38 -6.48 -46.25
C GLY A 77 -4.85 -7.92 -46.37
N ASP A 78 -5.87 -8.26 -45.57
CA ASP A 78 -6.46 -9.58 -45.58
C ASP A 78 -7.46 -9.72 -46.72
N GLN A 79 -8.03 -8.61 -47.14
CA GLN A 79 -8.93 -8.60 -48.28
C GLN A 79 -8.15 -8.61 -49.58
N GLN A 80 -6.91 -8.14 -49.52
CA GLN A 80 -5.98 -8.20 -50.65
C GLN A 80 -5.49 -9.63 -50.84
N LEU A 81 -5.44 -10.39 -49.76
CA LEU A 81 -5.03 -11.79 -49.85
C LEU A 81 -6.15 -12.62 -50.45
N LEU A 82 -7.37 -12.38 -50.00
CA LEU A 82 -8.55 -13.01 -50.59
C LEU A 82 -8.63 -12.76 -52.09
N GLY A 83 -8.24 -11.55 -52.50
CA GLY A 83 -8.27 -11.19 -53.89
C GLY A 83 -7.18 -11.92 -54.63
N ILE A 84 -5.98 -11.91 -54.07
CA ILE A 84 -4.81 -12.43 -54.77
C ILE A 84 -4.76 -13.96 -54.72
N TRP A 85 -5.65 -14.54 -53.94
CA TRP A 85 -5.79 -15.99 -53.91
C TRP A 85 -7.04 -16.38 -54.71
N GLY A 86 -7.69 -15.40 -55.30
CA GLY A 86 -8.83 -15.62 -56.16
C GLY A 86 -10.12 -15.99 -55.45
N CYS A 87 -10.12 -15.89 -54.13
CA CYS A 87 -11.32 -16.21 -53.38
C CYS A 87 -11.57 -15.17 -52.31
N SER A 88 -12.44 -14.22 -52.62
CA SER A 88 -12.90 -13.24 -51.65
C SER A 88 -14.33 -13.55 -51.24
N GLY A 89 -14.71 -14.81 -51.41
CA GLY A 89 -15.97 -15.32 -50.88
C GLY A 89 -15.88 -15.37 -49.37
N LYS A 90 -14.64 -15.36 -48.88
CA LYS A 90 -14.30 -15.29 -47.47
C LYS A 90 -14.74 -16.53 -46.73
N LEU A 91 -14.49 -16.51 -45.42
CA LEU A 91 -14.97 -17.50 -44.48
C LEU A 91 -14.39 -18.88 -44.75
N ILE A 92 -14.58 -19.37 -45.97
CA ILE A 92 -14.14 -20.70 -46.37
C ILE A 92 -13.89 -20.75 -47.86
N CYS A 93 -12.72 -21.24 -48.27
CA CYS A 93 -12.45 -21.35 -49.71
C CYS A 93 -11.35 -22.35 -50.09
N CYS A 94 -11.68 -23.23 -51.02
CA CYS A 94 -10.81 -24.34 -51.40
C CYS A 94 -9.80 -23.88 -52.44
N THR A 95 -8.70 -24.63 -52.55
CA THR A 95 -7.67 -24.34 -53.53
C THR A 95 -7.20 -25.61 -54.21
N ALA A 96 -6.36 -25.43 -55.23
CA ALA A 96 -5.73 -26.55 -55.91
C ALA A 96 -4.46 -26.93 -55.18
N VAL A 97 -3.90 -25.95 -54.46
CA VAL A 97 -2.75 -26.21 -53.61
C VAL A 97 -3.11 -27.34 -52.66
N PRO A 98 -2.39 -28.48 -52.76
CA PRO A 98 -2.69 -29.64 -51.94
C PRO A 98 -2.04 -29.52 -50.58
N TRP A 99 -2.39 -30.40 -49.65
CA TRP A 99 -1.82 -30.31 -48.32
C TRP A 99 -0.50 -31.06 -48.21
N ASN A 100 0.60 -30.32 -48.29
CA ASN A 100 1.93 -30.86 -48.00
C ASN A 100 1.99 -31.33 -46.56
N ALA A 101 2.04 -32.64 -46.36
CA ALA A 101 2.06 -33.23 -45.02
C ALA A 101 3.32 -32.83 -44.24
N SER A 102 4.27 -32.21 -44.94
CA SER A 102 5.46 -31.65 -44.31
C SER A 102 5.05 -30.50 -43.38
N TRP A 103 3.91 -29.90 -43.68
CA TRP A 103 3.34 -28.86 -42.83
C TRP A 103 2.78 -29.46 -41.54
N SER A 104 2.00 -30.53 -41.69
CA SER A 104 1.48 -31.26 -40.54
C SER A 104 1.09 -32.68 -40.94
N ASN A 105 1.85 -33.66 -40.48
CA ASN A 105 1.60 -35.07 -40.83
C ASN A 105 0.27 -35.59 -40.32
N LYS A 106 -0.30 -34.88 -39.34
CA LYS A 106 -1.49 -35.33 -38.63
C LYS A 106 -2.69 -35.54 -39.55
N SER A 107 -3.73 -36.18 -39.02
CA SER A 107 -4.91 -36.54 -39.81
C SER A 107 -6.06 -35.57 -39.62
N LEU A 108 -7.13 -35.80 -40.38
CA LEU A 108 -8.29 -34.92 -40.42
C LEU A 108 -9.06 -34.95 -39.10
N ASP A 109 -9.40 -36.15 -38.65
CA ASP A 109 -10.27 -36.37 -37.50
C ASP A 109 -9.96 -35.48 -36.29
N ARG A 110 -8.68 -35.40 -35.96
CA ARG A 110 -8.24 -34.72 -34.74
C ARG A 110 -7.99 -33.23 -34.96
N ILE A 111 -7.72 -32.86 -36.21
CA ILE A 111 -7.44 -31.47 -36.54
C ILE A 111 -8.67 -30.60 -36.23
N TRP A 112 -9.85 -31.07 -36.66
CA TRP A 112 -11.04 -30.23 -36.57
C TRP A 112 -11.79 -30.43 -35.25
N ASN A 113 -11.48 -31.52 -34.55
CA ASN A 113 -12.23 -31.88 -33.35
C ASN A 113 -11.43 -31.94 -32.05
N ASN A 114 -10.16 -31.55 -32.10
CA ASN A 114 -9.37 -31.53 -30.87
C ASN A 114 -8.53 -30.27 -30.73
N MET A 115 -7.88 -29.85 -31.81
CA MET A 115 -7.12 -28.60 -31.77
C MET A 115 -8.05 -27.42 -31.93
N THR A 116 -7.63 -26.27 -31.41
CA THR A 116 -8.34 -25.02 -31.65
C THR A 116 -7.46 -24.15 -32.54
N TRP A 117 -8.05 -23.14 -33.16
CA TRP A 117 -7.37 -22.35 -34.19
C TRP A 117 -6.16 -21.60 -33.65
N MET A 118 -6.29 -21.04 -32.45
CA MET A 118 -5.17 -20.44 -31.76
C MET A 118 -4.05 -21.44 -31.64
N GLU A 119 -4.43 -22.64 -31.21
CA GLU A 119 -3.50 -23.75 -31.04
C GLU A 119 -2.94 -24.20 -32.39
N TRP A 120 -3.81 -24.32 -33.39
CA TRP A 120 -3.43 -24.83 -34.70
C TRP A 120 -2.50 -23.88 -35.44
N GLU A 121 -2.91 -22.63 -35.57
CA GLU A 121 -2.12 -21.64 -36.31
C GLU A 121 -0.71 -21.50 -35.77
N ARG A 122 -0.52 -21.88 -34.51
CA ARG A 122 0.81 -21.93 -33.92
C ARG A 122 1.62 -23.06 -34.51
N GLU A 123 1.05 -24.26 -34.49
CA GLU A 123 1.73 -25.46 -34.98
C GLU A 123 2.06 -25.34 -36.46
N ILE A 124 1.37 -24.43 -37.14
CA ILE A 124 1.53 -24.27 -38.58
C ILE A 124 2.12 -22.90 -38.93
N ASP A 125 2.39 -22.10 -37.92
CA ASP A 125 2.88 -20.72 -38.10
C ASP A 125 4.07 -20.59 -39.05
N ASN A 126 5.07 -21.44 -38.86
CA ASN A 126 6.31 -21.33 -39.63
C ASN A 126 6.15 -21.61 -41.13
N TYR A 127 5.17 -22.41 -41.49
CA TYR A 127 5.00 -22.81 -42.88
C TYR A 127 4.07 -21.88 -43.65
N THR A 128 3.28 -21.08 -42.91
CA THR A 128 2.26 -20.21 -43.50
C THR A 128 2.82 -19.33 -44.62
N SER A 129 4.01 -18.79 -44.40
CA SER A 129 4.70 -18.03 -45.44
C SER A 129 4.86 -18.82 -46.73
N GLU A 130 5.33 -20.05 -46.62
CA GLU A 130 5.50 -20.90 -47.80
C GLU A 130 4.15 -21.32 -48.38
N ILE A 131 3.19 -21.55 -47.49
CA ILE A 131 1.86 -21.94 -47.94
C ILE A 131 1.22 -20.82 -48.74
N TYR A 132 1.19 -19.64 -48.15
CA TYR A 132 0.55 -18.47 -48.74
C TYR A 132 1.09 -18.18 -50.13
N THR A 133 2.39 -18.38 -50.28
CA THR A 133 3.06 -18.12 -51.55
C THR A 133 2.69 -19.18 -52.60
N LEU A 134 2.27 -20.35 -52.13
CA LEU A 134 1.87 -21.42 -53.04
C LEU A 134 0.53 -21.14 -53.70
N ILE A 135 -0.35 -20.45 -52.96
CA ILE A 135 -1.68 -20.13 -53.46
C ILE A 135 -1.61 -19.02 -54.49
N GLU A 136 -0.66 -18.11 -54.31
CA GLU A 136 -0.47 -17.03 -55.26
C GLU A 136 0.03 -17.58 -56.60
N GLU A 137 0.91 -18.56 -56.53
CA GLU A 137 1.42 -19.20 -57.74
C GLU A 137 0.41 -20.19 -58.30
N SER A 138 -0.60 -20.51 -57.48
CA SER A 138 -1.71 -21.35 -57.93
C SER A 138 -2.68 -20.51 -58.74
N GLN A 139 -2.84 -19.25 -58.35
CA GLN A 139 -3.70 -18.35 -59.11
C GLN A 139 -3.10 -18.06 -60.47
N ASN A 140 -1.83 -17.68 -60.49
CA ASN A 140 -1.17 -17.23 -61.72
C ASN A 140 -1.02 -18.31 -62.78
N GLN A 141 -0.87 -19.56 -62.35
CA GLN A 141 -0.93 -20.66 -63.28
C GLN A 141 -2.31 -20.63 -63.94
N GLN A 142 -3.33 -20.44 -63.12
CA GLN A 142 -4.73 -20.40 -63.54
C GLN A 142 -5.02 -19.14 -64.35
N GLU A 143 -4.32 -18.06 -64.02
CA GLU A 143 -4.53 -16.80 -64.69
C GLU A 143 -3.95 -16.80 -66.10
N LYS A 144 -2.85 -17.52 -66.30
CA LYS A 144 -2.27 -17.69 -67.64
C LYS A 144 -3.09 -18.71 -68.44
N ASN A 145 -3.50 -19.79 -67.78
CA ASN A 145 -4.34 -20.82 -68.41
C ASN A 145 -5.68 -20.23 -68.84
N GLU A 146 -6.17 -19.26 -68.09
CA GLU A 146 -7.34 -18.51 -68.49
C GLU A 146 -7.01 -17.72 -69.77
N GLN A 147 -5.93 -16.95 -69.71
CA GLN A 147 -5.51 -16.09 -70.81
C GLN A 147 -5.35 -16.84 -72.11
N GLU A 148 -4.62 -17.95 -72.06
CA GLU A 148 -4.36 -18.76 -73.24
C GLU A 148 -5.64 -19.10 -73.99
N LEU A 149 -6.72 -19.31 -73.23
CA LEU A 149 -7.99 -19.71 -73.81
C LEU A 149 -8.83 -18.50 -74.24
N LEU A 150 -8.44 -17.32 -73.79
CA LEU A 150 -9.10 -16.08 -74.19
C LEU A 150 -8.68 -15.70 -75.59
N GLU A 151 -7.46 -16.07 -75.95
CA GLU A 151 -6.93 -15.83 -77.28
C GLU A 151 -7.69 -16.66 -78.32
N LEU A 152 -7.68 -17.98 -78.14
CA LEU A 152 -8.24 -18.87 -79.15
C LEU A 152 -9.77 -18.97 -79.10
N ASP A 153 -10.37 -18.54 -77.98
CA ASP A 153 -11.83 -18.42 -77.85
C ASP A 153 -12.20 -17.71 -76.56
N GLN B 1 1.49 -36.43 -24.86
CA GLN B 1 2.38 -35.36 -24.44
C GLN B 1 2.32 -35.11 -22.93
N GLY B 2 1.47 -35.87 -22.23
CA GLY B 2 1.31 -35.72 -20.80
C GLY B 2 1.37 -37.06 -20.10
N GLN B 3 1.07 -37.07 -18.80
CA GLN B 3 1.11 -38.32 -18.03
C GLN B 3 0.21 -38.24 -16.80
N LEU B 4 -0.38 -39.38 -16.43
CA LEU B 4 -1.34 -39.45 -15.33
C LEU B 4 -0.82 -40.33 -14.18
N VAL B 5 -1.15 -39.93 -12.95
CA VAL B 5 -0.81 -40.71 -11.77
C VAL B 5 -2.04 -40.92 -10.88
N GLN B 6 -1.96 -41.88 -9.97
CA GLN B 6 -3.15 -42.30 -9.20
C GLN B 6 -2.87 -42.49 -7.70
N SER B 7 -3.87 -43.06 -7.02
CA SER B 7 -3.78 -43.39 -5.60
C SER B 7 -3.25 -44.80 -5.41
N GLY B 8 -2.28 -44.96 -4.52
CA GLY B 8 -1.65 -46.24 -4.27
C GLY B 8 -2.58 -47.29 -3.68
N ALA B 9 -2.08 -48.52 -3.57
CA ALA B 9 -2.86 -49.64 -3.06
C ALA B 9 -3.40 -49.38 -1.66
N GLU B 10 -4.71 -49.18 -1.56
CA GLU B 10 -5.37 -48.95 -0.28
C GLU B 10 -6.14 -50.19 0.15
N LEU B 11 -5.54 -50.98 1.03
CA LEU B 11 -6.15 -52.22 1.48
C LEU B 11 -7.38 -51.95 2.35
N LYS B 12 -8.50 -52.56 1.97
CA LYS B 12 -9.74 -52.44 2.74
C LYS B 12 -10.38 -53.82 2.93
N LYS B 13 -11.52 -53.86 3.62
CA LYS B 13 -12.17 -55.12 3.95
C LYS B 13 -13.56 -55.20 3.31
N PRO B 14 -14.09 -56.43 3.09
CA PRO B 14 -15.41 -56.58 2.48
C PRO B 14 -16.48 -55.94 3.34
N GLY B 15 -17.15 -54.93 2.79
CA GLY B 15 -18.11 -54.14 3.55
C GLY B 15 -17.41 -52.92 4.10
N ALA B 16 -16.88 -52.10 3.20
CA ALA B 16 -16.18 -50.88 3.60
C ALA B 16 -16.12 -49.87 2.44
N SER B 17 -15.32 -48.83 2.62
CA SER B 17 -15.18 -47.80 1.61
C SER B 17 -13.74 -47.77 1.10
N VAL B 18 -13.57 -47.41 -0.16
CA VAL B 18 -12.24 -47.24 -0.71
C VAL B 18 -12.26 -46.18 -1.82
N LYS B 19 -11.39 -45.19 -1.69
CA LYS B 19 -11.38 -44.07 -2.61
C LYS B 19 -10.14 -44.12 -3.49
N ILE B 20 -10.33 -43.85 -4.78
CA ILE B 20 -9.24 -43.93 -5.75
C ILE B 20 -9.27 -42.73 -6.72
N SER B 21 -8.30 -41.83 -6.58
CA SER B 21 -8.27 -40.60 -7.36
C SER B 21 -7.25 -40.64 -8.50
N CYS B 22 -7.29 -39.63 -9.35
CA CYS B 22 -6.39 -39.54 -10.49
C CYS B 22 -5.99 -38.09 -10.74
N LYS B 23 -4.68 -37.84 -10.85
CA LYS B 23 -4.17 -36.48 -11.03
C LYS B 23 -3.36 -36.35 -12.32
N THR B 24 -3.52 -35.23 -13.02
CA THR B 24 -3.01 -35.09 -14.39
C THR B 24 -1.78 -34.21 -14.51
N SER B 25 -1.23 -34.18 -15.72
CA SER B 25 -0.09 -33.33 -16.07
C SER B 25 0.09 -33.27 -17.59
N GLY B 26 0.55 -32.13 -18.09
CA GLY B 26 0.89 -31.97 -19.49
C GLY B 26 -0.28 -31.83 -20.44
N TYR B 27 -1.50 -31.70 -19.91
CA TYR B 27 -2.67 -31.50 -20.75
C TYR B 27 -3.80 -30.79 -20.02
N ARG B 28 -4.72 -30.20 -20.78
CA ARG B 28 -5.86 -29.50 -20.19
C ARG B 28 -6.87 -30.49 -19.64
N PHE B 29 -6.81 -30.68 -18.32
CA PHE B 29 -7.69 -31.60 -17.59
C PHE B 29 -9.17 -31.41 -17.91
N ASN B 30 -9.59 -30.15 -18.03
CA ASN B 30 -10.99 -29.84 -18.33
C ASN B 30 -11.42 -30.25 -19.73
N PHE B 31 -10.46 -30.29 -20.65
CA PHE B 31 -10.75 -30.55 -22.06
C PHE B 31 -11.13 -32.00 -22.36
N TYR B 32 -10.82 -32.91 -21.44
CA TYR B 32 -11.02 -34.33 -21.71
C TYR B 32 -11.74 -35.07 -20.58
N HIS B 33 -12.36 -36.18 -20.94
CA HIS B 33 -13.06 -37.03 -19.98
C HIS B 33 -12.07 -37.82 -19.13
N ILE B 34 -12.60 -38.45 -18.08
CA ILE B 34 -11.80 -39.30 -17.21
C ILE B 34 -12.55 -40.61 -16.98
N ASN B 35 -12.06 -41.68 -17.61
CA ASN B 35 -12.70 -43.00 -17.53
C ASN B 35 -12.13 -43.86 -16.42
N TRP B 36 -12.84 -44.95 -16.09
CA TRP B 36 -12.41 -45.83 -15.02
C TRP B 36 -12.60 -47.30 -15.36
N ILE B 37 -11.50 -48.05 -15.38
CA ILE B 37 -11.52 -49.47 -15.75
C ILE B 37 -10.65 -50.29 -14.81
N ARG B 38 -11.18 -51.41 -14.34
CA ARG B 38 -10.45 -52.31 -13.47
C ARG B 38 -9.97 -53.54 -14.24
N GLN B 39 -9.54 -54.57 -13.52
CA GLN B 39 -9.06 -55.80 -14.15
C GLN B 39 -9.49 -57.04 -13.36
N THR B 40 -10.79 -57.19 -13.14
CA THR B 40 -11.34 -58.36 -12.49
C THR B 40 -10.98 -59.62 -13.26
N ALA B 41 -10.26 -60.54 -12.62
CA ALA B 41 -9.79 -61.74 -13.27
C ALA B 41 -10.93 -62.67 -13.69
N GLY B 42 -12.01 -62.66 -12.90
CA GLY B 42 -13.15 -63.52 -13.17
C GLY B 42 -14.07 -62.99 -14.25
N ARG B 43 -14.27 -61.68 -14.26
CA ARG B 43 -15.15 -61.05 -15.24
C ARG B 43 -14.39 -60.56 -16.47
N GLY B 44 -13.30 -59.83 -16.23
CA GLY B 44 -12.53 -59.20 -17.29
C GLY B 44 -12.33 -57.73 -16.95
N PRO B 45 -11.68 -56.98 -17.84
CA PRO B 45 -11.48 -55.55 -17.59
C PRO B 45 -12.78 -54.75 -17.76
N GLU B 46 -13.57 -54.66 -16.70
CA GLU B 46 -14.88 -54.01 -16.77
C GLU B 46 -14.77 -52.50 -16.65
N TRP B 47 -15.42 -51.81 -17.59
CA TRP B 47 -15.48 -50.35 -17.60
C TRP B 47 -16.51 -49.86 -16.58
N MET B 48 -16.12 -48.89 -15.76
CA MET B 48 -16.98 -48.43 -14.68
C MET B 48 -17.82 -47.20 -15.08
N GLY B 49 -17.17 -46.17 -15.61
CA GLY B 49 -17.87 -44.98 -16.06
C GLY B 49 -16.99 -43.79 -16.35
N TRP B 50 -17.52 -42.82 -17.12
CA TRP B 50 -16.78 -41.57 -17.35
C TRP B 50 -17.54 -40.34 -16.87
N ILE B 51 -16.82 -39.22 -16.79
CA ILE B 51 -17.39 -37.97 -16.30
C ILE B 51 -16.68 -36.78 -16.95
N SER B 52 -17.43 -35.72 -17.23
CA SER B 52 -16.87 -34.50 -17.79
C SER B 52 -16.45 -33.53 -16.70
N PRO B 53 -15.17 -33.15 -16.67
CA PRO B 53 -14.67 -32.18 -15.70
C PRO B 53 -15.08 -30.75 -16.06
N TYR B 54 -15.72 -30.58 -17.21
CA TYR B 54 -16.17 -29.26 -17.64
C TYR B 54 -17.67 -29.09 -17.42
N SER B 55 -18.45 -30.09 -17.85
CA SER B 55 -19.91 -29.96 -17.84
C SER B 55 -20.55 -30.74 -16.69
N GLY B 56 -19.75 -31.55 -15.99
CA GLY B 56 -20.23 -32.29 -14.85
C GLY B 56 -21.22 -33.38 -15.18
N ASP B 57 -21.35 -33.70 -16.46
CA ASP B 57 -22.24 -34.77 -16.90
C ASP B 57 -21.57 -36.12 -16.73
N LYS B 58 -22.34 -37.13 -16.35
CA LYS B 58 -21.80 -38.46 -16.13
C LYS B 58 -22.55 -39.52 -16.92
N ASN B 59 -22.05 -40.73 -16.88
CA ASN B 59 -22.74 -41.89 -17.45
C ASN B 59 -22.23 -43.18 -16.81
N LEU B 60 -22.67 -43.43 -15.58
CA LEU B 60 -22.22 -44.57 -14.81
C LEU B 60 -22.79 -45.87 -15.36
N ALA B 61 -22.15 -46.98 -15.02
CA ALA B 61 -22.67 -48.28 -15.34
C ALA B 61 -23.78 -48.64 -14.35
N PRO B 62 -24.97 -48.98 -14.86
CA PRO B 62 -26.13 -49.37 -14.04
C PRO B 62 -25.82 -50.44 -13.00
N ALA B 63 -24.72 -51.16 -13.20
CA ALA B 63 -24.24 -52.12 -12.22
C ALA B 63 -23.89 -51.45 -10.89
N PHE B 64 -23.22 -50.30 -10.97
CA PHE B 64 -22.77 -49.58 -9.77
C PHE B 64 -23.33 -48.16 -9.71
N GLN B 65 -24.39 -47.90 -10.47
CA GLN B 65 -25.00 -46.57 -10.52
C GLN B 65 -25.35 -46.04 -9.13
N ASP B 66 -26.03 -46.88 -8.35
CA ASP B 66 -26.43 -46.51 -7.00
C ASP B 66 -25.26 -46.61 -6.03
N ARG B 67 -24.36 -47.57 -6.29
CA ARG B 67 -23.22 -47.83 -5.42
C ARG B 67 -22.22 -46.68 -5.42
N VAL B 68 -21.62 -46.42 -6.58
CA VAL B 68 -20.55 -45.44 -6.69
C VAL B 68 -21.04 -44.05 -7.09
N ILE B 69 -20.26 -43.03 -6.70
CA ILE B 69 -20.53 -41.64 -7.08
C ILE B 69 -19.21 -40.96 -7.47
N MET B 70 -19.20 -40.29 -8.61
CA MET B 70 -17.99 -39.63 -9.10
C MET B 70 -18.00 -38.13 -8.80
N THR B 71 -16.81 -37.53 -8.78
CA THR B 71 -16.65 -36.11 -8.49
C THR B 71 -15.28 -35.61 -8.92
N THR B 72 -15.17 -34.31 -9.16
CA THR B 72 -13.92 -33.71 -9.64
C THR B 72 -13.54 -32.44 -8.88
N ASP B 73 -12.26 -32.08 -8.94
CA ASP B 73 -11.78 -30.84 -8.36
C ASP B 73 -11.56 -29.81 -9.45
N THR B 74 -11.18 -28.61 -9.05
CA THR B 74 -10.91 -27.52 -9.99
C THR B 74 -9.61 -27.78 -10.75
N GLU B 75 -9.43 -27.05 -11.85
CA GLU B 75 -8.23 -27.20 -12.67
C GLU B 75 -7.17 -26.16 -12.29
N VAL B 76 -5.92 -26.58 -12.26
CA VAL B 76 -4.81 -25.69 -11.92
C VAL B 76 -3.85 -25.56 -13.09
N PRO B 77 -3.98 -24.47 -13.86
CA PRO B 77 -3.19 -24.25 -15.08
C PRO B 77 -1.69 -24.10 -14.83
N VAL B 78 -0.90 -24.70 -15.72
CA VAL B 78 0.55 -24.55 -15.68
C VAL B 78 0.97 -23.50 -16.69
N THR B 79 0.55 -23.70 -17.94
CA THR B 79 0.81 -22.76 -19.02
C THR B 79 -0.51 -22.30 -19.61
N SER B 80 -0.45 -21.64 -20.76
CA SER B 80 -1.65 -21.21 -21.45
C SER B 80 -2.31 -22.39 -22.18
N PHE B 81 -1.57 -23.49 -22.31
CA PHE B 81 -2.05 -24.66 -23.04
C PHE B 81 -2.14 -25.94 -22.18
N THR B 82 -1.49 -25.95 -21.02
CA THR B 82 -1.48 -27.14 -20.19
C THR B 82 -1.99 -26.84 -18.78
N SER B 83 -2.29 -27.90 -18.02
CA SER B 83 -2.84 -27.75 -16.67
C SER B 83 -2.72 -29.01 -15.83
N THR B 84 -3.24 -28.94 -14.61
CA THR B 84 -3.27 -30.08 -13.69
C THR B 84 -4.60 -30.11 -12.93
N GLY B 85 -5.08 -31.31 -12.60
CA GLY B 85 -6.37 -31.45 -11.92
C GLY B 85 -6.60 -32.80 -11.25
N ALA B 86 -7.74 -32.95 -10.58
CA ALA B 86 -8.05 -34.17 -9.84
C ALA B 86 -9.47 -34.68 -10.10
N ALA B 87 -9.64 -36.00 -9.97
CA ALA B 87 -10.94 -36.64 -10.15
C ALA B 87 -11.05 -37.86 -9.25
N TYR B 88 -12.28 -38.28 -8.94
CA TYR B 88 -12.49 -39.32 -7.94
C TYR B 88 -13.51 -40.40 -8.31
N MET B 89 -13.53 -41.46 -7.50
CA MET B 89 -14.48 -42.55 -7.61
C MET B 89 -14.45 -43.41 -6.34
N GLU B 90 -15.41 -43.19 -5.45
CA GLU B 90 -15.49 -43.98 -4.23
C GLU B 90 -16.59 -45.03 -4.36
N ILE B 91 -16.39 -46.17 -3.72
CA ILE B 91 -17.36 -47.26 -3.79
C ILE B 91 -17.60 -47.87 -2.40
N ARG B 92 -18.87 -47.92 -2.01
CA ARG B 92 -19.24 -48.48 -0.71
C ARG B 92 -20.02 -49.78 -0.87
N ASN B 93 -20.31 -50.42 0.26
CA ASN B 93 -20.97 -51.73 0.28
C ASN B 93 -20.17 -52.74 -0.53
N LEU B 94 -18.90 -52.85 -0.20
CA LEU B 94 -17.97 -53.66 -0.98
C LEU B 94 -18.18 -55.16 -0.83
N LYS B 95 -17.76 -55.90 -1.85
CA LYS B 95 -17.75 -57.35 -1.81
C LYS B 95 -16.34 -57.84 -2.12
N PHE B 96 -16.19 -59.14 -2.36
CA PHE B 96 -14.88 -59.71 -2.64
C PHE B 96 -14.45 -59.49 -4.08
N ASP B 97 -15.39 -59.64 -5.01
CA ASP B 97 -15.05 -59.61 -6.43
C ASP B 97 -14.88 -58.20 -7.00
N ASP B 98 -14.88 -57.20 -6.12
CA ASP B 98 -14.59 -55.83 -6.52
C ASP B 98 -13.10 -55.57 -6.39
N THR B 99 -12.31 -56.23 -7.23
CA THR B 99 -10.86 -56.17 -7.12
C THR B 99 -10.16 -56.22 -8.48
N GLY B 100 -8.86 -55.91 -8.48
CA GLY B 100 -8.05 -55.95 -9.69
C GLY B 100 -7.07 -54.80 -9.77
N THR B 101 -6.51 -54.59 -10.96
CA THR B 101 -5.58 -53.48 -11.20
C THR B 101 -6.38 -52.31 -11.77
N TYR B 102 -6.47 -51.22 -11.03
CA TYR B 102 -7.40 -50.14 -11.35
C TYR B 102 -6.76 -49.01 -12.15
N PHE B 103 -7.35 -48.71 -13.30
CA PHE B 103 -6.83 -47.70 -14.22
C PHE B 103 -7.76 -46.48 -14.36
N CYS B 104 -7.16 -45.29 -14.34
CA CYS B 104 -7.85 -44.09 -14.78
C CYS B 104 -7.36 -43.84 -16.21
N ALA B 105 -8.22 -43.26 -17.04
CA ALA B 105 -7.86 -43.09 -18.44
C ALA B 105 -8.51 -41.85 -19.07
N LYS B 106 -7.66 -40.93 -19.51
CA LYS B 106 -8.10 -39.71 -20.18
C LYS B 106 -8.67 -40.03 -21.57
N GLY B 107 -9.69 -39.27 -21.97
CA GLY B 107 -10.33 -39.44 -23.25
C GLY B 107 -9.43 -39.26 -24.46
N LEU B 108 -10.03 -39.38 -25.65
CA LEU B 108 -9.28 -39.31 -26.90
C LEU B 108 -9.43 -37.96 -27.59
N LEU B 109 -10.67 -37.47 -27.65
CA LEU B 109 -10.97 -36.22 -28.36
C LEU B 109 -11.76 -35.24 -27.49
N ARG B 110 -11.89 -34.01 -27.96
CA ARG B 110 -12.72 -33.02 -27.29
C ARG B 110 -14.12 -33.02 -27.91
N ASP B 111 -14.21 -33.61 -29.10
CA ASP B 111 -15.44 -33.64 -29.87
C ASP B 111 -15.37 -34.77 -30.89
N GLY B 112 -16.52 -35.34 -31.22
CA GLY B 112 -16.59 -36.37 -32.23
C GLY B 112 -17.29 -37.64 -31.79
N SER B 113 -17.09 -38.71 -32.56
CA SER B 113 -17.70 -40.00 -32.25
C SER B 113 -17.05 -40.61 -31.01
N SER B 114 -15.72 -40.69 -31.04
CA SER B 114 -14.97 -41.31 -29.96
C SER B 114 -14.49 -40.27 -28.97
N THR B 115 -15.41 -39.44 -28.48
CA THR B 115 -15.10 -38.38 -27.54
C THR B 115 -14.51 -38.95 -26.25
N TRP B 116 -15.30 -39.76 -25.56
CA TRP B 116 -14.94 -40.22 -24.22
C TRP B 116 -13.95 -41.37 -24.19
N LEU B 117 -13.95 -42.18 -25.26
CA LEU B 117 -13.09 -43.36 -25.34
C LEU B 117 -11.64 -43.00 -25.05
N PRO B 118 -11.01 -43.73 -24.11
CA PRO B 118 -9.69 -43.41 -23.58
C PRO B 118 -8.53 -43.57 -24.56
N TYR B 119 -7.56 -42.66 -24.46
CA TYR B 119 -6.32 -42.75 -25.23
C TYR B 119 -5.14 -42.98 -24.30
N LEU B 120 -4.99 -42.10 -23.32
CA LEU B 120 -3.89 -42.18 -22.36
C LEU B 120 -4.33 -42.86 -21.08
N TRP B 121 -3.44 -43.67 -20.52
CA TRP B 121 -3.78 -44.52 -19.39
C TRP B 121 -2.93 -44.24 -18.15
N GLY B 122 -3.49 -44.53 -16.99
CA GLY B 122 -2.85 -44.28 -15.71
C GLY B 122 -1.82 -45.32 -15.33
N GLN B 123 -1.54 -45.41 -14.03
CA GLN B 123 -0.51 -46.32 -13.52
C GLN B 123 -1.00 -47.77 -13.44
N GLY B 124 -2.07 -47.99 -12.70
CA GLY B 124 -2.57 -49.32 -12.44
C GLY B 124 -2.19 -49.77 -11.04
N THR B 125 -2.89 -49.26 -10.04
CA THR B 125 -2.61 -49.58 -8.65
C THR B 125 -3.55 -50.67 -8.12
N LEU B 126 -2.98 -51.85 -7.86
CA LEU B 126 -3.75 -53.05 -7.51
C LEU B 126 -4.50 -52.90 -6.19
N LEU B 127 -5.67 -53.55 -6.10
CA LEU B 127 -6.53 -53.47 -4.92
C LEU B 127 -7.13 -54.82 -4.56
N THR B 128 -6.88 -55.26 -3.33
CA THR B 128 -7.50 -56.47 -2.80
C THR B 128 -8.47 -56.12 -1.68
N VAL B 129 -9.47 -56.97 -1.47
CA VAL B 129 -10.49 -56.70 -0.46
C VAL B 129 -10.79 -57.94 0.39
N SER B 130 -10.19 -57.97 1.58
CA SER B 130 -10.36 -59.08 2.52
C SER B 130 -10.28 -58.59 3.97
N SER B 131 -10.83 -59.37 4.90
CA SER B 131 -10.91 -58.98 6.30
C SER B 131 -9.67 -59.39 7.09
N ALA B 132 -8.77 -60.14 6.45
CA ALA B 132 -7.58 -60.65 7.13
C ALA B 132 -6.58 -59.54 7.43
N SER B 133 -5.63 -59.83 8.30
CA SER B 133 -4.62 -58.85 8.69
C SER B 133 -3.60 -58.64 7.57
N THR B 134 -2.57 -57.84 7.86
CA THR B 134 -1.53 -57.55 6.88
C THR B 134 -0.14 -57.84 7.45
N LYS B 135 0.69 -58.47 6.63
CA LYS B 135 2.03 -58.89 7.06
C LYS B 135 3.11 -58.19 6.22
N GLY B 136 4.23 -57.87 6.86
CA GLY B 136 5.30 -57.14 6.21
C GLY B 136 6.33 -58.04 5.53
N PRO B 137 6.90 -57.57 4.41
CA PRO B 137 7.92 -58.31 3.66
C PRO B 137 9.29 -58.32 4.34
N SER B 138 9.54 -59.35 5.15
CA SER B 138 10.83 -59.51 5.82
C SER B 138 11.92 -59.81 4.79
N VAL B 139 12.85 -58.88 4.63
CA VAL B 139 13.88 -58.99 3.60
C VAL B 139 15.15 -59.66 4.13
N PHE B 140 15.69 -60.58 3.35
CA PHE B 140 16.90 -61.32 3.70
C PHE B 140 17.72 -61.65 2.45
N PRO B 141 19.02 -61.97 2.61
CA PRO B 141 19.85 -62.27 1.45
C PRO B 141 19.87 -63.74 1.05
N LEU B 142 20.58 -64.05 -0.03
CA LEU B 142 20.71 -65.41 -0.56
C LEU B 142 22.18 -65.74 -0.82
N ALA B 143 22.57 -66.98 -0.55
CA ALA B 143 23.93 -67.44 -0.82
C ALA B 143 24.17 -67.49 -2.33
N PRO B 144 25.11 -66.68 -2.83
CA PRO B 144 25.41 -66.49 -4.26
C PRO B 144 25.55 -67.78 -5.06
N SER B 145 25.08 -67.76 -6.31
CA SER B 145 25.15 -68.89 -7.22
C SER B 145 25.21 -68.41 -8.67
N SER B 146 26.26 -68.81 -9.37
CA SER B 146 26.53 -68.32 -10.73
C SER B 146 25.53 -68.86 -11.74
N LYS B 147 25.33 -68.10 -12.82
CA LYS B 147 24.42 -68.50 -13.89
C LYS B 147 25.17 -69.24 -14.99
N SER B 148 26.37 -68.78 -15.32
CA SER B 148 27.19 -69.43 -16.33
C SER B 148 28.66 -69.39 -15.92
N THR B 149 29.32 -70.55 -15.95
CA THR B 149 30.72 -70.65 -15.60
C THR B 149 31.60 -70.38 -16.82
N SER B 150 31.00 -70.47 -18.00
CA SER B 150 31.73 -70.22 -19.24
C SER B 150 32.07 -68.74 -19.38
N GLY B 151 31.05 -67.89 -19.24
CA GLY B 151 31.23 -66.45 -19.36
C GLY B 151 31.92 -65.81 -18.17
N GLY B 152 31.42 -66.14 -16.97
CA GLY B 152 32.00 -65.63 -15.73
C GLY B 152 31.17 -64.54 -15.08
N THR B 153 30.11 -64.93 -14.39
CA THR B 153 29.23 -63.98 -13.72
C THR B 153 29.02 -64.35 -12.25
N ALA B 154 28.69 -63.35 -11.44
CA ALA B 154 28.43 -63.55 -10.02
C ALA B 154 27.07 -62.98 -9.65
N ALA B 155 26.02 -63.77 -9.88
CA ALA B 155 24.64 -63.33 -9.63
C ALA B 155 24.37 -63.17 -8.14
N LEU B 156 23.54 -62.19 -7.79
CA LEU B 156 23.20 -61.92 -6.40
C LEU B 156 21.90 -61.10 -6.28
N GLY B 157 21.06 -61.44 -5.31
CA GLY B 157 19.79 -60.75 -5.12
C GLY B 157 19.18 -60.98 -3.74
N CYS B 158 18.14 -60.20 -3.42
CA CYS B 158 17.50 -60.24 -2.11
C CYS B 158 16.20 -61.04 -2.13
N LEU B 159 15.81 -61.57 -0.98
CA LEU B 159 14.65 -62.47 -0.87
C LEU B 159 13.58 -61.90 0.06
N VAL B 160 12.34 -61.90 -0.42
CA VAL B 160 11.17 -61.47 0.36
C VAL B 160 10.30 -62.68 0.68
N LYS B 161 9.80 -62.75 1.91
CA LYS B 161 8.96 -63.87 2.32
C LYS B 161 7.78 -63.45 3.20
N ASP B 162 6.63 -64.07 2.95
CA ASP B 162 5.41 -63.87 3.72
C ASP B 162 4.98 -62.40 3.81
N TYR B 163 4.49 -61.86 2.69
CA TYR B 163 3.99 -60.50 2.69
C TYR B 163 2.54 -60.45 2.21
N PHE B 164 1.86 -59.35 2.54
CA PHE B 164 0.44 -59.16 2.23
C PHE B 164 0.06 -57.72 2.54
N PRO B 165 -0.57 -57.02 1.58
CA PRO B 165 -0.92 -57.43 0.22
C PRO B 165 0.05 -56.90 -0.84
N GLU B 166 -0.19 -57.28 -2.10
CA GLU B 166 0.54 -56.70 -3.22
C GLU B 166 0.19 -55.22 -3.32
N PRO B 167 1.09 -54.39 -3.89
CA PRO B 167 2.38 -54.72 -4.52
C PRO B 167 3.60 -54.44 -3.64
N VAL B 168 4.74 -54.99 -4.07
CA VAL B 168 6.04 -54.73 -3.47
C VAL B 168 7.03 -54.38 -4.58
N THR B 169 7.93 -53.43 -4.33
CA THR B 169 8.87 -52.99 -5.36
C THR B 169 10.32 -52.92 -4.87
N VAL B 170 11.25 -53.11 -5.79
CA VAL B 170 12.69 -53.10 -5.47
C VAL B 170 13.48 -52.19 -6.40
N SER B 171 14.34 -51.36 -5.79
CA SER B 171 15.28 -50.52 -6.54
C SER B 171 16.67 -50.63 -5.90
N TRP B 172 17.69 -50.70 -6.74
CA TRP B 172 19.05 -50.96 -6.25
C TRP B 172 19.89 -49.70 -6.12
N ASN B 173 20.52 -49.55 -4.96
CA ASN B 173 21.39 -48.43 -4.63
C ASN B 173 20.65 -47.09 -4.70
N SER B 174 19.37 -47.11 -4.33
CA SER B 174 18.53 -45.91 -4.32
C SER B 174 18.49 -45.22 -5.69
N GLY B 175 18.19 -46.01 -6.73
CA GLY B 175 18.10 -45.48 -8.08
C GLY B 175 19.45 -45.12 -8.66
N ALA B 176 20.51 -45.76 -8.17
CA ALA B 176 21.86 -45.51 -8.67
C ALA B 176 22.49 -46.79 -9.20
N LEU B 177 21.74 -47.50 -10.03
CA LEU B 177 22.19 -48.70 -10.70
C LEU B 177 21.27 -48.91 -11.90
N THR B 178 21.84 -49.01 -13.10
CA THR B 178 21.02 -48.97 -14.32
C THR B 178 20.80 -50.34 -14.97
N SER B 179 21.84 -50.92 -15.54
CA SER B 179 21.70 -52.18 -16.28
C SER B 179 21.74 -53.40 -15.36
N GLY B 180 21.16 -54.50 -15.84
CA GLY B 180 21.16 -55.75 -15.10
C GLY B 180 20.02 -55.89 -14.12
N VAL B 181 18.84 -55.39 -14.48
CA VAL B 181 17.68 -55.45 -13.61
C VAL B 181 16.74 -56.59 -14.00
N HIS B 182 16.36 -57.39 -13.02
CA HIS B 182 15.49 -58.54 -13.24
C HIS B 182 14.63 -58.83 -12.02
N THR B 183 13.31 -58.76 -12.18
CA THR B 183 12.37 -59.02 -11.08
C THR B 183 11.19 -59.88 -11.54
N PHE B 184 10.31 -60.26 -10.60
CA PHE B 184 9.16 -61.11 -10.91
C PHE B 184 8.08 -61.08 -9.80
N PRO B 185 6.83 -61.45 -10.13
CA PRO B 185 5.71 -61.36 -9.18
C PRO B 185 5.57 -62.54 -8.21
N ALA B 186 4.52 -62.49 -7.39
CA ALA B 186 4.33 -63.43 -6.29
C ALA B 186 3.12 -64.36 -6.49
N VAL B 187 2.96 -65.32 -5.58
CA VAL B 187 1.85 -66.28 -5.61
C VAL B 187 1.32 -66.59 -4.21
N LEU B 188 0.04 -66.92 -4.14
CA LEU B 188 -0.65 -67.17 -2.86
C LEU B 188 -0.59 -68.63 -2.44
N GLN B 189 -0.06 -68.89 -1.25
CA GLN B 189 0.04 -70.25 -0.72
C GLN B 189 -1.31 -70.78 -0.26
N SER B 190 -1.32 -72.00 0.26
CA SER B 190 -2.51 -72.58 0.86
C SER B 190 -2.88 -71.84 2.14
N SER B 191 -1.87 -71.30 2.80
CA SER B 191 -2.07 -70.51 4.01
C SER B 191 -2.74 -69.18 3.67
N GLY B 192 -2.19 -68.46 2.70
CA GLY B 192 -2.76 -67.21 2.25
C GLY B 192 -1.80 -66.04 2.28
N LEU B 193 -0.60 -66.23 1.71
CA LEU B 193 0.41 -65.19 1.70
C LEU B 193 1.15 -65.12 0.37
N TYR B 194 1.53 -63.91 -0.03
CA TYR B 194 2.27 -63.68 -1.27
C TYR B 194 3.76 -63.58 -0.97
N SER B 195 4.60 -63.95 -1.93
CA SER B 195 6.05 -63.95 -1.74
C SER B 195 6.82 -63.85 -3.06
N LEU B 196 7.82 -62.98 -3.11
CA LEU B 196 8.60 -62.77 -4.33
C LEU B 196 10.11 -62.63 -4.08
N SER B 197 10.87 -62.42 -5.15
CA SER B 197 12.32 -62.27 -5.07
C SER B 197 12.86 -61.38 -6.21
N SER B 198 14.19 -61.22 -6.26
CA SER B 198 14.85 -60.40 -7.28
C SER B 198 16.23 -60.94 -7.62
N VAL B 199 16.88 -60.36 -8.64
CA VAL B 199 18.18 -60.85 -9.10
C VAL B 199 18.92 -59.82 -9.99
N VAL B 200 20.25 -59.83 -9.92
CA VAL B 200 21.10 -58.88 -10.66
C VAL B 200 22.23 -59.59 -11.43
N THR B 201 22.89 -58.88 -12.34
CA THR B 201 23.97 -59.47 -13.14
C THR B 201 25.27 -58.67 -13.11
N VAL B 202 26.31 -59.25 -12.50
CA VAL B 202 27.64 -58.64 -12.41
C VAL B 202 28.74 -59.71 -12.48
N PRO B 203 29.98 -59.31 -12.84
CA PRO B 203 31.06 -60.31 -12.95
C PRO B 203 31.60 -60.79 -11.60
N SER B 204 32.41 -61.84 -11.63
CA SER B 204 32.99 -62.41 -10.42
C SER B 204 34.43 -61.96 -10.20
N SER B 205 34.99 -61.27 -11.20
CA SER B 205 36.36 -60.77 -11.12
C SER B 205 36.44 -59.55 -10.20
N SER B 206 35.73 -58.48 -10.56
CA SER B 206 35.68 -57.28 -9.73
C SER B 206 34.48 -57.35 -8.79
N LEU B 207 34.76 -57.70 -7.54
CA LEU B 207 33.71 -57.87 -6.54
C LEU B 207 33.62 -56.66 -5.62
N GLY B 208 34.74 -56.32 -4.98
CA GLY B 208 34.77 -55.25 -4.00
C GLY B 208 35.18 -53.90 -4.55
N THR B 209 34.69 -53.57 -5.73
CA THR B 209 34.92 -52.25 -6.33
C THR B 209 33.65 -51.41 -6.21
N GLN B 210 32.55 -51.94 -6.73
CA GLN B 210 31.27 -51.27 -6.64
C GLN B 210 30.41 -51.94 -5.57
N THR B 211 29.53 -51.16 -4.94
CA THR B 211 28.67 -51.69 -3.88
C THR B 211 27.19 -51.50 -4.21
N TYR B 212 26.42 -52.58 -4.10
CA TYR B 212 24.99 -52.54 -4.41
C TYR B 212 24.13 -52.98 -3.22
N ILE B 213 22.99 -52.32 -3.04
CA ILE B 213 22.03 -52.66 -2.00
C ILE B 213 20.58 -52.49 -2.48
N CYS B 214 19.70 -53.40 -2.06
CA CYS B 214 18.31 -53.38 -2.51
C CYS B 214 17.39 -52.57 -1.60
N ASN B 215 16.88 -51.45 -2.12
CA ASN B 215 15.98 -50.58 -1.38
C ASN B 215 14.53 -51.07 -1.49
N VAL B 216 14.20 -52.10 -0.71
CA VAL B 216 12.88 -52.72 -0.74
C VAL B 216 11.88 -51.95 0.12
N ASN B 217 10.61 -51.91 -0.31
CA ASN B 217 9.58 -51.21 0.46
C ASN B 217 8.17 -51.80 0.26
N HIS B 218 7.20 -51.20 0.96
CA HIS B 218 5.84 -51.67 0.94
C HIS B 218 4.89 -50.60 1.49
N LYS B 219 3.92 -50.18 0.68
CA LYS B 219 3.04 -49.06 1.03
C LYS B 219 2.06 -49.36 2.18
N PRO B 220 1.36 -50.52 2.15
CA PRO B 220 0.39 -50.72 3.24
C PRO B 220 1.01 -50.98 4.61
N SER B 221 2.18 -51.62 4.65
CA SER B 221 2.85 -51.95 5.91
C SER B 221 3.63 -50.75 6.43
N ASN B 222 3.97 -49.84 5.52
CA ASN B 222 4.69 -48.59 5.80
C ASN B 222 6.18 -48.77 6.10
N THR B 223 6.81 -49.81 5.54
CA THR B 223 8.23 -50.05 5.81
C THR B 223 9.12 -50.03 4.57
N LYS B 224 10.40 -49.70 4.78
CA LYS B 224 11.40 -49.72 3.72
C LYS B 224 12.68 -50.41 4.21
N VAL B 225 12.60 -51.72 4.40
CA VAL B 225 13.74 -52.49 4.89
C VAL B 225 14.75 -52.71 3.77
N ASP B 226 16.04 -52.67 4.11
CA ASP B 226 17.11 -52.82 3.12
C ASP B 226 18.02 -54.01 3.48
N LYS B 227 18.66 -54.59 2.47
CA LYS B 227 19.55 -55.74 2.70
C LYS B 227 20.73 -55.77 1.72
N ARG B 228 21.69 -56.65 2.01
CA ARG B 228 22.89 -56.81 1.18
C ARG B 228 23.27 -58.29 1.10
N VAL B 229 23.64 -58.76 -0.08
CA VAL B 229 24.00 -60.16 -0.28
C VAL B 229 25.42 -60.46 0.18
N GLU B 230 25.53 -61.39 1.13
CA GLU B 230 26.82 -61.82 1.66
C GLU B 230 27.58 -62.61 0.60
N PRO B 231 28.78 -62.13 0.21
CA PRO B 231 29.57 -62.78 -0.85
C PRO B 231 30.23 -64.08 -0.40
N LYS B 232 30.53 -64.21 0.90
CA LYS B 232 31.18 -65.42 1.40
C LYS B 232 30.21 -66.59 1.35
N SER B 233 30.46 -67.49 0.39
CA SER B 233 29.60 -68.64 0.18
C SER B 233 30.34 -69.71 -0.61
N CYS B 234 29.73 -70.89 -0.74
CA CYS B 234 30.30 -71.98 -1.50
C CYS B 234 29.20 -72.73 -2.27
N ASP B 235 29.19 -72.54 -3.59
CA ASP B 235 28.22 -73.21 -4.44
C ASP B 235 28.94 -74.11 -5.46
N LYS B 236 28.33 -74.33 -6.62
CA LYS B 236 28.91 -75.23 -7.61
C LYS B 236 29.53 -74.49 -8.79
N GLY B 237 28.88 -73.42 -9.24
CA GLY B 237 29.33 -72.69 -10.41
C GLY B 237 30.14 -71.44 -10.13
N LEU B 238 30.25 -71.06 -8.86
CA LEU B 238 30.92 -69.82 -8.49
C LEU B 238 32.32 -70.05 -7.92
N GLU B 239 32.59 -71.26 -7.42
CA GLU B 239 33.89 -71.58 -6.86
C GLU B 239 34.92 -71.87 -7.94
N VAL B 240 34.46 -72.11 -9.16
CA VAL B 240 35.35 -72.39 -10.29
C VAL B 240 35.94 -71.07 -10.80
N LEU B 241 35.21 -69.98 -10.60
CA LEU B 241 35.64 -68.66 -11.06
C LEU B 241 36.69 -68.04 -10.14
N PHE B 242 36.55 -68.28 -8.84
CA PHE B 242 37.48 -67.73 -7.85
C PHE B 242 38.87 -68.34 -8.01
N GLN B 243 39.87 -67.62 -8.11
N SER C 2 -18.83 -62.38 -19.25
CA SER C 2 -18.78 -61.25 -20.15
C SER C 2 -19.98 -61.24 -21.10
N VAL C 3 -20.16 -60.14 -21.82
CA VAL C 3 -21.32 -59.99 -22.70
C VAL C 3 -20.98 -60.29 -24.16
N LEU C 4 -19.93 -59.65 -24.65
CA LEU C 4 -19.52 -59.74 -26.06
C LEU C 4 -18.59 -60.93 -26.29
N THR C 5 -18.85 -61.71 -27.34
CA THR C 5 -18.05 -62.89 -27.63
C THR C 5 -16.96 -62.59 -28.66
N GLN C 6 -15.71 -62.66 -28.20
CA GLN C 6 -14.54 -62.42 -29.03
C GLN C 6 -13.66 -63.67 -29.01
N SER C 7 -13.11 -64.05 -30.16
CA SER C 7 -12.34 -65.28 -30.31
C SER C 7 -11.24 -65.35 -29.26
N ALA C 8 -11.24 -66.44 -28.48
CA ALA C 8 -10.32 -66.57 -27.36
C ALA C 8 -8.95 -67.09 -27.77
N SER C 9 -8.87 -67.71 -28.94
CA SER C 9 -7.62 -68.33 -29.39
C SER C 9 -7.39 -68.14 -30.88
N VAL C 10 -6.17 -67.72 -31.22
CA VAL C 10 -5.78 -67.54 -32.61
C VAL C 10 -4.25 -67.51 -32.70
N SER C 11 -3.71 -67.84 -33.86
CA SER C 11 -2.27 -67.90 -34.04
C SER C 11 -1.86 -67.48 -35.44
N GLY C 12 -0.59 -67.11 -35.61
CA GLY C 12 -0.07 -66.71 -36.90
C GLY C 12 1.45 -66.68 -36.94
N SER C 13 2.01 -67.19 -38.03
CA SER C 13 3.47 -67.27 -38.18
C SER C 13 4.10 -65.89 -38.44
N LEU C 14 5.42 -65.82 -38.29
CA LEU C 14 6.15 -64.56 -38.38
C LEU C 14 6.21 -64.00 -39.81
N GLY C 15 6.12 -62.68 -39.92
CA GLY C 15 6.18 -62.00 -41.21
C GLY C 15 4.88 -62.03 -41.97
N GLN C 16 3.84 -62.60 -41.35
CA GLN C 16 2.54 -62.75 -41.99
C GLN C 16 1.47 -61.90 -41.29
N SER C 17 0.22 -62.32 -41.40
CA SER C 17 -0.90 -61.60 -40.81
C SER C 17 -1.88 -62.53 -40.12
N VAL C 18 -2.61 -62.01 -39.14
CA VAL C 18 -3.56 -62.78 -38.35
C VAL C 18 -4.77 -61.91 -37.96
N THR C 19 -5.97 -62.49 -37.94
CA THR C 19 -7.19 -61.74 -37.69
C THR C 19 -7.97 -62.20 -36.45
N ILE C 20 -8.44 -61.23 -35.67
CA ILE C 20 -9.26 -61.49 -34.49
C ILE C 20 -10.65 -60.88 -34.69
N SER C 21 -11.69 -61.60 -34.25
CA SER C 21 -13.06 -61.16 -34.52
C SER C 21 -13.90 -60.99 -33.25
N CYS C 22 -14.91 -60.12 -33.35
CA CYS C 22 -15.85 -59.88 -32.27
C CYS C 22 -17.28 -60.17 -32.72
N THR C 23 -18.09 -60.72 -31.82
CA THR C 23 -19.47 -61.09 -32.16
C THR C 23 -20.35 -61.09 -30.90
N GLY C 24 -21.63 -60.80 -31.10
CA GLY C 24 -22.61 -60.86 -30.04
C GLY C 24 -23.98 -60.57 -30.61
N PRO C 25 -25.00 -60.52 -29.74
CA PRO C 25 -26.35 -60.11 -30.14
C PRO C 25 -26.35 -58.71 -30.75
N ASN C 26 -27.41 -58.37 -31.48
CA ASN C 26 -27.55 -57.07 -32.13
C ASN C 26 -27.30 -55.90 -31.17
N SER C 27 -27.67 -56.11 -29.91
CA SER C 27 -27.47 -55.10 -28.88
C SER C 27 -26.00 -54.79 -28.64
N VAL C 28 -25.14 -55.82 -28.72
CA VAL C 28 -23.72 -55.66 -28.40
C VAL C 28 -22.81 -55.69 -29.63
N CYS C 29 -23.39 -55.96 -30.80
CA CYS C 29 -22.65 -56.06 -32.05
C CYS C 29 -23.60 -56.33 -33.23
N CYS C 30 -23.38 -55.72 -34.40
CA CYS C 30 -22.28 -54.80 -34.66
C CYS C 30 -22.75 -53.61 -35.51
N SER C 31 -24.00 -53.64 -35.94
CA SER C 31 -24.54 -52.57 -36.79
C SER C 31 -24.88 -51.33 -35.99
N HIS C 32 -24.59 -50.16 -36.56
CA HIS C 32 -24.79 -48.86 -35.90
C HIS C 32 -23.99 -48.78 -34.60
N LYS C 33 -22.87 -49.49 -34.55
CA LYS C 33 -21.99 -49.48 -33.38
C LYS C 33 -20.54 -49.29 -33.81
N SER C 34 -19.77 -48.57 -32.99
CA SER C 34 -18.35 -48.39 -33.24
C SER C 34 -17.56 -49.52 -32.59
N ILE C 35 -16.38 -49.82 -33.14
CA ILE C 35 -15.54 -50.87 -32.60
C ILE C 35 -14.11 -50.40 -32.41
N SER C 36 -13.52 -50.73 -31.26
CA SER C 36 -12.15 -50.35 -30.94
C SER C 36 -11.27 -51.58 -30.70
N TRP C 37 -9.96 -51.37 -30.69
CA TRP C 37 -9.01 -52.45 -30.45
C TRP C 37 -7.83 -51.97 -29.62
N TYR C 38 -7.55 -52.67 -28.52
CA TYR C 38 -6.44 -52.33 -27.64
C TYR C 38 -5.42 -53.45 -27.56
N GLN C 39 -4.16 -53.09 -27.35
CA GLN C 39 -3.10 -54.06 -27.10
C GLN C 39 -2.82 -54.13 -25.62
N TRP C 40 -3.79 -54.65 -24.87
CA TRP C 40 -3.71 -54.79 -23.42
C TRP C 40 -2.70 -55.86 -23.03
N PRO C 41 -1.53 -55.45 -22.52
CA PRO C 41 -0.55 -56.47 -22.12
C PRO C 41 -0.82 -56.96 -20.71
N PRO C 42 -0.81 -58.29 -20.50
CA PRO C 42 -0.96 -58.81 -19.14
C PRO C 42 0.27 -58.49 -18.30
N GLY C 43 0.10 -57.66 -17.27
CA GLY C 43 1.20 -57.27 -16.42
C GLY C 43 1.66 -55.84 -16.66
N ARG C 44 1.13 -55.22 -17.71
CA ARG C 44 1.43 -53.82 -18.01
C ARG C 44 0.18 -53.04 -18.40
N ALA C 45 0.35 -51.73 -18.60
CA ALA C 45 -0.74 -50.83 -18.92
C ALA C 45 -1.14 -50.94 -20.40
N PRO C 46 -2.43 -50.69 -20.69
CA PRO C 46 -2.98 -50.91 -22.04
C PRO C 46 -2.48 -49.93 -23.11
N THR C 47 -2.55 -50.36 -24.37
CA THR C 47 -2.16 -49.56 -25.53
C THR C 47 -3.31 -49.52 -26.53
N LEU C 48 -3.47 -48.43 -27.26
CA LEU C 48 -4.57 -48.28 -28.23
C LEU C 48 -4.09 -48.47 -29.66
N ILE C 49 -4.90 -49.13 -30.48
CA ILE C 49 -4.50 -49.53 -31.84
C ILE C 49 -5.24 -48.86 -33.00
N ILE C 50 -6.57 -48.80 -32.93
CA ILE C 50 -7.38 -48.41 -34.10
C ILE C 50 -8.83 -48.16 -33.67
N TYR C 51 -9.55 -47.25 -34.34
CA TYR C 51 -10.83 -46.83 -33.75
C TYR C 51 -11.99 -46.29 -34.61
N GLU C 52 -11.76 -46.01 -35.89
CA GLU C 52 -12.77 -45.26 -36.64
C GLU C 52 -14.05 -45.95 -37.12
N ASP C 53 -14.03 -47.20 -37.56
CA ASP C 53 -13.04 -48.22 -37.27
C ASP C 53 -11.79 -48.18 -38.17
N ASN C 54 -11.88 -47.59 -39.35
CA ASN C 54 -10.79 -47.74 -40.33
C ASN C 54 -9.58 -46.93 -39.89
N GLU C 55 -9.80 -45.70 -39.40
CA GLU C 55 -8.67 -44.85 -39.05
C GLU C 55 -7.82 -45.43 -37.92
N ARG C 56 -6.51 -45.50 -38.16
CA ARG C 56 -5.51 -45.90 -37.16
C ARG C 56 -5.52 -45.07 -35.88
N ALA C 57 -4.90 -45.59 -34.83
CA ALA C 57 -4.61 -44.80 -33.64
C ALA C 57 -3.35 -43.96 -33.93
N PRO C 58 -3.11 -42.91 -33.14
CA PRO C 58 -1.94 -42.06 -33.43
C PRO C 58 -0.63 -42.74 -33.03
N GLY C 59 0.32 -42.76 -33.95
CA GLY C 59 1.62 -43.36 -33.70
C GLY C 59 1.56 -44.87 -33.85
N ILE C 60 0.68 -45.33 -34.74
CA ILE C 60 0.55 -46.76 -35.01
C ILE C 60 0.80 -47.03 -36.50
N SER C 61 1.50 -48.13 -36.78
CA SER C 61 1.87 -48.52 -38.14
C SER C 61 0.68 -49.05 -38.95
N PRO C 62 0.76 -48.96 -40.29
CA PRO C 62 -0.31 -49.41 -41.18
C PRO C 62 -0.54 -50.92 -41.13
N ARG C 63 0.38 -51.64 -40.51
CA ARG C 63 0.27 -53.09 -40.35
C ARG C 63 -1.08 -53.48 -39.76
N PHE C 64 -1.57 -52.68 -38.83
CA PHE C 64 -2.85 -52.94 -38.20
C PHE C 64 -4.01 -52.41 -39.03
N SER C 65 -4.93 -53.30 -39.38
CA SER C 65 -6.12 -52.94 -40.14
C SER C 65 -7.34 -53.43 -39.39
N GLY C 66 -8.52 -52.98 -39.79
CA GLY C 66 -9.74 -53.41 -39.12
C GLY C 66 -10.95 -53.37 -40.01
N TYR C 67 -11.88 -54.30 -39.80
CA TYR C 67 -13.11 -54.33 -40.57
C TYR C 67 -14.30 -54.67 -39.68
N LYS C 68 -15.48 -54.22 -40.09
CA LYS C 68 -16.72 -54.48 -39.35
C LYS C 68 -17.88 -54.80 -40.28
N SER C 69 -18.42 -56.01 -40.14
CA SER C 69 -19.65 -56.36 -40.82
C SER C 69 -20.82 -56.04 -39.92
N TYR C 70 -22.03 -56.32 -40.36
CA TYR C 70 -23.23 -56.03 -39.57
C TYR C 70 -23.32 -56.95 -38.35
N TRP C 71 -22.60 -58.06 -38.40
CA TRP C 71 -22.70 -59.08 -37.37
C TRP C 71 -21.38 -59.32 -36.61
N SER C 72 -20.28 -58.78 -37.12
CA SER C 72 -18.99 -59.07 -36.52
C SER C 72 -17.92 -58.03 -36.86
N ALA C 73 -16.97 -57.88 -35.93
CA ALA C 73 -15.83 -56.99 -36.14
C ALA C 73 -14.59 -57.82 -36.41
N TYR C 74 -13.54 -57.19 -36.93
CA TYR C 74 -12.31 -57.89 -37.28
C TYR C 74 -11.09 -56.99 -37.12
N LEU C 75 -9.95 -57.58 -36.77
CA LEU C 75 -8.69 -56.84 -36.66
C LEU C 75 -7.58 -57.59 -37.36
N THR C 76 -6.92 -56.93 -38.30
CA THR C 76 -5.89 -57.58 -39.11
C THR C 76 -4.50 -56.97 -38.93
N ILE C 77 -3.75 -57.49 -37.97
CA ILE C 77 -2.35 -57.13 -37.78
C ILE C 77 -1.51 -57.87 -38.82
N SER C 78 -0.57 -57.18 -39.46
CA SER C 78 0.18 -57.76 -40.57
C SER C 78 1.70 -57.60 -40.43
N ASP C 79 2.45 -58.44 -41.15
CA ASP C 79 3.91 -58.47 -41.10
C ASP C 79 4.41 -58.44 -39.65
N LEU C 80 4.14 -59.53 -38.94
CA LEU C 80 4.23 -59.58 -37.48
C LEU C 80 5.61 -59.32 -36.89
N ARG C 81 5.60 -58.91 -35.62
CA ARG C 81 6.80 -58.66 -34.83
C ARG C 81 6.75 -59.52 -33.56
N PRO C 82 7.90 -59.79 -32.92
CA PRO C 82 7.88 -60.66 -31.75
C PRO C 82 7.38 -59.94 -30.50
N GLU C 83 7.18 -58.63 -30.60
CA GLU C 83 6.73 -57.85 -29.46
C GLU C 83 5.21 -57.83 -29.38
N ASP C 84 4.56 -58.54 -30.30
CA ASP C 84 3.11 -58.52 -30.41
C ASP C 84 2.43 -59.62 -29.59
N GLU C 85 3.23 -60.49 -28.97
CA GLU C 85 2.70 -61.55 -28.12
C GLU C 85 2.11 -60.96 -26.84
N THR C 86 0.86 -60.52 -26.94
CA THR C 86 0.11 -60.02 -25.79
C THR C 86 -1.33 -60.51 -25.92
N THR C 87 -2.23 -59.97 -25.11
CA THR C 87 -3.65 -60.29 -25.25
C THR C 87 -4.39 -59.06 -25.75
N TYR C 88 -5.49 -59.28 -26.46
CA TYR C 88 -6.21 -58.18 -27.10
C TYR C 88 -7.71 -58.22 -26.77
N TYR C 89 -8.22 -57.10 -26.24
CA TYR C 89 -9.66 -56.94 -26.04
C TYR C 89 -10.23 -55.93 -27.04
N CYS C 90 -11.50 -56.08 -27.39
CA CYS C 90 -12.19 -55.09 -28.20
C CYS C 90 -13.38 -54.55 -27.43
N CYS C 91 -14.04 -53.53 -27.97
CA CYS C 91 -15.13 -52.87 -27.26
C CYS C 91 -16.23 -52.40 -28.20
N SER C 92 -17.42 -52.17 -27.64
CA SER C 92 -18.57 -51.68 -28.41
C SER C 92 -19.15 -50.43 -27.76
N TYR C 93 -19.34 -49.38 -28.56
CA TYR C 93 -19.75 -48.09 -28.01
C TYR C 93 -20.41 -47.15 -29.03
N THR C 94 -21.14 -46.17 -28.52
CA THR C 94 -21.70 -45.10 -29.35
C THR C 94 -21.24 -43.75 -28.82
N HIS C 95 -21.72 -42.67 -29.44
CA HIS C 95 -21.24 -41.33 -29.10
C HIS C 95 -21.63 -40.90 -27.69
N ASN C 96 -22.90 -41.08 -27.32
CA ASN C 96 -23.36 -40.66 -26.00
C ASN C 96 -22.83 -41.60 -24.92
N SER C 97 -22.69 -42.88 -25.28
CA SER C 97 -22.04 -43.90 -24.46
C SER C 97 -22.07 -45.26 -25.16
N GLY C 98 -19.99 -45.92 -22.51
CA GLY C 98 -20.70 -47.19 -22.54
C GLY C 98 -19.87 -48.29 -23.19
N CYS C 99 -18.67 -48.50 -22.67
CA CYS C 99 -17.76 -49.47 -23.25
C CYS C 99 -18.06 -50.90 -22.79
N VAL C 100 -18.61 -51.70 -23.70
CA VAL C 100 -18.87 -53.11 -23.44
C VAL C 100 -17.67 -53.93 -23.88
N PHE C 101 -16.78 -54.26 -22.94
CA PHE C 101 -15.50 -54.88 -23.24
C PHE C 101 -15.63 -56.31 -23.77
N GLY C 102 -14.65 -56.72 -24.57
CA GLY C 102 -14.62 -58.04 -25.17
C GLY C 102 -13.99 -59.11 -24.31
N THR C 103 -14.18 -60.37 -24.70
CA THR C 103 -13.70 -61.50 -23.90
C THR C 103 -12.18 -61.68 -23.96
N GLY C 104 -11.55 -61.08 -24.96
CA GLY C 104 -10.10 -61.12 -25.07
C GLY C 104 -9.59 -62.24 -25.96
N THR C 105 -8.31 -62.18 -26.29
CA THR C 105 -7.72 -63.14 -27.21
C THR C 105 -6.25 -63.41 -26.92
N LYS C 106 -5.96 -64.61 -26.43
CA LYS C 106 -4.58 -65.06 -26.32
C LYS C 106 -4.01 -65.30 -27.70
N VAL C 107 -3.55 -64.22 -28.34
CA VAL C 107 -2.95 -64.36 -29.65
C VAL C 107 -1.62 -65.07 -29.51
N SER C 108 -1.22 -65.81 -30.54
CA SER C 108 0.01 -66.59 -30.48
C SER C 108 0.89 -66.34 -31.69
N VAL C 109 1.97 -65.58 -31.50
CA VAL C 109 2.89 -65.34 -32.58
C VAL C 109 3.79 -66.56 -32.73
N LEU C 110 3.85 -67.10 -33.95
CA LEU C 110 4.58 -68.33 -34.21
C LEU C 110 5.76 -68.07 -35.13
N GLY C 111 6.50 -69.14 -35.44
CA GLY C 111 7.60 -69.08 -36.38
C GLY C 111 8.75 -68.20 -35.95
N GLN C 112 9.17 -68.36 -34.70
CA GLN C 112 10.32 -67.62 -34.18
C GLN C 112 11.32 -68.57 -33.54
N SER C 113 12.60 -68.19 -33.58
CA SER C 113 13.67 -69.01 -33.02
C SER C 113 13.59 -69.02 -31.49
N LYS C 114 13.29 -70.18 -30.92
CA LYS C 114 13.17 -70.30 -29.47
C LYS C 114 14.54 -70.45 -28.83
N ALA C 115 14.59 -70.45 -27.50
CA ALA C 115 15.87 -70.50 -26.79
C ALA C 115 15.81 -71.35 -25.53
N ASN C 116 16.94 -71.96 -25.18
CA ASN C 116 17.08 -72.73 -23.94
C ASN C 116 17.31 -71.81 -22.74
N PRO C 117 16.75 -72.17 -21.57
CA PRO C 117 16.78 -71.32 -20.38
C PRO C 117 18.12 -71.31 -19.63
N SER C 118 18.20 -70.48 -18.59
CA SER C 118 19.39 -70.37 -17.76
C SER C 118 19.00 -70.29 -16.28
N VAL C 119 19.36 -71.32 -15.51
CA VAL C 119 18.86 -71.50 -14.16
C VAL C 119 19.86 -71.04 -13.07
N THR C 120 19.33 -70.49 -11.98
CA THR C 120 20.13 -70.12 -10.81
C THR C 120 19.39 -70.43 -9.50
N LEU C 121 19.74 -71.55 -8.88
CA LEU C 121 19.09 -71.94 -7.62
C LEU C 121 19.76 -71.30 -6.41
N PHE C 122 19.04 -70.41 -5.75
CA PHE C 122 19.54 -69.75 -4.54
C PHE C 122 18.98 -70.39 -3.28
N PRO C 123 19.86 -70.87 -2.39
CA PRO C 123 19.48 -71.45 -1.10
C PRO C 123 19.36 -70.37 -0.01
N PRO C 124 18.68 -70.70 1.11
CA PRO C 124 18.56 -69.71 2.19
C PRO C 124 19.90 -69.44 2.88
N SER C 125 20.07 -68.21 3.35
CA SER C 125 21.31 -67.81 4.02
C SER C 125 21.28 -68.22 5.49
N SER C 126 22.28 -67.78 6.24
CA SER C 126 22.41 -68.13 7.65
C SER C 126 21.40 -67.40 8.52
N GLU C 127 21.27 -66.09 8.31
CA GLU C 127 20.37 -65.26 9.11
C GLU C 127 18.91 -65.65 8.92
N GLU C 128 18.54 -65.96 7.68
CA GLU C 128 17.17 -66.33 7.34
C GLU C 128 16.74 -67.60 8.06
N LEU C 129 17.68 -68.53 8.23
CA LEU C 129 17.39 -69.80 8.88
C LEU C 129 17.21 -69.64 10.38
N GLN C 130 17.61 -68.49 10.91
CA GLN C 130 17.46 -68.21 12.34
C GLN C 130 16.12 -67.55 12.65
N ALA C 131 15.25 -67.49 11.65
CA ALA C 131 13.94 -66.86 11.80
C ALA C 131 12.93 -67.61 12.70
N ASN C 132 12.72 -68.92 12.55
CA ASN C 132 13.41 -69.83 11.61
C ASN C 132 12.54 -70.23 10.43
N LYS C 133 13.16 -70.29 9.24
CA LYS C 133 12.47 -70.73 8.02
C LYS C 133 13.49 -71.06 6.93
N ALA C 134 13.23 -72.15 6.20
CA ALA C 134 14.12 -72.59 5.13
C ALA C 134 13.39 -72.58 3.79
N THR C 135 13.81 -71.70 2.88
CA THR C 135 13.14 -71.55 1.59
C THR C 135 14.09 -71.68 0.41
N LEU C 136 13.80 -72.65 -0.46
CA LEU C 136 14.56 -72.85 -1.69
C LEU C 136 13.85 -72.16 -2.84
N VAL C 137 14.55 -71.24 -3.51
CA VAL C 137 13.95 -70.46 -4.59
C VAL C 137 14.62 -70.72 -5.95
N CYS C 138 13.87 -71.33 -6.86
CA CYS C 138 14.35 -71.65 -8.20
C CYS C 138 13.98 -70.55 -9.19
N LEU C 139 14.94 -70.12 -10.00
CA LEU C 139 14.72 -69.05 -10.97
C LEU C 139 14.81 -69.56 -12.40
N ILE C 140 13.99 -68.99 -13.29
CA ILE C 140 14.03 -69.30 -14.71
C ILE C 140 14.03 -67.99 -15.51
N SER C 141 14.89 -67.90 -16.52
CA SER C 141 15.01 -66.68 -17.32
C SER C 141 15.51 -66.95 -18.74
N ASP C 142 15.24 -65.99 -19.62
CA ASP C 142 15.62 -66.08 -21.04
C ASP C 142 15.10 -67.34 -21.71
N PHE C 143 13.79 -67.39 -21.95
CA PHE C 143 13.15 -68.52 -22.60
C PHE C 143 11.78 -68.16 -23.15
N TYR C 144 11.46 -68.65 -24.33
CA TYR C 144 10.12 -68.48 -24.90
C TYR C 144 9.83 -69.58 -25.91
N PRO C 145 8.58 -70.06 -25.96
CA PRO C 145 7.41 -69.60 -25.20
C PRO C 145 7.43 -69.97 -23.72
N GLY C 146 6.60 -69.29 -22.93
CA GLY C 146 6.54 -69.51 -21.49
C GLY C 146 5.91 -70.84 -21.13
N ALA C 147 6.76 -71.84 -20.89
CA ALA C 147 6.27 -73.17 -20.52
C ALA C 147 7.31 -73.91 -19.68
N VAL C 148 6.96 -74.16 -18.42
CA VAL C 148 7.85 -74.86 -17.48
C VAL C 148 7.07 -75.76 -16.53
N THR C 149 7.56 -76.98 -16.32
CA THR C 149 6.93 -77.89 -15.36
C THR C 149 7.87 -78.18 -14.20
N VAL C 150 7.53 -77.66 -13.03
CA VAL C 150 8.37 -77.77 -11.83
C VAL C 150 8.26 -79.15 -11.19
N ALA C 151 9.38 -79.68 -10.70
CA ALA C 151 9.40 -80.96 -10.00
C ALA C 151 10.47 -80.99 -8.90
N TRP C 152 10.14 -80.43 -7.75
CA TRP C 152 11.05 -80.47 -6.60
C TRP C 152 11.29 -81.90 -6.16
N LYS C 153 12.50 -82.18 -5.69
CA LYS C 153 12.81 -83.51 -5.16
C LYS C 153 13.63 -83.41 -3.89
N ALA C 154 13.28 -84.25 -2.92
CA ALA C 154 13.90 -84.27 -1.60
C ALA C 154 14.18 -85.72 -1.17
N ASP C 155 15.46 -85.99 -0.92
CA ASP C 155 15.96 -87.35 -0.74
C ASP C 155 15.70 -88.15 -2.01
N SER C 156 15.71 -87.45 -3.15
CA SER C 156 15.44 -88.05 -4.46
C SER C 156 14.11 -88.80 -4.47
N SER C 157 13.13 -88.26 -3.75
CA SER C 157 11.80 -88.85 -3.65
C SER C 157 10.76 -87.83 -4.14
N PRO C 158 9.56 -88.31 -4.49
CA PRO C 158 8.53 -87.38 -4.97
C PRO C 158 8.05 -86.39 -3.91
N VAL C 159 8.21 -85.10 -4.19
CA VAL C 159 7.76 -84.05 -3.28
C VAL C 159 6.35 -83.58 -3.66
N LYS C 160 5.38 -83.93 -2.83
CA LYS C 160 3.99 -83.58 -3.09
C LYS C 160 3.46 -82.53 -2.12
N ALA C 161 4.07 -82.46 -0.93
CA ALA C 161 3.63 -81.52 0.09
C ALA C 161 4.44 -80.22 0.04
N GLY C 162 3.74 -79.11 -0.17
CA GLY C 162 4.37 -77.81 -0.22
C GLY C 162 4.92 -77.46 -1.59
N VAL C 163 4.02 -77.28 -2.55
CA VAL C 163 4.42 -76.97 -3.93
C VAL C 163 4.08 -75.54 -4.32
N GLU C 164 5.08 -74.66 -4.30
CA GLU C 164 4.90 -73.27 -4.69
C GLU C 164 5.41 -73.03 -6.10
N THR C 165 4.49 -72.85 -7.05
CA THR C 165 4.86 -72.65 -8.46
C THR C 165 4.18 -71.42 -9.06
N THR C 166 4.66 -70.96 -10.22
CA THR C 166 4.15 -69.73 -10.83
C THR C 166 3.84 -69.85 -12.33
N THR C 167 3.25 -68.80 -12.88
CA THR C 167 2.97 -68.65 -14.30
C THR C 167 4.07 -67.80 -14.92
N PRO C 168 4.52 -68.13 -16.14
CA PRO C 168 5.64 -67.36 -16.73
C PRO C 168 5.25 -65.94 -17.14
N SER C 169 5.86 -64.95 -16.48
CA SER C 169 5.61 -63.54 -16.75
C SER C 169 6.56 -63.04 -17.85
N LYS C 170 6.03 -62.20 -18.74
CA LYS C 170 6.80 -61.68 -19.86
C LYS C 170 7.86 -60.69 -19.40
N GLN C 171 9.10 -60.89 -19.85
CA GLN C 171 10.20 -60.02 -19.47
C GLN C 171 10.19 -58.75 -20.32
N SER C 172 11.04 -57.79 -19.97
CA SER C 172 11.07 -56.49 -20.63
C SER C 172 11.65 -56.54 -22.04
N ASN C 173 12.28 -57.66 -22.37
CA ASN C 173 12.87 -57.84 -23.70
C ASN C 173 11.96 -58.64 -24.62
N ASN C 174 10.66 -58.63 -24.32
CA ASN C 174 9.64 -59.36 -25.07
C ASN C 174 9.93 -60.87 -25.13
N LYS C 175 10.43 -61.38 -24.02
CA LYS C 175 10.58 -62.81 -23.81
C LYS C 175 10.00 -63.11 -22.43
N TYR C 176 10.02 -64.37 -22.00
CA TYR C 176 9.34 -64.75 -20.76
C TYR C 176 10.28 -64.95 -19.57
N ALA C 177 9.69 -65.01 -18.37
CA ALA C 177 10.43 -65.22 -17.14
C ALA C 177 9.54 -65.89 -16.09
N ALA C 178 10.11 -66.78 -15.29
CA ALA C 178 9.35 -67.52 -14.28
C ALA C 178 10.18 -67.78 -13.03
N SER C 179 9.49 -67.99 -11.90
CA SER C 179 10.16 -68.25 -10.63
C SER C 179 9.50 -69.43 -9.90
N SER C 180 10.12 -69.87 -8.80
CA SER C 180 9.61 -71.00 -8.03
C SER C 180 10.11 -70.99 -6.58
N TYR C 181 9.30 -71.53 -5.66
CA TYR C 181 9.64 -71.56 -4.24
C TYR C 181 9.36 -72.91 -3.60
N LEU C 182 9.65 -73.04 -2.31
CA LEU C 182 9.44 -74.29 -1.57
C LEU C 182 9.49 -74.06 -0.07
N SER C 183 8.32 -73.93 0.56
CA SER C 183 8.24 -73.72 2.01
C SER C 183 8.63 -74.98 2.77
N LEU C 184 9.53 -74.83 3.75
CA LEU C 184 10.05 -75.98 4.48
C LEU C 184 10.55 -75.60 5.87
N THR C 185 10.37 -76.51 6.82
CA THR C 185 10.83 -76.30 8.18
C THR C 185 12.31 -76.69 8.29
N PRO C 186 13.06 -76.04 9.20
CA PRO C 186 14.49 -76.33 9.40
C PRO C 186 14.77 -77.76 9.87
N GLU C 187 13.77 -78.43 10.43
CA GLU C 187 13.93 -79.79 10.92
C GLU C 187 14.19 -80.78 9.78
N GLN C 188 13.40 -80.67 8.72
CA GLN C 188 13.56 -81.55 7.57
C GLN C 188 14.66 -81.04 6.63
N TRP C 189 14.69 -79.72 6.42
CA TRP C 189 15.69 -79.06 5.58
C TRP C 189 17.11 -79.50 5.98
N LYS C 190 17.47 -79.25 7.24
CA LYS C 190 18.69 -79.80 7.78
C LYS C 190 18.48 -81.30 7.98
N SER C 191 19.40 -82.09 7.43
CA SER C 191 19.40 -83.56 7.43
C SER C 191 18.61 -84.19 6.27
N HIS C 192 18.73 -83.64 5.07
CA HIS C 192 17.96 -84.21 3.97
C HIS C 192 18.76 -84.59 2.71
N ARG C 193 20.01 -85.01 2.91
CA ARG C 193 20.78 -85.68 1.85
C ARG C 193 21.00 -84.92 0.52
N SER C 194 21.05 -83.58 0.57
CA SER C 194 21.37 -82.75 -0.60
C SER C 194 20.21 -82.57 -1.56
N TYR C 195 19.78 -81.33 -1.72
CA TYR C 195 18.57 -80.99 -2.46
C TYR C 195 18.74 -80.89 -3.97
N SER C 196 17.62 -80.75 -4.66
CA SER C 196 17.56 -80.66 -6.11
C SER C 196 16.42 -79.75 -6.54
N CYS C 197 16.35 -79.46 -7.83
CA CYS C 197 15.31 -78.61 -8.38
C CYS C 197 15.21 -78.76 -9.90
N GLN C 198 14.09 -79.31 -10.38
CA GLN C 198 13.91 -79.61 -11.80
C GLN C 198 12.99 -78.62 -12.51
N VAL C 199 13.33 -78.29 -13.76
CA VAL C 199 12.50 -77.48 -14.65
C VAL C 199 12.84 -77.79 -16.11
N THR C 200 11.90 -77.54 -17.03
CA THR C 200 12.13 -77.90 -18.42
C THR C 200 11.48 -76.98 -19.45
N HIS C 201 12.07 -76.98 -20.64
CA HIS C 201 11.58 -76.24 -21.80
C HIS C 201 12.10 -76.96 -23.04
N GLU C 202 11.43 -76.75 -24.18
CA GLU C 202 11.73 -77.40 -25.46
C GLU C 202 11.99 -78.92 -25.37
N GLY C 203 11.45 -79.55 -24.33
CA GLY C 203 11.62 -80.98 -24.13
C GLY C 203 13.00 -81.37 -23.65
N SER C 204 13.77 -80.37 -23.20
CA SER C 204 15.11 -80.61 -22.68
C SER C 204 15.19 -80.12 -21.23
N THR C 205 15.21 -81.07 -20.30
CA THR C 205 15.14 -80.77 -18.87
C THR C 205 16.44 -80.16 -18.32
N VAL C 206 16.29 -79.24 -17.35
CA VAL C 206 17.43 -78.57 -16.71
C VAL C 206 17.36 -78.72 -15.18
N GLU C 207 18.52 -78.80 -14.51
CA GLU C 207 18.57 -79.01 -13.07
C GLU C 207 19.87 -78.48 -12.44
N LYS C 208 19.78 -78.06 -11.18
CA LYS C 208 20.96 -77.69 -10.39
C LYS C 208 20.85 -78.16 -8.94
N THR C 209 21.60 -79.21 -8.60
CA THR C 209 21.57 -79.77 -7.25
C THR C 209 22.38 -78.90 -6.28
N VAL C 210 21.83 -78.66 -5.09
CA VAL C 210 22.46 -77.79 -4.11
C VAL C 210 22.45 -78.44 -2.71
N ALA C 211 23.50 -78.15 -1.93
CA ALA C 211 23.70 -78.76 -0.63
C ALA C 211 23.21 -77.90 0.53
N PRO C 212 22.79 -78.54 1.64
CA PRO C 212 22.36 -77.82 2.86
C PRO C 212 23.56 -77.29 3.64
N THR C 213 24.49 -78.17 3.98
CA THR C 213 25.63 -77.80 4.82
C THR C 213 26.73 -77.07 4.04
N GLU C 214 26.54 -76.89 2.74
CA GLU C 214 27.50 -76.16 1.92
C GLU C 214 27.10 -74.69 1.80
N VAL D 1 -7.44 -40.97 -44.85
CA VAL D 1 -8.18 -39.81 -45.34
C VAL D 1 -8.30 -39.82 -46.87
N GLU D 2 -8.40 -38.62 -47.45
CA GLU D 2 -8.54 -38.48 -48.90
C GLU D 2 -7.43 -37.60 -49.44
N LYS D 3 -7.55 -37.24 -50.72
CA LYS D 3 -6.72 -36.18 -51.26
C LYS D 3 -7.11 -34.92 -50.50
N LEU D 4 -6.30 -34.56 -49.51
CA LEU D 4 -6.58 -33.37 -48.71
C LEU D 4 -6.01 -32.14 -49.37
N TRP D 5 -6.66 -31.01 -49.15
CA TRP D 5 -6.25 -29.77 -49.79
C TRP D 5 -6.30 -28.61 -48.82
N VAL D 6 -5.39 -27.66 -49.01
CA VAL D 6 -5.42 -26.47 -48.20
C VAL D 6 -6.69 -25.74 -48.55
N THR D 7 -7.36 -25.23 -47.51
CA THR D 7 -8.53 -24.40 -47.65
C THR D 7 -8.35 -23.25 -46.68
N VAL D 8 -8.68 -22.03 -47.11
CA VAL D 8 -8.38 -20.85 -46.31
C VAL D 8 -9.62 -20.25 -45.65
N TYR D 9 -9.44 -19.71 -44.45
CA TYR D 9 -10.53 -19.30 -43.58
C TYR D 9 -10.37 -17.86 -43.09
N TYR D 10 -11.38 -17.03 -43.35
CA TYR D 10 -11.38 -15.65 -42.86
C TYR D 10 -12.43 -15.46 -41.75
N GLY D 11 -11.95 -15.13 -40.55
CA GLY D 11 -12.82 -14.90 -39.41
C GLY D 11 -12.54 -15.87 -38.28
N VAL D 12 -11.32 -16.38 -38.24
CA VAL D 12 -10.93 -17.36 -37.23
C VAL D 12 -10.68 -16.66 -35.90
N PRO D 13 -10.84 -17.40 -34.78
CA PRO D 13 -10.61 -16.84 -33.44
C PRO D 13 -9.15 -16.92 -32.99
N VAL D 14 -8.31 -16.08 -33.56
CA VAL D 14 -6.88 -16.10 -33.30
C VAL D 14 -6.33 -14.71 -33.03
N TRP D 15 -5.45 -14.61 -32.05
CA TRP D 15 -4.79 -13.34 -31.77
C TRP D 15 -3.32 -13.55 -31.39
N LYS D 16 -2.58 -12.46 -31.31
CA LYS D 16 -1.22 -12.48 -30.80
C LYS D 16 -0.98 -11.31 -29.86
N GLU D 17 -0.07 -11.49 -28.91
CA GLU D 17 0.31 -10.44 -27.99
C GLU D 17 0.78 -9.23 -28.78
N ALA D 18 0.26 -8.04 -28.46
CA ALA D 18 0.53 -6.87 -29.29
C ALA D 18 0.47 -5.55 -28.53
N THR D 19 0.86 -4.48 -29.22
CA THR D 19 0.81 -3.11 -28.71
C THR D 19 0.44 -2.15 -29.83
N THR D 20 -0.47 -1.22 -29.54
CA THR D 20 -0.87 -0.21 -30.51
C THR D 20 -1.57 0.95 -29.84
N THR D 21 -1.55 2.11 -30.49
CA THR D 21 -2.18 3.33 -29.96
C THR D 21 -3.64 3.12 -29.58
N LEU D 22 -3.93 3.17 -28.28
CA LEU D 22 -5.30 3.05 -27.77
C LEU D 22 -6.01 4.40 -27.87
N PHE D 23 -7.31 4.41 -27.58
CA PHE D 23 -8.03 5.68 -27.49
C PHE D 23 -8.99 5.65 -26.32
N CYS D 24 -9.39 6.84 -25.87
CA CYS D 24 -10.11 6.99 -24.61
C CYS D 24 -11.63 7.20 -24.76
N ALA D 25 -12.37 6.74 -23.75
CA ALA D 25 -13.81 6.93 -23.68
C ALA D 25 -14.14 7.87 -22.52
N SER D 26 -15.03 8.82 -22.74
CA SER D 26 -15.45 9.75 -21.72
C SER D 26 -16.73 9.29 -21.07
N ASP D 27 -17.23 10.06 -20.11
CA ASP D 27 -18.46 9.74 -19.42
C ASP D 27 -19.54 10.77 -19.75
N ALA D 28 -20.79 10.32 -19.73
CA ALA D 28 -21.93 11.14 -20.15
C ALA D 28 -22.18 12.32 -19.21
N LYS D 29 -22.17 12.07 -17.91
CA LYS D 29 -22.43 13.14 -16.94
C LYS D 29 -21.19 14.01 -16.78
N ALA D 30 -20.05 13.52 -17.27
CA ALA D 30 -18.79 14.26 -17.19
C ALA D 30 -18.70 15.32 -18.29
N TYR D 31 -19.03 14.92 -19.52
CA TYR D 31 -18.92 15.82 -20.67
C TYR D 31 -20.00 16.90 -20.63
N ASP D 32 -21.22 16.51 -20.25
CA ASP D 32 -22.38 17.37 -20.38
C ASP D 32 -22.25 18.67 -19.57
N THR D 33 -22.08 18.54 -18.26
CA THR D 33 -21.74 19.69 -17.45
C THR D 33 -20.34 20.14 -17.86
N GLU D 34 -20.15 21.45 -17.95
CA GLU D 34 -18.93 21.99 -18.56
C GLU D 34 -17.66 21.64 -17.80
N VAL D 35 -17.62 21.96 -16.51
CA VAL D 35 -16.42 21.79 -15.68
C VAL D 35 -15.25 22.55 -16.31
N HIS D 36 -15.57 23.47 -17.21
CA HIS D 36 -14.60 24.18 -18.05
C HIS D 36 -13.55 23.22 -18.59
N ASN D 37 -12.29 23.56 -18.38
CA ASN D 37 -11.21 22.72 -18.84
C ASN D 37 -10.93 21.62 -17.81
N VAL D 38 -10.72 20.41 -18.32
CA VAL D 38 -10.39 19.27 -17.46
C VAL D 38 -9.54 18.26 -18.21
N TRP D 39 -8.23 18.28 -17.94
CA TRP D 39 -7.28 17.37 -18.59
C TRP D 39 -7.40 17.52 -20.11
N ALA D 40 -7.56 16.41 -20.82
CA ALA D 40 -7.87 16.44 -22.25
C ALA D 40 -9.15 15.64 -22.47
N THR D 41 -9.94 15.54 -21.41
CA THR D 41 -11.14 14.72 -21.37
C THR D 41 -12.13 15.05 -22.48
N HIS D 42 -12.25 16.34 -22.78
CA HIS D 42 -13.22 16.81 -23.78
C HIS D 42 -12.97 16.23 -25.16
N ALA D 43 -11.72 15.91 -25.45
CA ALA D 43 -11.33 15.44 -26.79
C ALA D 43 -11.54 13.94 -26.99
N CYS D 44 -12.10 13.27 -25.98
CA CYS D 44 -12.37 11.84 -26.08
C CYS D 44 -13.76 11.55 -26.64
N VAL D 45 -14.02 10.28 -26.92
CA VAL D 45 -15.33 9.84 -27.36
C VAL D 45 -16.14 9.48 -26.12
N PRO D 46 -17.46 9.34 -26.25
CA PRO D 46 -18.18 8.93 -25.05
C PRO D 46 -18.29 7.42 -24.95
N THR D 47 -18.24 6.90 -23.72
CA THR D 47 -18.31 5.46 -23.52
C THR D 47 -19.72 4.97 -23.83
N ASP D 48 -19.81 3.75 -24.32
CA ASP D 48 -21.10 3.16 -24.67
C ASP D 48 -21.93 2.92 -23.41
N PRO D 49 -23.21 3.33 -23.45
CA PRO D 49 -24.13 3.10 -22.32
C PRO D 49 -24.14 1.62 -21.91
N ASN D 50 -24.23 0.74 -22.89
CA ASN D 50 -24.13 -0.70 -22.64
C ASN D 50 -22.69 -1.11 -22.39
N PRO D 51 -22.35 -1.46 -21.14
CA PRO D 51 -20.99 -1.85 -20.77
C PRO D 51 -20.67 -3.25 -21.29
N GLN D 52 -20.50 -3.37 -22.59
CA GLN D 52 -20.48 -4.68 -23.25
C GLN D 52 -19.18 -5.45 -23.11
N GLU D 53 -19.33 -6.72 -22.71
CA GLU D 53 -18.21 -7.64 -22.53
C GLU D 53 -18.65 -9.06 -22.90
N VAL D 54 -17.71 -9.85 -23.44
CA VAL D 54 -17.99 -11.24 -23.75
C VAL D 54 -17.01 -12.17 -23.03
N VAL D 55 -17.55 -13.15 -22.33
CA VAL D 55 -16.72 -14.08 -21.59
C VAL D 55 -16.18 -15.17 -22.52
N LEU D 56 -14.90 -15.48 -22.38
CA LEU D 56 -14.25 -16.48 -23.24
C LEU D 56 -14.13 -17.82 -22.55
N GLU D 57 -14.80 -18.83 -23.09
CA GLU D 57 -14.79 -20.14 -22.48
C GLU D 57 -13.59 -20.96 -22.94
N ASN D 58 -13.07 -21.79 -22.04
CA ASN D 58 -11.98 -22.72 -22.33
C ASN D 58 -10.67 -22.04 -22.73
N VAL D 59 -10.42 -20.85 -22.20
CA VAL D 59 -9.15 -20.15 -22.44
C VAL D 59 -8.46 -19.85 -21.12
N THR D 60 -7.13 -19.82 -21.12
CA THR D 60 -6.35 -19.55 -19.92
C THR D 60 -5.13 -18.68 -20.21
N GLU D 61 -5.36 -17.45 -20.65
CA GLU D 61 -4.29 -16.55 -21.09
C GLU D 61 -3.25 -16.24 -20.02
N HIS D 62 -2.05 -15.87 -20.46
CA HIS D 62 -1.00 -15.43 -19.55
C HIS D 62 -0.99 -13.92 -19.42
N PHE D 63 -1.00 -13.44 -18.19
CA PHE D 63 -0.91 -12.02 -17.91
C PHE D 63 0.33 -11.71 -17.11
N ASN D 64 0.99 -10.59 -17.42
CA ASN D 64 2.07 -10.08 -16.60
C ASN D 64 2.00 -8.56 -16.55
N MET D 65 1.39 -8.06 -15.48
CA MET D 65 1.22 -6.64 -15.22
C MET D 65 2.47 -5.82 -15.47
N TRP D 66 3.63 -6.36 -15.09
CA TRP D 66 4.88 -5.61 -15.09
C TRP D 66 5.29 -5.22 -16.51
N LYS D 67 5.24 -6.17 -17.42
CA LYS D 67 5.47 -5.85 -18.82
C LYS D 67 4.13 -5.70 -19.52
N ASN D 68 3.56 -4.51 -19.35
CA ASN D 68 2.27 -4.14 -19.93
C ASN D 68 2.37 -2.71 -20.45
N ASN D 69 2.22 -2.54 -21.76
CA ASN D 69 2.51 -1.26 -22.39
C ASN D 69 1.42 -0.22 -22.19
N MET D 70 0.25 -0.65 -21.74
CA MET D 70 -0.86 0.25 -21.47
C MET D 70 -0.48 1.28 -20.42
N VAL D 71 0.47 0.93 -19.56
CA VAL D 71 0.94 1.83 -18.52
C VAL D 71 2.10 2.69 -19.04
N GLU D 72 2.82 2.18 -20.05
CA GLU D 72 3.86 2.96 -20.72
C GLU D 72 3.13 3.87 -21.69
N GLN D 73 1.88 3.52 -21.94
CA GLN D 73 1.01 4.33 -22.77
C GLN D 73 0.24 5.31 -21.92
N MET D 74 -0.13 4.84 -20.72
CA MET D 74 -0.93 5.70 -19.85
C MET D 74 -0.16 6.94 -19.44
N GLN D 75 1.04 6.75 -18.88
CA GLN D 75 1.82 7.90 -18.43
C GLN D 75 2.27 8.76 -19.60
N GLU D 76 2.62 8.14 -20.72
CA GLU D 76 2.88 8.89 -21.95
C GLU D 76 1.76 9.88 -22.22
N ASP D 77 0.59 9.48 -22.19
CA ASP D 77 -0.62 10.24 -22.41
C ASP D 77 -0.74 11.30 -21.33
N ILE D 78 -0.78 10.85 -20.08
CA ILE D 78 -1.00 11.70 -18.91
C ILE D 78 -0.07 12.93 -18.88
N ILE D 79 1.17 12.76 -19.33
CA ILE D 79 2.11 13.87 -19.35
C ILE D 79 1.80 14.78 -20.52
N SER D 80 1.51 14.19 -21.67
CA SER D 80 1.22 14.94 -22.88
C SER D 80 0.05 15.89 -22.73
N LEU D 81 -0.96 15.46 -21.98
CA LEU D 81 -2.16 16.26 -21.80
C LEU D 81 -1.81 17.50 -20.99
N TRP D 82 -1.11 17.29 -19.89
CA TRP D 82 -0.74 18.37 -18.99
C TRP D 82 0.04 19.46 -19.71
N ASP D 83 1.17 19.07 -20.30
CA ASP D 83 2.02 20.00 -21.04
C ASP D 83 1.22 20.87 -22.01
N GLN D 84 0.35 20.22 -22.76
CA GLN D 84 -0.42 20.87 -23.81
C GLN D 84 -1.51 21.77 -23.26
N SER D 85 -2.07 21.37 -22.11
CA SER D 85 -3.11 22.16 -21.46
C SER D 85 -2.53 23.39 -20.78
N LEU D 86 -1.27 23.28 -20.38
CA LEU D 86 -0.58 24.40 -19.73
C LEU D 86 0.21 25.22 -20.74
N LYS D 87 0.27 24.72 -21.98
CA LYS D 87 0.86 25.46 -23.09
C LYS D 87 0.37 26.91 -23.19
N PRO D 88 -0.95 27.13 -23.13
CA PRO D 88 -1.38 28.52 -23.29
C PRO D 88 -1.35 29.34 -22.01
N CYS D 89 -1.34 28.67 -20.85
CA CYS D 89 -1.50 29.35 -19.57
C CYS D 89 -0.40 30.36 -19.22
N VAL D 90 -0.67 31.17 -18.20
CA VAL D 90 0.16 32.33 -17.84
C VAL D 90 1.56 31.96 -17.37
N LYS D 91 2.57 32.61 -17.96
CA LYS D 91 3.96 32.37 -17.57
C LYS D 91 4.38 33.30 -16.46
N LEU D 92 4.99 32.74 -15.42
CA LEU D 92 5.44 33.53 -14.28
C LEU D 92 6.93 33.87 -14.36
N THR D 93 7.48 33.88 -15.57
CA THR D 93 8.91 34.11 -15.73
C THR D 93 9.43 35.48 -15.20
N PRO D 94 8.63 36.57 -15.27
CA PRO D 94 9.25 37.80 -14.76
C PRO D 94 9.19 37.95 -13.24
N LEU D 95 8.50 37.04 -12.55
CA LEU D 95 8.30 37.14 -11.11
C LEU D 95 9.56 36.70 -10.34
N CYS D 96 10.65 36.49 -11.07
CA CYS D 96 11.91 36.09 -10.44
C CYS D 96 12.59 37.22 -9.67
N VAL D 97 11.80 38.23 -9.31
CA VAL D 97 12.29 39.39 -8.56
C VAL D 97 12.63 39.02 -7.11
N THR D 98 13.59 39.74 -6.53
CA THR D 98 14.02 39.52 -5.15
C THR D 98 12.87 39.71 -4.16
N LEU D 99 12.46 38.62 -3.54
CA LEU D 99 11.32 38.64 -2.62
C LEU D 99 11.72 39.03 -1.21
N ASN D 100 11.26 40.20 -0.78
CA ASN D 100 11.51 40.70 0.57
C ASN D 100 10.47 40.12 1.53
N CYS D 101 10.77 38.97 2.12
CA CYS D 101 9.78 38.23 2.91
C CYS D 101 9.90 38.41 4.41
N LYS D 102 8.84 38.94 5.01
CA LYS D 102 8.65 38.84 6.44
C LYS D 102 7.70 37.68 6.69
N ASP D 103 7.75 37.11 7.89
CA ASP D 103 6.92 35.96 8.19
C ASP D 103 5.61 36.41 8.82
N VAL D 104 4.68 35.47 8.96
CA VAL D 104 3.37 35.79 9.52
C VAL D 104 3.16 35.10 10.87
N ASN D 105 2.18 35.59 11.61
CA ASN D 105 1.80 34.98 12.89
C ASN D 105 0.28 34.96 13.05
N MET D 117 5.51 23.53 14.32
CA MET D 117 5.27 23.99 12.95
C MET D 117 5.16 25.51 12.89
N GLU D 118 6.09 26.21 13.54
CA GLU D 118 6.08 27.66 13.60
C GLU D 118 7.44 28.23 13.20
N ARG D 119 7.98 27.73 12.10
CA ARG D 119 9.28 28.16 11.60
C ARG D 119 9.13 29.25 10.53
N GLY D 120 7.90 29.48 10.09
CA GLY D 120 7.64 30.50 9.08
C GLY D 120 7.14 29.86 7.80
N GLU D 121 6.17 28.96 7.93
CA GLU D 121 5.66 28.22 6.79
C GLU D 121 4.92 29.13 5.83
N ILE D 122 4.12 30.04 6.37
CA ILE D 122 3.47 31.05 5.55
C ILE D 122 4.28 32.34 5.64
N LYS D 123 4.66 32.88 4.48
CA LYS D 123 5.52 34.06 4.46
C LYS D 123 4.96 35.19 3.61
N ASN D 124 5.09 36.40 4.13
CA ASN D 124 4.57 37.60 3.50
C ASN D 124 5.69 38.38 2.83
N CYS D 125 5.67 38.43 1.51
CA CYS D 125 6.81 38.95 0.76
C CYS D 125 6.47 40.10 -0.16
N SER D 126 7.45 40.96 -0.44
CA SER D 126 7.27 42.09 -1.34
C SER D 126 8.31 42.08 -2.46
N PHE D 127 8.02 42.83 -3.52
CA PHE D 127 8.78 42.78 -4.77
C PHE D 127 8.23 43.83 -5.74
N ASN D 128 9.09 44.32 -6.64
CA ASN D 128 8.63 45.27 -7.66
C ASN D 128 8.50 44.61 -9.02
N ILE D 129 7.38 44.86 -9.68
CA ILE D 129 7.13 44.30 -11.00
C ILE D 129 6.63 45.37 -11.94
N THR D 130 6.84 45.15 -13.24
CA THR D 130 6.24 46.03 -14.24
C THR D 130 4.90 45.41 -14.62
N THR D 131 3.88 46.26 -14.74
CA THR D 131 2.51 45.80 -14.92
C THR D 131 2.28 45.36 -16.35
N SER D 132 1.00 45.39 -16.78
CA SER D 132 0.63 45.15 -18.16
C SER D 132 1.39 46.10 -19.06
N ILE D 133 1.84 47.18 -18.45
CA ILE D 133 2.42 48.33 -19.14
C ILE D 133 3.79 48.66 -18.52
N ARG D 134 4.71 49.08 -19.38
CA ARG D 134 6.09 49.27 -18.95
C ARG D 134 6.31 50.58 -18.19
N ASP D 135 5.25 51.32 -17.93
CA ASP D 135 5.38 52.62 -17.26
C ASP D 135 4.93 52.61 -15.81
N LYS D 136 5.09 51.47 -15.13
CA LYS D 136 4.69 51.38 -13.74
C LYS D 136 5.38 50.21 -13.03
N VAL D 137 6.37 50.54 -12.20
CA VAL D 137 7.00 49.56 -11.33
C VAL D 137 6.26 49.53 -10.01
N GLN D 138 5.26 48.67 -9.93
CA GLN D 138 4.39 48.62 -8.77
C GLN D 138 4.93 47.68 -7.69
N LYS D 139 5.24 48.23 -6.53
CA LYS D 139 5.72 47.43 -5.40
C LYS D 139 4.56 46.64 -4.80
N GLU D 140 4.50 45.35 -5.13
CA GLU D 140 3.38 44.50 -4.73
C GLU D 140 3.76 43.55 -3.61
N TYR D 141 2.77 43.20 -2.78
CA TYR D 141 2.98 42.32 -1.63
C TYR D 141 2.14 41.04 -1.78
N ALA D 142 2.75 39.89 -1.56
CA ALA D 142 2.03 38.62 -1.71
C ALA D 142 2.50 37.55 -0.72
N LEU D 143 1.72 36.48 -0.60
CA LEU D 143 2.01 35.41 0.35
C LEU D 143 2.59 34.16 -0.29
N PHE D 144 3.50 33.49 0.41
CA PHE D 144 4.16 32.29 -0.08
C PHE D 144 4.36 31.24 1.02
N TYR D 145 4.56 30.00 0.60
CA TYR D 145 4.84 28.93 1.55
C TYR D 145 6.34 28.74 1.68
N LYS D 146 6.78 28.32 2.86
CA LYS D 146 8.20 28.18 3.16
C LYS D 146 8.90 27.24 2.19
N LEU D 147 8.17 26.25 1.69
CA LEU D 147 8.73 25.31 0.73
C LEU D 147 8.79 25.95 -0.65
N ASP D 148 7.72 26.66 -1.01
CA ASP D 148 7.62 27.31 -2.31
C ASP D 148 8.67 28.39 -2.53
N VAL D 149 9.45 28.71 -1.50
CA VAL D 149 10.38 29.82 -1.60
C VAL D 149 11.73 29.45 -0.98
N VAL D 150 12.79 30.15 -1.39
CA VAL D 150 14.14 29.85 -0.93
C VAL D 150 14.96 31.14 -0.74
N PRO D 151 15.68 31.26 0.38
CA PRO D 151 16.48 32.45 0.71
C PRO D 151 17.78 32.61 -0.09
N ILE D 152 18.45 33.75 0.07
CA ILE D 152 19.67 34.05 -0.66
C ILE D 152 20.75 34.62 0.26
N ASP D 153 21.98 34.12 0.13
CA ASP D 153 23.11 34.58 0.93
C ASP D 153 22.79 34.46 2.42
N ASN D 154 23.15 35.48 3.19
CA ASN D 154 22.73 35.58 4.57
C ASN D 154 21.22 35.67 4.63
N ASN D 155 20.61 35.07 5.65
CA ASN D 155 19.16 35.17 5.78
C ASN D 155 18.81 36.57 6.17
N ASN D 156 18.70 37.43 5.17
CA ASN D 156 18.18 38.75 5.38
C ASN D 156 16.67 38.66 5.40
N THR D 157 16.01 39.65 4.81
CA THR D 157 14.56 39.63 4.64
C THR D 157 14.24 39.16 3.24
N SER D 158 15.28 38.66 2.57
CA SER D 158 15.22 38.36 1.14
C SER D 158 15.13 36.87 0.80
N TYR D 159 14.20 36.55 -0.09
CA TYR D 159 14.04 35.22 -0.63
C TYR D 159 13.88 35.25 -2.15
N ARG D 160 13.78 34.07 -2.75
CA ARG D 160 13.51 33.93 -4.16
C ARG D 160 12.66 32.68 -4.36
N LEU D 161 11.88 32.64 -5.43
CA LEU D 161 10.99 31.50 -5.64
C LEU D 161 11.78 30.21 -5.82
N ILE D 162 11.19 29.12 -5.33
CA ILE D 162 11.87 27.84 -5.12
C ILE D 162 12.68 27.34 -6.32
N SER D 163 12.21 27.61 -7.53
CA SER D 163 12.90 27.11 -8.71
C SER D 163 12.89 28.13 -9.84
N CYS D 164 12.79 29.40 -9.48
CA CYS D 164 12.68 30.47 -10.47
C CYS D 164 13.93 30.60 -11.35
N ASP D 165 15.10 30.51 -10.73
CA ASP D 165 16.36 30.68 -11.44
C ASP D 165 16.70 29.53 -12.35
N THR D 166 16.18 28.35 -12.03
CA THR D 166 16.60 27.12 -12.70
C THR D 166 15.50 26.48 -13.54
N SER D 167 14.29 27.03 -13.46
CA SER D 167 13.16 26.45 -14.18
C SER D 167 12.24 27.51 -14.75
N VAL D 168 11.23 27.05 -15.50
CA VAL D 168 10.20 27.91 -16.04
C VAL D 168 8.87 27.61 -15.38
N ILE D 169 8.48 28.47 -14.46
CA ILE D 169 7.25 28.28 -13.71
C ILE D 169 6.06 28.81 -14.51
N THR D 170 5.01 27.99 -14.60
CA THR D 170 3.83 28.33 -15.37
C THR D 170 2.57 28.24 -14.52
N GLN D 171 1.87 29.35 -14.36
CA GLN D 171 0.64 29.35 -13.58
C GLN D 171 -0.48 28.65 -14.31
N ALA D 172 -0.84 27.45 -13.86
CA ALA D 172 -1.98 26.74 -14.40
C ALA D 172 -3.22 27.61 -14.26
N CYS D 173 -3.94 27.82 -15.36
CA CYS D 173 -5.15 28.63 -15.33
C CYS D 173 -6.16 28.05 -14.38
N PRO D 174 -6.85 28.92 -13.62
CA PRO D 174 -7.83 28.51 -12.62
C PRO D 174 -9.09 27.95 -13.26
N LYS D 175 -9.26 28.24 -14.54
CA LYS D 175 -10.42 27.79 -15.29
C LYS D 175 -10.40 26.26 -15.44
N ILE D 176 -9.20 25.70 -15.49
CA ILE D 176 -9.04 24.26 -15.63
C ILE D 176 -9.21 23.56 -14.27
N SER D 177 -9.37 22.23 -14.29
CA SER D 177 -9.54 21.45 -13.08
C SER D 177 -8.73 20.16 -13.11
N PHE D 178 -8.25 19.74 -11.94
CA PHE D 178 -7.41 18.55 -11.85
C PHE D 178 -8.23 17.36 -11.37
N GLU D 179 -9.55 17.51 -11.32
CA GLU D 179 -10.44 16.44 -10.88
C GLU D 179 -10.15 15.16 -11.65
N PRO D 180 -9.93 14.03 -10.94
CA PRO D 180 -9.64 12.75 -11.59
C PRO D 180 -10.87 12.06 -12.18
N ILE D 181 -11.23 12.45 -13.39
CA ILE D 181 -12.33 11.82 -14.11
C ILE D 181 -11.89 10.42 -14.55
N PRO D 182 -12.69 9.39 -14.24
CA PRO D 182 -12.34 8.02 -14.64
C PRO D 182 -12.17 7.89 -16.15
N ILE D 183 -11.46 6.87 -16.59
CA ILE D 183 -11.19 6.76 -18.01
C ILE D 183 -11.11 5.31 -18.44
N HIS D 184 -11.53 5.04 -19.68
CA HIS D 184 -11.48 3.71 -20.25
C HIS D 184 -10.56 3.75 -21.46
N TYR D 185 -9.79 2.69 -21.66
CA TYR D 185 -8.94 2.60 -22.83
C TYR D 185 -9.61 1.72 -23.87
N CYS D 186 -10.36 2.36 -24.77
CA CYS D 186 -11.04 1.64 -25.83
C CYS D 186 -10.05 1.20 -26.88
N ALA D 187 -10.13 -0.08 -27.27
CA ALA D 187 -9.21 -0.67 -28.24
C ALA D 187 -9.63 -0.43 -29.68
N PRO D 188 -8.64 -0.37 -30.60
CA PRO D 188 -8.96 -0.15 -32.01
C PRO D 188 -9.47 -1.40 -32.71
N ALA D 189 -9.81 -1.27 -33.98
CA ALA D 189 -10.33 -2.39 -34.75
C ALA D 189 -9.23 -3.40 -35.11
N GLY D 190 -9.60 -4.68 -35.17
CA GLY D 190 -8.64 -5.73 -35.46
C GLY D 190 -7.76 -6.03 -34.27
N PHE D 191 -8.03 -5.35 -33.17
CA PHE D 191 -7.32 -5.57 -31.91
C PHE D 191 -8.30 -5.97 -30.85
N ALA D 192 -7.78 -6.31 -29.67
CA ALA D 192 -8.64 -6.72 -28.56
C ALA D 192 -7.95 -6.52 -27.22
N ILE D 193 -8.73 -6.18 -26.20
CA ILE D 193 -8.19 -6.06 -24.86
C ILE D 193 -8.82 -7.11 -23.97
N LEU D 194 -7.96 -7.90 -23.32
CA LEU D 194 -8.41 -9.02 -22.52
C LEU D 194 -8.41 -8.66 -21.05
N LYS D 195 -9.18 -9.40 -20.26
CA LYS D 195 -9.31 -9.13 -18.83
C LYS D 195 -9.07 -10.40 -18.03
N CYS D 196 -8.53 -10.26 -16.83
CA CYS D 196 -8.43 -11.36 -15.89
C CYS D 196 -9.59 -11.26 -14.92
N ASN D 197 -10.61 -12.10 -15.14
CA ASN D 197 -11.83 -12.03 -14.35
C ASN D 197 -11.76 -12.85 -13.08
N ASP D 198 -10.54 -13.10 -12.60
CA ASP D 198 -10.33 -13.83 -11.37
C ASP D 198 -10.49 -12.93 -10.16
N LYS D 199 -10.62 -13.54 -8.99
CA LYS D 199 -10.67 -12.78 -7.75
C LYS D 199 -9.25 -12.44 -7.31
N THR D 200 -8.50 -13.46 -6.94
CA THR D 200 -7.14 -13.27 -6.47
C THR D 200 -6.13 -13.63 -7.55
N PHE D 201 -5.69 -12.62 -8.29
CA PHE D 201 -4.67 -12.83 -9.32
C PHE D 201 -3.33 -12.32 -8.84
N ASN D 202 -2.28 -13.11 -9.06
CA ASN D 202 -0.94 -12.79 -8.60
C ASN D 202 -0.39 -11.53 -9.23
N GLY D 203 -0.78 -11.29 -10.48
CA GLY D 203 -0.25 -10.17 -11.22
C GLY D 203 0.50 -10.69 -12.42
N LYS D 204 1.40 -11.64 -12.18
CA LYS D 204 2.08 -12.35 -13.26
C LYS D 204 1.65 -13.79 -13.24
N GLY D 205 1.57 -14.40 -14.42
CA GLY D 205 1.19 -15.80 -14.55
C GLY D 205 -0.07 -16.04 -15.37
N PRO D 206 -0.50 -17.31 -15.46
CA PRO D 206 -1.67 -17.73 -16.22
C PRO D 206 -2.99 -17.30 -15.57
N CYS D 207 -3.98 -17.00 -16.40
CA CYS D 207 -5.31 -16.64 -15.93
C CYS D 207 -6.24 -17.82 -16.18
N LYS D 208 -7.47 -17.74 -15.70
CA LYS D 208 -8.42 -18.82 -15.92
C LYS D 208 -9.74 -18.26 -16.43
N ASN D 209 -10.35 -17.37 -15.64
CA ASN D 209 -11.54 -16.64 -16.06
C ASN D 209 -11.13 -15.43 -16.88
N VAL D 210 -11.09 -15.60 -18.21
CA VAL D 210 -10.68 -14.53 -19.12
C VAL D 210 -11.84 -14.12 -20.01
N SER D 211 -11.80 -12.88 -20.49
CA SER D 211 -12.89 -12.36 -21.31
C SER D 211 -12.46 -11.19 -22.18
N THR D 212 -13.27 -10.85 -23.17
CA THR D 212 -12.96 -9.75 -24.07
C THR D 212 -13.86 -8.56 -23.79
N VAL D 213 -13.24 -7.39 -23.72
CA VAL D 213 -13.95 -6.13 -23.54
C VAL D 213 -13.53 -5.17 -24.64
N GLN D 214 -14.30 -4.11 -24.84
CA GLN D 214 -13.89 -3.08 -25.79
C GLN D 214 -13.02 -2.07 -25.06
N CYS D 215 -13.45 -1.68 -23.87
CA CYS D 215 -12.69 -0.75 -23.05
C CYS D 215 -12.59 -1.32 -21.65
N THR D 216 -11.65 -0.78 -20.86
CA THR D 216 -11.46 -1.23 -19.49
C THR D 216 -12.55 -0.69 -18.57
N HIS D 217 -12.39 -0.92 -17.27
CA HIS D 217 -13.25 -0.26 -16.30
C HIS D 217 -12.71 1.15 -16.09
N GLY D 218 -13.49 2.00 -15.44
CA GLY D 218 -13.11 3.39 -15.27
C GLY D 218 -11.86 3.56 -14.44
N ILE D 219 -10.77 3.99 -15.07
CA ILE D 219 -9.52 4.20 -14.36
C ILE D 219 -9.36 5.66 -13.97
N ARG D 220 -9.58 5.96 -12.70
CA ARG D 220 -9.37 7.32 -12.21
C ARG D 220 -7.88 7.59 -12.14
N PRO D 221 -7.40 8.57 -12.91
CA PRO D 221 -5.97 8.86 -13.05
C PRO D 221 -5.41 9.66 -11.88
N VAL D 222 -5.90 9.40 -10.68
CA VAL D 222 -5.37 10.07 -9.50
C VAL D 222 -3.85 9.83 -9.44
N VAL D 223 -3.11 10.80 -8.92
CA VAL D 223 -1.68 10.64 -8.75
C VAL D 223 -1.31 10.94 -7.30
N SER D 224 -0.92 9.88 -6.59
CA SER D 224 -0.45 9.98 -5.22
C SER D 224 0.97 9.45 -5.16
N THR D 225 1.55 9.46 -3.97
CA THR D 225 2.97 9.12 -3.83
C THR D 225 3.24 8.01 -2.81
N GLN D 226 2.26 7.70 -1.97
CA GLN D 226 2.47 6.69 -0.95
C GLN D 226 1.28 5.75 -0.79
N LEU D 227 0.09 6.30 -0.64
CA LEU D 227 -1.10 5.47 -0.56
C LEU D 227 -1.90 5.55 -1.84
N LEU D 228 -2.68 4.50 -2.12
CA LEU D 228 -3.45 4.45 -3.36
C LEU D 228 -4.90 4.83 -3.09
N LEU D 229 -5.35 5.91 -3.71
CA LEU D 229 -6.64 6.50 -3.37
C LEU D 229 -7.71 6.29 -4.44
N ASN D 230 -8.92 6.02 -3.99
CA ASN D 230 -10.11 5.96 -4.86
C ASN D 230 -10.03 4.92 -5.97
N GLY D 231 -9.15 3.94 -5.81
CA GLY D 231 -8.98 2.89 -6.80
C GLY D 231 -9.99 1.79 -6.60
N SER D 232 -9.67 0.60 -7.08
CA SER D 232 -10.52 -0.57 -6.92
C SER D 232 -10.00 -1.43 -5.76
N LEU D 233 -10.94 -2.01 -5.02
CA LEU D 233 -10.62 -2.85 -3.88
C LEU D 233 -10.43 -4.29 -4.32
N ALA D 234 -9.80 -5.09 -3.48
CA ALA D 234 -9.67 -6.53 -3.74
C ALA D 234 -11.04 -7.18 -3.61
N GLU D 235 -11.20 -8.36 -4.19
CA GLU D 235 -12.51 -9.01 -4.23
C GLU D 235 -12.73 -10.03 -3.11
N GLU D 236 -11.74 -10.90 -2.88
CA GLU D 236 -11.85 -11.90 -1.83
C GLU D 236 -11.15 -11.46 -0.56
N GLU D 237 -9.82 -11.46 -0.62
CA GLU D 237 -8.99 -11.05 0.49
C GLU D 237 -7.87 -10.19 -0.08
N VAL D 238 -7.29 -9.31 0.75
CA VAL D 238 -6.27 -8.40 0.26
C VAL D 238 -5.11 -9.16 -0.39
N VAL D 239 -4.49 -8.53 -1.38
CA VAL D 239 -3.43 -9.18 -2.14
C VAL D 239 -2.19 -8.33 -2.27
N ILE D 240 -1.05 -8.98 -2.41
CA ILE D 240 0.23 -8.30 -2.54
C ILE D 240 0.86 -8.68 -3.88
N ARG D 241 1.42 -7.71 -4.58
CA ARG D 241 1.98 -7.97 -5.90
C ARG D 241 3.34 -7.34 -6.13
N SER D 242 4.30 -8.17 -6.51
CA SER D 242 5.64 -7.72 -6.84
C SER D 242 6.20 -8.54 -8.01
N ASP D 243 7.16 -7.96 -8.73
CA ASP D 243 7.81 -8.67 -9.81
C ASP D 243 8.59 -9.84 -9.18
N ASN D 244 9.59 -9.51 -8.38
CA ASN D 244 10.28 -10.48 -7.54
C ASN D 244 10.52 -9.85 -6.18
N PHE D 245 10.25 -10.61 -5.13
CA PHE D 245 10.33 -10.08 -3.78
C PHE D 245 11.76 -10.06 -3.27
N THR D 246 12.62 -10.90 -3.85
CA THR D 246 14.04 -10.87 -3.53
C THR D 246 14.67 -9.64 -4.15
N ASN D 247 14.12 -9.22 -5.29
CA ASN D 247 14.49 -7.97 -5.89
C ASN D 247 14.04 -6.83 -4.97
N ASN D 248 14.89 -6.48 -4.00
CA ASN D 248 14.51 -5.46 -3.03
C ASN D 248 14.39 -4.10 -3.69
N ALA D 249 14.90 -3.98 -4.91
CA ALA D 249 14.68 -2.81 -5.74
C ALA D 249 13.46 -3.05 -6.64
N LYS D 250 12.33 -3.40 -6.04
CA LYS D 250 11.10 -3.63 -6.78
C LYS D 250 9.88 -3.37 -5.91
N THR D 251 8.98 -2.52 -6.39
CA THR D 251 7.84 -2.02 -5.61
C THR D 251 6.80 -3.08 -5.31
N ILE D 252 6.41 -3.16 -4.04
CA ILE D 252 5.40 -4.10 -3.59
C ILE D 252 4.04 -3.43 -3.53
N ILE D 253 3.16 -3.78 -4.46
CA ILE D 253 1.84 -3.15 -4.52
C ILE D 253 0.81 -3.93 -3.70
N VAL D 254 0.07 -3.21 -2.86
CA VAL D 254 -0.98 -3.84 -2.06
C VAL D 254 -2.34 -3.30 -2.48
N GLN D 255 -3.33 -4.17 -2.49
CA GLN D 255 -4.69 -3.79 -2.85
C GLN D 255 -5.65 -4.20 -1.74
N LEU D 256 -6.30 -3.22 -1.14
CA LEU D 256 -7.15 -3.47 0.01
C LEU D 256 -8.45 -4.14 -0.40
N LYS D 257 -9.05 -4.87 0.54
CA LYS D 257 -10.38 -5.41 0.34
C LYS D 257 -11.38 -4.36 0.82
N GLU D 258 -11.15 -3.86 2.02
CA GLU D 258 -11.96 -2.79 2.58
C GLU D 258 -11.21 -1.48 2.43
N SER D 259 -11.84 -0.50 1.79
CA SER D 259 -11.25 0.81 1.62
C SER D 259 -11.38 1.59 2.93
N VAL D 260 -10.28 2.22 3.34
CA VAL D 260 -10.31 3.05 4.54
C VAL D 260 -10.37 4.53 4.15
N GLU D 261 -11.50 5.15 4.50
CA GLU D 261 -11.79 6.53 4.19
C GLU D 261 -10.86 7.49 4.93
N ILE D 262 -10.26 8.44 4.20
CA ILE D 262 -9.36 9.39 4.83
C ILE D 262 -9.77 10.85 4.52
N ASN D 263 -10.26 11.52 5.55
CA ASN D 263 -10.71 12.91 5.44
C ASN D 263 -9.55 13.89 5.59
N CYS D 264 -9.52 14.93 4.76
CA CYS D 264 -8.42 15.89 4.77
C CYS D 264 -8.90 17.32 4.53
N THR D 265 -8.08 18.30 4.91
CA THR D 265 -8.48 19.71 4.77
C THR D 265 -7.34 20.76 4.87
N ARG D 266 -7.50 21.85 4.13
CA ARG D 266 -6.77 23.09 4.37
C ARG D 266 -7.75 24.04 5.05
N PRO D 267 -7.65 24.18 6.39
CA PRO D 267 -8.63 24.90 7.19
C PRO D 267 -8.73 26.41 6.90
N ASN D 268 -7.76 26.99 6.21
CA ASN D 268 -7.75 28.44 6.03
C ASN D 268 -8.71 28.95 4.94
N ASN D 269 -9.50 29.96 5.29
CA ASN D 269 -10.43 30.61 4.37
C ASN D 269 -9.71 31.73 3.63
N ASN D 270 -9.19 31.43 2.43
CA ASN D 270 -8.33 32.37 1.71
C ASN D 270 -9.06 33.31 0.75
N THR D 271 -8.41 34.43 0.45
CA THR D 271 -8.98 35.45 -0.44
C THR D 271 -8.14 35.59 -1.69
N ARG D 272 -8.77 35.57 -2.86
CA ARG D 272 -8.05 35.67 -4.12
C ARG D 272 -7.64 37.11 -4.41
N LYS D 273 -6.44 37.28 -4.95
CA LYS D 273 -5.92 38.60 -5.29
C LYS D 273 -5.24 38.56 -6.65
N SER D 274 -5.85 39.20 -7.63
CA SER D 274 -5.32 39.20 -8.99
C SER D 274 -4.35 40.34 -9.20
N ILE D 275 -3.06 40.03 -9.26
CA ILE D 275 -2.09 41.06 -9.58
C ILE D 275 -1.77 40.89 -11.08
N HIS D 276 -2.05 41.93 -11.84
CA HIS D 276 -1.99 41.87 -13.29
C HIS D 276 -0.60 42.21 -13.80
N ILE D 277 0.15 41.19 -14.18
CA ILE D 277 1.44 41.41 -14.81
C ILE D 277 1.21 41.81 -16.25
N GLY D 278 0.05 41.40 -16.77
CA GLY D 278 -0.40 41.81 -18.09
C GLY D 278 0.41 41.30 -19.26
N PRO D 279 0.06 41.74 -20.49
CA PRO D 279 -1.05 42.66 -20.79
C PRO D 279 -2.43 42.07 -20.50
N GLY D 280 -2.82 41.04 -21.25
CA GLY D 280 -4.08 40.36 -21.00
C GLY D 280 -3.94 39.10 -20.14
N ARG D 281 -3.30 39.26 -18.98
CA ARG D 281 -3.11 38.15 -18.05
C ARG D 281 -2.67 38.61 -16.67
N ALA D 282 -3.09 37.87 -15.64
CA ALA D 282 -2.79 38.22 -14.25
C ALA D 282 -2.31 37.03 -13.44
N PHE D 283 -1.60 37.30 -12.35
CA PHE D 283 -1.09 36.25 -11.47
C PHE D 283 -1.86 36.30 -10.14
N TYR D 284 -2.62 35.24 -9.89
CA TYR D 284 -3.48 35.17 -8.72
C TYR D 284 -2.74 34.68 -7.50
N THR D 285 -3.06 35.27 -6.35
CA THR D 285 -2.45 34.84 -5.09
C THR D 285 -3.40 35.10 -3.93
N THR D 286 -3.09 34.55 -2.77
CA THR D 286 -3.89 34.79 -1.58
C THR D 286 -3.70 36.22 -1.07
N GLY D 287 -4.75 37.02 -1.17
CA GLY D 287 -4.73 38.38 -0.68
C GLY D 287 -4.62 38.41 0.84
N GLU D 288 -5.43 37.59 1.51
CA GLU D 288 -5.41 37.50 2.96
C GLU D 288 -6.04 36.20 3.44
N ILE D 289 -6.09 36.04 4.76
CA ILE D 289 -6.67 34.86 5.39
C ILE D 289 -7.80 35.27 6.34
N ILE D 290 -9.03 34.98 5.93
CA ILE D 290 -10.19 35.34 6.72
C ILE D 290 -10.37 34.41 7.90
N GLY D 291 -9.83 34.81 9.05
CA GLY D 291 -10.02 34.08 10.29
C GLY D 291 -8.75 33.63 10.96
N ASP D 292 -8.80 32.45 11.57
CA ASP D 292 -7.64 31.88 12.25
C ASP D 292 -6.64 31.35 11.24
N ILE D 293 -5.40 31.20 11.67
CA ILE D 293 -4.38 30.57 10.84
C ILE D 293 -4.13 29.16 11.35
N ARG D 294 -4.31 28.18 10.48
CA ARG D 294 -4.22 26.79 10.92
C ARG D 294 -3.41 25.90 9.97
N GLN D 295 -3.27 24.65 10.40
CA GLN D 295 -2.45 23.68 9.69
C GLN D 295 -3.30 22.67 8.91
N ALA D 296 -2.81 22.29 7.73
CA ALA D 296 -3.49 21.29 6.91
C ALA D 296 -3.17 19.91 7.42
N HIS D 297 -4.14 19.00 7.31
CA HIS D 297 -3.97 17.66 7.83
C HIS D 297 -4.88 16.64 7.17
N CYS D 298 -4.76 15.38 7.61
CA CYS D 298 -5.59 14.29 7.11
C CYS D 298 -5.98 13.33 8.22
N ASN D 299 -7.28 13.13 8.38
CA ASN D 299 -7.79 12.28 9.44
C ASN D 299 -8.19 10.90 8.94
N ILE D 300 -7.78 9.88 9.68
CA ILE D 300 -8.09 8.49 9.39
C ILE D 300 -8.20 7.71 10.69
N SER D 301 -9.20 6.85 10.79
CA SER D 301 -9.35 6.00 11.95
C SER D 301 -8.15 5.08 12.13
N ARG D 302 -7.47 5.18 13.27
CA ARG D 302 -6.29 4.35 13.51
C ARG D 302 -6.68 2.89 13.75
N ALA D 303 -7.93 2.67 14.16
CA ALA D 303 -8.47 1.32 14.29
C ALA D 303 -8.61 0.71 12.90
N LYS D 304 -9.31 1.41 12.02
CA LYS D 304 -9.48 0.98 10.63
C LYS D 304 -8.14 0.78 9.94
N TRP D 305 -7.21 1.70 10.17
CA TRP D 305 -5.92 1.67 9.52
C TRP D 305 -5.07 0.49 10.00
N ASN D 306 -5.05 0.24 11.31
CA ASN D 306 -4.16 -0.80 11.83
C ASN D 306 -4.81 -2.18 11.77
N ASP D 307 -6.14 -2.21 11.75
CA ASP D 307 -6.83 -3.47 11.49
C ASP D 307 -6.69 -3.80 10.02
N THR D 308 -6.40 -2.77 9.21
CA THR D 308 -6.09 -2.96 7.80
C THR D 308 -4.67 -3.47 7.68
N LEU D 309 -3.80 -2.97 8.56
CA LEU D 309 -2.42 -3.42 8.60
C LEU D 309 -2.34 -4.87 9.04
N LYS D 310 -3.41 -5.35 9.66
CA LYS D 310 -3.50 -6.75 10.04
C LYS D 310 -3.77 -7.57 8.79
N GLN D 311 -4.65 -7.07 7.92
CA GLN D 311 -4.93 -7.70 6.63
C GLN D 311 -3.66 -7.90 5.83
N ILE D 312 -2.80 -6.89 5.88
CA ILE D 312 -1.60 -6.83 5.06
C ILE D 312 -0.55 -7.83 5.51
N VAL D 313 -0.22 -7.78 6.79
CA VAL D 313 0.86 -8.59 7.35
C VAL D 313 0.67 -10.08 7.10
N ILE D 314 -0.56 -10.55 7.26
CA ILE D 314 -0.86 -11.98 7.08
C ILE D 314 -0.65 -12.42 5.63
N LYS D 315 -0.87 -11.49 4.68
CA LYS D 315 -0.68 -11.78 3.27
C LYS D 315 0.72 -11.35 2.87
N LEU D 316 1.40 -10.65 3.76
CA LEU D 316 2.80 -10.31 3.56
C LEU D 316 3.64 -11.52 4.02
N ARG D 317 3.21 -12.13 5.12
CA ARG D 317 3.84 -13.33 5.65
C ARG D 317 3.70 -14.54 4.73
N GLU D 318 2.86 -14.41 3.72
CA GLU D 318 2.68 -15.48 2.76
C GLU D 318 3.81 -15.45 1.74
N GLN D 319 4.20 -14.26 1.33
CA GLN D 319 5.28 -14.10 0.38
C GLN D 319 6.63 -14.23 1.08
N PHE D 320 6.64 -13.89 2.36
CA PHE D 320 7.83 -14.04 3.19
C PHE D 320 7.63 -15.20 4.13
N GLU D 321 8.62 -15.41 5.00
CA GLU D 321 8.54 -16.45 5.99
C GLU D 321 7.71 -15.91 7.11
N ASN D 322 7.22 -16.79 7.97
CA ASN D 322 6.36 -16.37 9.07
C ASN D 322 7.09 -15.44 10.04
N LYS D 323 8.34 -15.12 9.71
CA LYS D 323 9.13 -14.17 10.48
C LYS D 323 8.40 -12.83 10.65
N THR D 324 8.50 -12.26 11.85
CA THR D 324 7.80 -11.03 12.22
C THR D 324 8.20 -9.86 11.32
N ILE D 325 7.27 -8.93 11.13
CA ILE D 325 7.46 -7.84 10.17
C ILE D 325 7.41 -6.46 10.83
N VAL D 326 8.11 -5.50 10.22
CA VAL D 326 8.17 -4.14 10.76
C VAL D 326 7.97 -3.09 9.66
N PHE D 327 7.34 -1.98 10.02
CA PHE D 327 7.08 -0.90 9.08
C PHE D 327 7.83 0.36 9.52
N ASN D 328 8.17 1.22 8.55
CA ASN D 328 9.04 2.35 8.84
C ASN D 328 8.83 3.52 7.87
N HIS D 329 9.26 4.71 8.31
CA HIS D 329 9.19 5.90 7.47
C HIS D 329 10.20 5.85 6.33
N SER D 330 9.94 6.60 5.27
CA SER D 330 10.75 6.52 4.06
C SER D 330 12.20 6.96 4.30
N SER D 331 13.13 6.19 3.75
CA SER D 331 14.56 6.44 3.93
C SER D 331 15.03 7.78 3.38
N GLY D 332 14.42 8.24 2.30
CA GLY D 332 14.80 9.51 1.71
C GLY D 332 14.22 9.78 0.33
N GLY D 333 14.45 10.99 -0.16
CA GLY D 333 13.94 11.42 -1.45
C GLY D 333 13.26 12.78 -1.37
N ASP D 334 12.76 13.25 -2.50
CA ASP D 334 12.04 14.50 -2.58
C ASP D 334 10.80 14.48 -1.69
N PRO D 335 10.28 15.65 -1.34
CA PRO D 335 9.04 15.73 -0.56
C PRO D 335 7.93 14.89 -1.19
N GLU D 336 7.92 14.87 -2.52
CA GLU D 336 7.00 14.04 -3.28
C GLU D 336 6.99 12.63 -2.74
N ILE D 337 8.15 11.98 -2.74
CA ILE D 337 8.22 10.59 -2.33
C ILE D 337 8.15 10.42 -0.82
N VAL D 338 8.98 11.16 -0.07
CA VAL D 338 9.05 10.95 1.38
C VAL D 338 7.78 11.33 2.13
N MET D 339 6.81 11.93 1.43
CA MET D 339 5.57 12.31 2.07
C MET D 339 4.37 11.97 1.20
N HIS D 340 3.26 11.62 1.83
CA HIS D 340 2.02 11.33 1.14
C HIS D 340 1.52 12.57 0.42
N SER D 341 1.74 12.63 -0.89
CA SER D 341 1.38 13.80 -1.67
C SER D 341 0.17 13.48 -2.51
N PHE D 342 -0.71 14.48 -2.66
CA PHE D 342 -1.96 14.32 -3.42
C PHE D 342 -2.66 15.66 -3.57
N ASN D 343 -3.61 15.73 -4.50
CA ASN D 343 -4.41 16.93 -4.67
C ASN D 343 -5.73 16.81 -3.94
N CYS D 344 -6.11 17.87 -3.25
CA CYS D 344 -7.37 17.87 -2.51
C CYS D 344 -8.11 19.16 -2.76
N GLY D 345 -9.01 19.15 -3.74
CA GLY D 345 -9.80 20.32 -4.05
C GLY D 345 -9.08 21.37 -4.92
N GLY D 346 -7.93 20.99 -5.46
CA GLY D 346 -7.15 21.89 -6.30
C GLY D 346 -5.80 22.28 -5.73
N GLU D 347 -5.57 21.95 -4.47
CA GLU D 347 -4.31 22.27 -3.80
C GLU D 347 -3.56 20.99 -3.49
N PHE D 348 -2.23 21.03 -3.63
CA PHE D 348 -1.40 19.85 -3.51
C PHE D 348 -0.84 19.65 -2.12
N PHE D 349 -1.15 18.51 -1.52
CA PHE D 349 -0.77 18.20 -0.15
C PHE D 349 0.52 17.42 -0.08
N TYR D 350 1.12 17.39 1.10
CA TYR D 350 2.31 16.59 1.40
C TYR D 350 2.27 16.16 2.86
N CYS D 351 1.52 15.09 3.13
CA CYS D 351 1.34 14.64 4.51
C CYS D 351 2.49 13.80 5.01
N ASN D 352 2.93 14.11 6.22
CA ASN D 352 4.02 13.39 6.87
C ASN D 352 3.56 12.06 7.43
N SER D 353 3.92 10.98 6.74
CA SER D 353 3.33 9.65 6.99
C SER D 353 4.14 8.76 7.93
N THR D 354 4.91 9.37 8.83
CA THR D 354 5.64 8.61 9.84
C THR D 354 4.67 7.81 10.71
N GLN D 355 3.54 8.43 11.02
CA GLN D 355 2.53 7.82 11.89
C GLN D 355 1.99 6.50 11.37
N LEU D 356 1.61 6.47 10.09
CA LEU D 356 0.98 5.29 9.52
C LEU D 356 1.98 4.16 9.35
N PHE D 357 3.26 4.51 9.29
CA PHE D 357 4.31 3.54 9.02
C PHE D 357 5.36 3.54 10.11
N ASN D 358 5.00 2.94 11.23
CA ASN D 358 5.87 2.85 12.39
C ASN D 358 5.23 1.82 13.32
N SER D 359 5.51 0.55 13.05
CA SER D 359 4.84 -0.55 13.76
C SER D 359 5.51 -1.89 13.49
N THR D 360 5.45 -2.79 14.47
CA THR D 360 6.02 -4.12 14.34
C THR D 360 4.97 -5.20 14.62
N TRP D 361 4.70 -6.06 13.64
CA TRP D 361 3.59 -7.00 13.74
C TRP D 361 4.03 -8.46 13.94
N ASN D 362 3.70 -8.99 15.12
CA ASN D 362 4.15 -10.30 15.53
C ASN D 362 3.00 -11.26 15.74
N ASN D 363 3.29 -12.40 16.36
CA ASN D 363 2.26 -13.36 16.75
C ASN D 363 2.25 -13.55 18.26
N ASN D 364 3.39 -13.94 18.83
CA ASN D 364 3.48 -14.21 20.27
C ASN D 364 4.24 -13.12 21.03
N GLY D 373 -10.89 4.29 20.69
CA GLY D 373 -9.70 4.84 21.30
C GLY D 373 -9.46 6.29 20.92
N ASN D 374 -9.12 6.50 19.64
CA ASN D 374 -8.89 7.83 19.09
C ASN D 374 -8.67 7.74 17.58
N THR D 375 -8.19 8.82 16.96
CA THR D 375 -7.91 8.83 15.52
C THR D 375 -6.57 9.48 15.17
N ILE D 376 -6.13 9.29 13.93
CA ILE D 376 -4.85 9.80 13.45
C ILE D 376 -4.98 11.14 12.72
N THR D 377 -4.08 12.07 13.00
CA THR D 377 -4.06 13.38 12.35
C THR D 377 -2.69 13.68 11.78
N LEU D 378 -2.54 13.49 10.47
CA LEU D 378 -1.27 13.68 9.80
C LEU D 378 -1.05 15.12 9.40
N PRO D 379 0.08 15.71 9.81
CA PRO D 379 0.37 17.08 9.39
C PRO D 379 0.65 17.16 7.90
N CYS D 380 0.27 18.26 7.27
CA CYS D 380 0.48 18.40 5.83
C CYS D 380 1.00 19.79 5.50
N ARG D 381 1.85 19.87 4.48
CA ARG D 381 2.30 21.16 3.97
C ARG D 381 1.69 21.35 2.59
N ILE D 382 1.34 22.58 2.26
CA ILE D 382 0.84 22.89 0.92
C ILE D 382 1.96 23.50 0.10
N LYS D 383 2.17 22.95 -1.09
CA LYS D 383 3.05 23.57 -2.06
C LYS D 383 2.22 24.06 -3.25
N GLN D 384 2.68 25.12 -3.89
CA GLN D 384 1.98 25.68 -5.03
C GLN D 384 2.83 25.55 -6.28
N ILE D 385 4.12 25.88 -6.17
CA ILE D 385 5.07 25.62 -7.23
C ILE D 385 5.47 24.16 -7.19
N ILE D 386 4.99 23.38 -8.15
CA ILE D 386 5.27 21.95 -8.16
C ILE D 386 5.77 21.47 -9.52
N ASN D 387 6.46 20.33 -9.51
CA ASN D 387 6.95 19.72 -10.74
C ASN D 387 6.62 18.23 -10.79
N MET D 388 5.43 17.89 -11.26
CA MET D 388 5.06 16.50 -11.48
C MET D 388 5.97 15.93 -12.55
N TRP D 389 6.18 14.62 -12.49
CA TRP D 389 6.95 13.91 -13.50
C TRP D 389 8.39 14.40 -13.65
N GLN D 390 8.77 15.36 -12.81
CA GLN D 390 10.16 15.81 -12.71
C GLN D 390 10.69 16.22 -14.08
N GLU D 391 10.17 17.34 -14.57
CA GLU D 391 10.46 17.75 -15.94
C GLU D 391 11.66 18.68 -16.04
N ILE D 392 12.05 18.99 -17.27
CA ILE D 392 13.26 19.75 -17.55
C ILE D 392 13.10 21.25 -17.31
N GLY D 393 13.38 21.69 -16.10
CA GLY D 393 13.26 23.11 -15.75
C GLY D 393 11.87 23.61 -16.07
N LYS D 394 10.88 22.75 -15.86
CA LYS D 394 9.49 23.07 -16.14
C LYS D 394 8.65 22.84 -14.89
N ALA D 395 8.23 23.93 -14.27
CA ALA D 395 7.44 23.86 -13.05
C ALA D 395 6.07 24.49 -13.23
N MET D 396 5.14 24.14 -12.35
CA MET D 396 3.78 24.62 -12.43
C MET D 396 3.36 25.29 -11.13
N TYR D 397 2.83 26.50 -11.22
CA TYR D 397 2.29 27.18 -10.05
C TYR D 397 0.78 27.04 -10.01
N ALA D 398 0.29 26.24 -9.07
CA ALA D 398 -1.14 26.17 -8.83
C ALA D 398 -1.58 27.43 -8.09
N PRO D 399 -2.50 28.20 -8.69
CA PRO D 399 -3.01 29.37 -7.98
C PRO D 399 -3.77 28.91 -6.74
N PRO D 400 -3.90 29.76 -5.73
CA PRO D 400 -4.61 29.33 -4.53
C PRO D 400 -6.10 29.22 -4.78
N ILE D 401 -6.74 28.23 -4.16
CA ILE D 401 -8.17 28.07 -4.27
C ILE D 401 -8.84 28.96 -3.22
N ARG D 402 -9.89 29.66 -3.61
CA ARG D 402 -10.62 30.53 -2.69
C ARG D 402 -11.18 29.77 -1.51
N GLY D 403 -11.10 30.37 -0.33
CA GLY D 403 -11.68 29.79 0.87
C GLY D 403 -10.95 28.55 1.35
N GLN D 404 -11.65 27.73 2.12
CA GLN D 404 -11.09 26.49 2.66
C GLN D 404 -11.51 25.31 1.81
N ILE D 405 -10.73 24.24 1.88
CA ILE D 405 -11.03 23.05 1.10
C ILE D 405 -10.95 21.79 1.95
N ARG D 406 -11.92 20.90 1.76
CA ARG D 406 -12.00 19.66 2.52
C ARG D 406 -12.44 18.51 1.61
N CYS D 407 -11.60 17.49 1.50
CA CYS D 407 -11.89 16.37 0.60
C CYS D 407 -11.69 15.03 1.30
N SER D 408 -12.32 13.98 0.76
CA SER D 408 -12.32 12.67 1.38
C SER D 408 -11.95 11.54 0.43
N SER D 409 -10.78 10.95 0.63
CA SER D 409 -10.32 9.89 -0.25
C SER D 409 -10.48 8.50 0.37
N ASN D 410 -10.56 7.49 -0.48
CA ASN D 410 -10.55 6.11 -0.04
C ASN D 410 -9.19 5.48 -0.29
N ILE D 411 -8.47 5.12 0.76
CA ILE D 411 -7.25 4.37 0.54
C ILE D 411 -7.64 2.98 0.05
N THR D 412 -7.13 2.62 -1.13
CA THR D 412 -7.49 1.38 -1.79
C THR D 412 -6.29 0.45 -1.86
N GLY D 413 -5.14 0.96 -1.44
CA GLY D 413 -3.91 0.21 -1.48
C GLY D 413 -2.76 1.15 -1.28
N LEU D 414 -1.54 0.65 -1.44
CA LEU D 414 -0.35 1.47 -1.24
C LEU D 414 0.88 0.78 -1.81
N LEU D 415 2.04 1.42 -1.70
CA LEU D 415 3.28 0.91 -2.26
C LEU D 415 4.37 0.81 -1.20
N LEU D 416 5.02 -0.35 -1.12
CA LEU D 416 6.07 -0.58 -0.15
C LEU D 416 7.41 -0.88 -0.82
N THR D 417 8.49 -0.64 -0.07
CA THR D 417 9.84 -0.91 -0.55
C THR D 417 10.66 -1.58 0.56
N ARG D 418 11.17 -2.78 0.27
CA ARG D 418 11.89 -3.56 1.26
C ARG D 418 13.33 -3.10 1.41
N ASP D 419 13.90 -3.31 2.60
CA ASP D 419 15.30 -3.00 2.85
C ASP D 419 16.15 -4.26 2.70
N GLY D 420 16.83 -4.35 1.56
CA GLY D 420 17.58 -5.54 1.20
C GLY D 420 18.91 -5.74 1.89
N CYS D 421 18.88 -5.90 3.21
CA CYS D 421 20.05 -6.24 4.00
C CYS D 421 19.60 -6.94 5.28
N ILE D 422 19.06 -8.15 5.12
CA ILE D 422 18.41 -8.88 6.20
C ILE D 422 19.28 -8.97 7.47
N ASN D 423 18.65 -8.78 8.62
CA ASN D 423 19.36 -8.68 9.88
C ASN D 423 18.88 -9.72 10.88
N GLU D 424 19.68 -9.96 11.93
CA GLU D 424 19.33 -10.94 12.95
C GLU D 424 18.05 -10.51 13.65
N ASN D 425 18.11 -9.36 14.31
CA ASN D 425 16.90 -8.76 14.87
C ASN D 425 15.97 -8.43 13.71
N GLY D 426 16.37 -7.44 12.91
CA GLY D 426 15.64 -7.06 11.72
C GLY D 426 14.20 -6.66 11.98
N THR D 427 13.26 -7.44 11.46
CA THR D 427 13.58 -8.62 10.64
C THR D 427 13.53 -8.29 9.15
N GLU D 428 12.39 -7.75 8.70
CA GLU D 428 12.26 -7.28 7.32
C GLU D 428 11.46 -5.98 7.31
N ILE D 429 12.07 -4.93 6.76
CA ILE D 429 11.52 -3.58 6.82
C ILE D 429 10.81 -3.19 5.52
N PHE D 430 9.70 -2.48 5.65
CA PHE D 430 8.94 -2.03 4.49
C PHE D 430 8.49 -0.58 4.66
N ARG D 431 9.08 0.31 3.86
CA ARG D 431 8.76 1.74 3.92
C ARG D 431 8.01 2.16 2.67
N PRO D 432 7.20 3.24 2.76
CA PRO D 432 6.40 3.73 1.63
C PRO D 432 7.24 4.06 0.40
N GLY D 433 7.07 3.26 -0.64
CA GLY D 433 7.71 3.52 -1.92
C GLY D 433 7.00 4.64 -2.66
N GLY D 434 7.30 4.78 -3.95
CA GLY D 434 6.64 5.79 -4.76
C GLY D 434 7.60 6.75 -5.41
N GLY D 435 8.65 6.21 -6.02
CA GLY D 435 9.59 7.00 -6.77
C GLY D 435 9.05 7.14 -8.18
N ASP D 436 8.72 6.01 -8.79
CA ASP D 436 8.19 6.00 -10.15
C ASP D 436 6.66 6.06 -10.16
N MET D 437 6.12 6.51 -11.28
CA MET D 437 4.68 6.73 -11.41
C MET D 437 3.98 5.63 -12.19
N ARG D 438 4.77 4.78 -12.84
CA ARG D 438 4.23 3.73 -13.70
C ARG D 438 3.44 2.68 -12.91
N ASP D 439 3.56 2.70 -11.60
CA ASP D 439 2.91 1.67 -10.80
C ASP D 439 1.49 2.07 -10.47
N ASN D 440 1.26 3.37 -10.39
CA ASN D 440 -0.08 3.91 -10.17
C ASN D 440 -1.05 3.32 -11.17
N TRP D 441 -0.56 3.13 -12.39
CA TRP D 441 -1.35 2.61 -13.50
C TRP D 441 -1.35 1.10 -13.53
N ARG D 442 -0.23 0.49 -13.14
CA ARG D 442 -0.15 -0.96 -13.01
C ARG D 442 -1.14 -1.47 -11.98
N SER D 443 -1.30 -0.71 -10.90
CA SER D 443 -2.21 -1.04 -9.80
C SER D 443 -3.65 -1.25 -10.24
N GLU D 444 -3.99 -0.66 -11.37
CA GLU D 444 -5.33 -0.78 -11.94
C GLU D 444 -5.34 -1.52 -13.27
N LEU D 445 -4.36 -1.25 -14.12
CA LEU D 445 -4.27 -1.87 -15.44
C LEU D 445 -3.68 -3.28 -15.43
N TYR D 446 -3.56 -3.88 -14.24
CA TYR D 446 -3.01 -5.22 -14.10
C TYR D 446 -3.97 -6.25 -14.67
N LYS D 447 -5.26 -5.94 -14.53
CA LYS D 447 -6.34 -6.84 -14.91
C LYS D 447 -6.38 -7.12 -16.41
N TYR D 448 -5.79 -6.21 -17.19
CA TYR D 448 -5.99 -6.19 -18.63
C TYR D 448 -4.72 -6.47 -19.45
N LYS D 449 -4.92 -6.79 -20.72
CA LYS D 449 -3.84 -6.92 -21.70
C LYS D 449 -4.40 -6.76 -23.11
N VAL D 450 -3.54 -6.32 -24.01
CA VAL D 450 -3.91 -6.05 -25.40
C VAL D 450 -3.42 -7.14 -26.34
N VAL D 451 -4.25 -7.51 -27.31
CA VAL D 451 -3.84 -8.45 -28.37
C VAL D 451 -4.28 -8.00 -29.76
N LYS D 452 -3.62 -8.53 -30.79
CA LYS D 452 -3.96 -8.22 -32.17
C LYS D 452 -4.65 -9.40 -32.82
N ILE D 453 -5.83 -9.14 -33.39
CA ILE D 453 -6.61 -10.20 -34.01
C ILE D 453 -6.08 -10.53 -35.41
N GLU D 454 -6.02 -11.83 -35.72
CA GLU D 454 -5.54 -12.28 -37.02
C GLU D 454 -6.52 -13.29 -37.63
N PRO D 455 -7.56 -12.77 -38.31
CA PRO D 455 -8.76 -13.49 -38.76
C PRO D 455 -8.54 -14.46 -39.91
N LEU D 456 -7.38 -14.37 -40.55
CA LEU D 456 -7.05 -15.25 -41.67
C LEU D 456 -6.32 -16.49 -41.18
N GLY D 457 -6.73 -17.67 -41.67
CA GLY D 457 -6.12 -18.92 -41.26
C GLY D 457 -6.35 -20.02 -42.26
N VAL D 458 -5.31 -20.79 -42.55
CA VAL D 458 -5.38 -21.84 -43.56
C VAL D 458 -5.40 -23.23 -42.92
N ALA D 459 -6.27 -24.10 -43.44
CA ALA D 459 -6.42 -25.43 -42.87
C ALA D 459 -6.87 -26.44 -43.92
N PRO D 460 -6.38 -27.69 -43.83
CA PRO D 460 -6.71 -28.74 -44.80
C PRO D 460 -8.05 -29.40 -44.56
N THR D 461 -8.85 -29.45 -45.62
CA THR D 461 -10.07 -30.23 -45.61
C THR D 461 -10.24 -30.71 -47.06
N LYS D 462 -10.73 -31.95 -47.20
CA LYS D 462 -10.78 -32.56 -48.52
C LYS D 462 -11.75 -31.83 -49.43
N CYS D 463 -11.19 -30.93 -50.23
CA CYS D 463 -11.95 -30.13 -51.18
C CYS D 463 -11.01 -29.42 -52.12
N LYS D 464 -11.16 -29.67 -53.42
CA LYS D 464 -10.29 -29.07 -54.42
C LYS D 464 -10.98 -27.87 -55.05
N ARG D 465 -10.22 -27.05 -55.76
CA ARG D 465 -10.76 -25.80 -56.29
C ARG D 465 -11.52 -26.01 -57.60
N ARG D 466 -12.37 -27.03 -57.63
CA ARG D 466 -13.39 -27.24 -58.66
C ARG D 466 -12.97 -26.89 -60.08
N VAL D 467 -11.82 -27.42 -60.51
CA VAL D 467 -11.33 -27.16 -61.86
C VAL D 467 -11.05 -28.48 -62.59
N VAL D 468 -11.89 -29.48 -62.37
CA VAL D 468 -11.79 -30.73 -63.11
C VAL D 468 -12.37 -30.52 -64.51
N GLY D 469 -13.08 -29.40 -64.68
CA GLY D 469 -13.60 -28.96 -65.96
C GLY D 469 -13.51 -27.44 -66.04
N ARG D 470 -13.48 -26.90 -67.25
CA ARG D 470 -13.38 -25.46 -67.44
C ARG D 470 -14.38 -24.98 -68.50
N GLN E 1 -16.78 33.26 53.38
CA GLN E 1 -16.57 34.59 52.84
C GLN E 1 -15.11 34.78 52.41
N VAL E 2 -14.92 35.38 51.24
CA VAL E 2 -13.57 35.58 50.69
C VAL E 2 -13.39 37.02 50.21
N HIS E 3 -12.31 37.66 50.65
CA HIS E 3 -11.99 39.03 50.25
C HIS E 3 -10.54 39.40 50.58
N LEU E 4 -10.15 40.63 50.23
CA LEU E 4 -8.76 41.06 50.41
C LEU E 4 -8.62 42.57 50.46
N GLN E 5 -7.41 43.04 50.80
CA GLN E 5 -7.10 44.47 50.82
C GLN E 5 -5.60 44.70 50.70
N GLU E 6 -5.23 45.83 50.08
CA GLU E 6 -3.83 46.15 49.83
C GLU E 6 -3.41 47.40 50.58
N SER E 7 -2.10 47.61 50.68
CA SER E 7 -1.57 48.79 51.36
C SER E 7 -0.38 49.38 50.60
N GLY E 8 -0.05 50.63 50.93
CA GLY E 8 1.04 51.33 50.29
C GLY E 8 1.54 52.53 51.06
N PRO E 9 2.53 53.24 50.50
CA PRO E 9 3.13 54.43 51.11
C PRO E 9 2.40 55.72 50.78
N GLY E 10 1.78 55.80 49.61
CA GLY E 10 1.06 56.99 49.19
C GLY E 10 1.88 57.91 48.33
N LEU E 11 3.08 58.26 48.81
CA LEU E 11 3.98 59.17 48.10
C LEU E 11 5.38 58.58 47.93
N VAL E 12 6.01 58.88 46.79
CA VAL E 12 7.40 58.48 46.56
C VAL E 12 8.13 59.46 45.64
N LYS E 13 9.36 59.80 46.01
CA LYS E 13 10.24 60.62 45.19
C LYS E 13 10.53 59.88 43.89
N PRO E 14 11.00 60.59 42.84
CA PRO E 14 11.30 59.94 41.56
C PRO E 14 12.25 58.73 41.67
N SER E 15 13.25 58.80 42.54
CA SER E 15 14.14 57.67 42.73
C SER E 15 13.52 56.67 43.70
N GLU E 16 14.21 55.57 43.95
CA GLU E 16 13.81 54.50 44.89
C GLU E 16 12.73 53.55 44.36
N THR E 17 12.38 52.57 45.19
CA THR E 17 11.46 51.49 44.80
C THR E 17 10.10 51.61 45.48
N LEU E 18 9.04 51.53 44.67
CA LEU E 18 7.68 51.51 45.17
C LEU E 18 7.32 50.10 45.65
N SER E 19 7.25 49.91 46.96
CA SER E 19 6.93 48.61 47.53
C SER E 19 5.49 48.55 48.02
N LEU E 20 4.79 47.47 47.68
CA LEU E 20 3.40 47.30 48.12
C LEU E 20 3.14 45.92 48.70
N THR E 21 1.94 45.74 49.24
CA THR E 21 1.51 44.47 49.82
C THR E 21 0.00 44.29 49.62
N CYS E 22 -0.49 43.08 49.87
CA CYS E 22 -1.90 42.77 49.64
C CYS E 22 -2.36 41.60 50.49
N ASN E 23 -3.07 41.90 51.57
CA ASN E 23 -3.60 40.87 52.47
C ASN E 23 -4.57 39.94 51.75
N VAL E 24 -4.68 38.70 52.23
CA VAL E 24 -5.62 37.74 51.66
C VAL E 24 -6.45 37.11 52.78
N SER E 25 -7.72 36.83 52.49
CA SER E 25 -8.63 36.25 53.48
C SER E 25 -9.77 35.48 52.84
N GLY E 26 -9.98 34.26 53.30
CA GLY E 26 -11.03 33.41 52.78
C GLY E 26 -10.50 32.23 51.98
N THR E 27 -9.43 32.49 51.23
CA THR E 27 -8.78 31.44 50.42
C THR E 27 -7.25 31.55 50.52
N LEU E 28 -6.57 30.48 50.13
CA LEU E 28 -5.12 30.39 50.25
C LEU E 28 -4.41 31.14 49.12
N VAL E 29 -3.22 31.66 49.40
CA VAL E 29 -2.48 32.48 48.45
C VAL E 29 -1.83 31.62 47.37
N ARG E 30 -1.54 30.36 47.69
CA ARG E 30 -0.90 29.45 46.74
C ARG E 30 -1.84 29.11 45.59
N ASP E 31 -3.04 28.69 45.94
CA ASP E 31 -4.01 28.15 44.99
C ASP E 31 -4.30 29.08 43.82
N ASN E 32 -4.30 30.38 44.07
CA ASN E 32 -4.68 31.36 43.06
C ASN E 32 -3.52 31.87 42.23
N TYR E 33 -3.84 32.34 41.03
CA TYR E 33 -2.90 33.06 40.19
C TYR E 33 -3.17 34.53 40.46
N TRP E 34 -2.15 35.28 40.83
CA TRP E 34 -2.35 36.67 41.29
C TRP E 34 -1.91 37.69 40.26
N SER E 35 -2.55 38.87 40.26
CA SER E 35 -2.25 39.92 39.28
C SER E 35 -2.42 41.33 39.85
N TRP E 36 -1.39 42.17 39.68
CA TRP E 36 -1.44 43.57 40.10
C TRP E 36 -1.82 44.48 38.94
N ILE E 37 -2.73 45.43 39.19
CA ILE E 37 -3.18 46.34 38.16
C ILE E 37 -3.10 47.79 38.63
N ARG E 38 -2.68 48.70 37.74
CA ARG E 38 -2.67 50.11 38.08
C ARG E 38 -3.50 50.93 37.09
N GLN E 39 -4.10 52.01 37.59
CA GLN E 39 -4.92 52.88 36.75
C GLN E 39 -4.78 54.34 37.18
N PRO E 40 -4.30 55.20 36.28
CA PRO E 40 -4.24 56.63 36.57
C PRO E 40 -5.65 57.21 36.63
N LEU E 41 -5.77 58.45 37.11
CA LEU E 41 -7.05 59.11 37.16
C LEU E 41 -7.57 59.32 35.74
N GLY E 42 -8.72 58.72 35.44
CA GLY E 42 -9.35 58.90 34.15
C GLY E 42 -8.92 57.90 33.09
N LYS E 43 -7.64 57.55 33.08
CA LYS E 43 -7.11 56.64 32.07
C LYS E 43 -7.60 55.20 32.29
N GLN E 44 -7.31 54.34 31.33
CA GLN E 44 -7.75 52.94 31.37
C GLN E 44 -6.84 52.08 32.25
N PRO E 45 -7.38 50.99 32.82
CA PRO E 45 -6.61 50.08 33.66
C PRO E 45 -5.44 49.45 32.91
N GLU E 46 -4.32 49.26 33.60
CA GLU E 46 -3.14 48.70 32.96
C GLU E 46 -2.60 47.48 33.70
N TRP E 47 -2.72 46.33 33.05
CA TRP E 47 -2.19 45.07 33.56
C TRP E 47 -0.68 45.17 33.71
N ILE E 48 -0.18 44.77 34.87
CA ILE E 48 1.26 44.90 35.16
C ILE E 48 1.98 43.56 35.09
N GLY E 49 1.36 42.51 35.61
CA GLY E 49 1.96 41.20 35.59
C GLY E 49 1.26 40.22 36.52
N TYR E 50 1.61 38.95 36.40
CA TYR E 50 1.00 37.92 37.23
C TYR E 50 2.02 36.96 37.83
N VAL E 51 1.56 36.08 38.72
CA VAL E 51 2.45 35.27 39.54
C VAL E 51 1.74 34.06 40.17
N HIS E 52 2.46 32.94 40.26
CA HIS E 52 1.98 31.78 40.98
C HIS E 52 3.09 31.25 41.89
N ASP E 53 2.69 30.52 42.93
CA ASP E 53 3.60 29.99 43.95
C ASP E 53 4.90 29.41 43.41
N SER E 54 4.82 28.71 42.29
CA SER E 54 5.97 28.04 41.71
C SER E 54 7.08 28.98 41.27
N GLY E 55 6.77 30.27 41.16
CA GLY E 55 7.72 31.24 40.65
C GLY E 55 7.42 31.52 39.21
N ASP E 56 6.35 30.90 38.72
CA ASP E 56 5.79 31.19 37.41
C ASP E 56 5.33 32.65 37.42
N THR E 57 6.18 33.53 36.90
CA THR E 57 5.99 34.96 37.05
C THR E 57 6.42 35.79 35.83
N ASN E 58 5.44 36.27 35.07
CA ASN E 58 5.70 37.09 33.89
C ASN E 58 5.11 38.49 34.05
N TYR E 59 5.75 39.48 33.42
CA TYR E 59 5.33 40.87 33.57
C TYR E 59 4.86 41.50 32.26
N ASN E 60 4.24 42.67 32.39
CA ASN E 60 4.00 43.58 31.27
C ASN E 60 5.33 43.85 30.57
N PRO E 61 5.33 43.82 29.22
CA PRO E 61 6.56 44.04 28.46
C PRO E 61 7.19 45.42 28.66
N SER E 62 6.37 46.46 28.73
CA SER E 62 6.85 47.82 28.88
C SER E 62 7.61 48.00 30.19
N LEU E 63 6.92 47.76 31.30
CA LEU E 63 7.47 48.00 32.62
C LEU E 63 8.34 46.85 33.12
N LYS E 64 8.64 45.91 32.23
CA LYS E 64 9.29 44.66 32.62
C LYS E 64 10.63 44.84 33.32
N SER E 65 11.39 45.84 32.90
CA SER E 65 12.73 46.06 33.44
C SER E 65 12.69 46.61 34.86
N ARG E 66 11.54 47.14 35.27
CA ARG E 66 11.44 47.81 36.55
C ARG E 66 10.73 46.97 37.60
N VAL E 67 9.61 46.36 37.21
CA VAL E 67 8.74 45.64 38.13
C VAL E 67 9.37 44.35 38.65
N HIS E 68 9.12 44.03 39.93
CA HIS E 68 9.59 42.78 40.52
C HIS E 68 8.58 42.26 41.56
N LEU E 69 7.93 41.15 41.23
CA LEU E 69 6.85 40.59 42.06
C LEU E 69 7.30 39.38 42.89
N SER E 70 6.48 39.03 43.89
CA SER E 70 6.75 37.87 44.75
C SER E 70 5.58 37.59 45.69
N LEU E 71 5.62 36.42 46.33
CA LEU E 71 4.60 36.00 47.30
C LEU E 71 5.25 35.64 48.64
N ASP E 72 4.47 35.01 49.52
CA ASP E 72 4.97 34.53 50.82
C ASP E 72 3.95 33.62 51.48
N LYS E 73 4.38 32.42 51.89
CA LYS E 73 3.48 31.47 52.53
C LYS E 73 3.12 31.90 53.95
N SER E 74 4.11 32.44 54.67
CA SER E 74 3.90 32.88 56.04
C SER E 74 2.91 34.04 56.12
N LYS E 75 3.27 35.17 55.53
CA LYS E 75 2.45 36.38 55.58
C LYS E 75 1.22 36.29 54.68
N ASN E 76 1.32 35.46 53.63
CA ASN E 76 0.24 35.27 52.66
C ASN E 76 -0.23 36.58 52.06
N LEU E 77 0.58 37.10 51.13
CA LEU E 77 0.32 38.37 50.49
C LEU E 77 0.79 38.39 49.05
N VAL E 78 0.59 39.51 48.38
CA VAL E 78 1.14 39.71 47.04
C VAL E 78 2.07 40.92 47.08
N SER E 79 3.37 40.67 47.08
CA SER E 79 4.35 41.72 47.28
C SER E 79 4.90 42.28 45.96
N LEU E 80 4.44 43.47 45.59
CA LEU E 80 4.95 44.15 44.41
C LEU E 80 6.11 45.07 44.77
N ARG E 81 7.04 45.24 43.84
CA ARG E 81 8.15 46.17 44.03
C ARG E 81 8.54 46.81 42.71
N LEU E 82 8.11 48.05 42.51
CA LEU E 82 8.41 48.79 41.29
C LEU E 82 9.55 49.75 41.51
N THR E 83 10.68 49.49 40.85
CA THR E 83 11.86 50.31 41.03
C THR E 83 12.00 51.37 39.94
N GLY E 84 12.71 52.46 40.28
CA GLY E 84 12.93 53.57 39.36
C GLY E 84 11.63 54.21 38.92
N VAL E 85 10.87 54.73 39.87
CA VAL E 85 9.55 55.28 39.59
C VAL E 85 9.64 56.62 38.87
N THR E 86 8.50 57.09 38.38
CA THR E 86 8.44 58.32 37.59
C THR E 86 7.10 58.99 37.83
N ALA E 87 6.99 60.26 37.47
CA ALA E 87 5.73 61.00 37.57
C ALA E 87 4.59 60.22 36.94
N ALA E 88 4.86 59.60 35.79
CA ALA E 88 3.88 58.82 35.08
C ALA E 88 3.34 57.65 35.91
N ASP E 89 4.16 57.18 36.86
CA ASP E 89 3.79 56.02 37.67
C ASP E 89 2.75 56.34 38.74
N SER E 90 2.37 57.61 38.85
CA SER E 90 1.35 58.01 39.81
C SER E 90 -0.01 57.49 39.40
N ALA E 91 -0.54 56.54 40.16
CA ALA E 91 -1.83 55.92 39.86
C ALA E 91 -2.35 55.14 41.06
N ILE E 92 -3.55 54.60 40.94
CA ILE E 92 -4.11 53.75 42.00
C ILE E 92 -3.91 52.29 41.63
N TYR E 93 -3.35 51.52 42.55
CA TYR E 93 -2.89 50.16 42.27
C TYR E 93 -3.80 49.10 42.90
N TYR E 94 -4.44 48.28 42.08
CA TYR E 94 -5.39 47.28 42.58
C TYR E 94 -4.77 45.89 42.68
N CYS E 95 -5.34 45.08 43.59
CA CYS E 95 -4.91 43.70 43.80
C CYS E 95 -6.07 42.77 43.43
N ALA E 96 -5.78 41.67 42.73
CA ALA E 96 -6.86 40.82 42.22
C ALA E 96 -6.47 39.37 41.88
N THR E 97 -7.33 38.44 42.33
CA THR E 97 -7.22 37.04 41.94
C THR E 97 -7.35 36.90 40.43
N THR E 98 -6.84 35.80 39.88
CA THR E 98 -6.96 35.56 38.45
C THR E 98 -7.32 34.12 38.13
N LYS E 99 -8.32 33.97 37.26
CA LYS E 99 -8.74 32.66 36.78
C LYS E 99 -8.36 32.51 35.32
N HIS E 100 -7.95 31.30 34.95
CA HIS E 100 -7.43 31.06 33.60
C HIS E 100 -8.28 30.05 32.84
N GLY E 101 -8.21 30.11 31.51
CA GLY E 101 -8.97 29.21 30.67
C GLY E 101 -8.28 28.88 29.36
N ARG E 102 -8.63 27.72 28.79
CA ARG E 102 -8.12 27.33 27.48
C ARG E 102 -9.07 27.81 26.41
N ARG E 103 -8.51 28.28 25.30
CA ARG E 103 -9.32 28.66 24.17
C ARG E 103 -8.81 27.97 22.90
N ILE E 104 -9.24 26.73 22.72
CA ILE E 104 -8.84 25.92 21.57
C ILE E 104 -9.65 26.33 20.34
N TYR E 105 -8.97 26.77 19.30
CA TYR E 105 -9.65 27.20 18.09
C TYR E 105 -9.41 26.23 16.93
N GLY E 106 -8.22 25.66 16.87
CA GLY E 106 -7.87 24.75 15.81
C GLY E 106 -7.75 23.32 16.29
N VAL E 107 -6.51 22.82 16.32
CA VAL E 107 -6.24 21.47 16.80
C VAL E 107 -5.26 21.51 17.96
N VAL E 108 -5.69 20.97 19.09
CA VAL E 108 -4.91 20.98 20.32
C VAL E 108 -3.56 20.27 20.15
N ALA E 109 -3.52 19.32 19.21
CA ALA E 109 -2.33 18.51 18.99
C ALA E 109 -1.07 19.32 18.66
N PHE E 110 -1.21 20.37 17.87
CA PHE E 110 -0.09 21.23 17.53
C PHE E 110 -0.41 22.68 17.86
N LYS E 111 -0.31 23.01 19.15
CA LYS E 111 -0.74 24.31 19.66
C LYS E 111 -2.16 24.61 19.18
N GLU E 112 -2.29 25.61 18.32
CA GLU E 112 -3.61 26.03 17.82
C GLU E 112 -4.62 26.23 18.94
N TRP E 113 -4.17 26.87 20.02
CA TRP E 113 -5.01 27.27 21.13
C TRP E 113 -4.33 28.45 21.81
N PHE E 114 -5.10 29.37 22.38
CA PHE E 114 -4.48 30.42 23.17
C PHE E 114 -5.05 30.42 24.57
N THR E 115 -4.18 30.74 25.52
CA THR E 115 -4.50 30.72 26.94
C THR E 115 -4.70 32.13 27.48
N TYR E 116 -5.89 32.38 28.02
CA TYR E 116 -6.30 33.73 28.41
C TYR E 116 -6.64 33.82 29.90
N PHE E 117 -6.44 35.01 30.47
CA PHE E 117 -6.66 35.24 31.90
C PHE E 117 -7.75 36.27 32.14
N TYR E 118 -8.45 36.13 33.26
CA TYR E 118 -9.41 37.14 33.70
C TYR E 118 -9.46 37.19 35.24
N MET E 119 -9.56 38.41 35.78
CA MET E 119 -9.46 38.64 37.22
C MET E 119 -10.83 38.84 37.87
N ASP E 120 -11.24 37.86 38.67
CA ASP E 120 -12.63 37.74 39.12
C ASP E 120 -13.05 38.70 40.24
N VAL E 121 -12.18 38.99 41.20
CA VAL E 121 -12.55 39.89 42.29
C VAL E 121 -11.37 40.72 42.77
N TRP E 122 -11.53 42.04 42.71
CA TRP E 122 -10.44 42.99 42.94
C TRP E 122 -10.37 43.44 44.38
N GLY E 123 -9.38 44.27 44.68
CA GLY E 123 -9.24 44.87 46.00
C GLY E 123 -10.03 46.15 46.08
N LYS E 124 -9.60 47.07 46.93
CA LYS E 124 -10.28 48.34 47.09
C LYS E 124 -9.57 49.43 46.29
N GLY E 125 -8.24 49.39 46.29
CA GLY E 125 -7.43 50.36 45.59
C GLY E 125 -6.49 51.10 46.53
N THR E 126 -5.24 51.21 46.13
CA THR E 126 -4.25 51.94 46.91
C THR E 126 -3.67 53.07 46.09
N SER E 127 -3.74 54.28 46.64
CA SER E 127 -3.30 55.47 45.93
C SER E 127 -1.78 55.65 45.96
N VAL E 128 -1.22 56.08 44.84
CA VAL E 128 0.20 56.35 44.72
C VAL E 128 0.46 57.72 44.10
N THR E 129 1.37 58.48 44.69
CA THR E 129 1.77 59.77 44.15
C THR E 129 3.28 59.78 43.96
N VAL E 130 3.74 60.33 42.84
CA VAL E 130 5.17 60.44 42.59
C VAL E 130 5.58 61.90 42.41
N SER E 131 5.84 62.57 43.54
CA SER E 131 6.19 63.98 43.51
C SER E 131 7.47 64.25 44.27
N SER E 132 8.20 65.27 43.81
CA SER E 132 9.42 65.72 44.48
C SER E 132 9.13 66.21 45.89
N ALA E 133 8.06 66.99 46.04
CA ALA E 133 7.68 67.62 47.30
C ALA E 133 7.46 66.61 48.42
N SER E 134 7.67 67.05 49.66
CA SER E 134 7.51 66.21 50.83
C SER E 134 6.12 66.34 51.46
N THR E 135 5.85 65.51 52.46
CA THR E 135 4.51 65.32 53.02
C THR E 135 4.15 66.31 54.12
N LYS E 136 2.90 66.76 54.12
CA LYS E 136 2.34 67.52 55.22
C LYS E 136 1.05 66.87 55.74
N GLY E 137 0.89 66.84 57.06
CA GLY E 137 -0.33 66.39 57.68
C GLY E 137 -1.35 67.51 57.72
N PRO E 138 -2.64 67.17 57.77
CA PRO E 138 -3.69 68.19 57.69
C PRO E 138 -3.86 69.04 58.95
N SER E 139 -4.39 70.23 58.77
CA SER E 139 -4.81 71.08 59.88
C SER E 139 -6.31 70.89 60.04
N VAL E 140 -6.74 70.40 61.20
CA VAL E 140 -8.14 70.01 61.37
C VAL E 140 -8.92 70.92 62.31
N PHE E 141 -9.98 71.52 61.77
CA PHE E 141 -10.87 72.39 62.52
C PHE E 141 -12.31 71.93 62.34
N PRO E 142 -13.11 71.98 63.41
CA PRO E 142 -14.51 71.58 63.33
C PRO E 142 -15.38 72.72 62.82
N LEU E 143 -16.58 72.40 62.33
CA LEU E 143 -17.48 73.43 61.81
C LEU E 143 -18.49 73.89 62.86
N ALA E 144 -19.30 74.89 62.51
CA ALA E 144 -20.33 75.39 63.40
C ALA E 144 -21.71 74.99 62.89
N PRO E 145 -22.35 74.00 63.55
CA PRO E 145 -23.65 73.45 63.11
C PRO E 145 -24.82 74.43 63.24
N SER E 146 -24.95 75.07 64.39
CA SER E 146 -26.09 75.95 64.65
C SER E 146 -25.92 77.37 64.11
N SER E 147 -26.98 77.86 63.48
CA SER E 147 -27.04 79.24 62.96
C SER E 147 -25.79 79.65 62.18
N GLY E 152 -36.21 74.63 64.05
CA GLY E 152 -37.30 73.84 64.58
C GLY E 152 -36.86 72.43 64.98
N GLY E 153 -36.82 71.54 64.00
CA GLY E 153 -36.48 70.14 64.25
C GLY E 153 -35.55 69.53 63.22
N THR E 154 -34.85 70.38 62.47
CA THR E 154 -33.93 69.91 61.44
C THR E 154 -32.61 70.67 61.53
N ALA E 155 -31.49 70.00 61.23
CA ALA E 155 -30.18 70.64 61.31
C ALA E 155 -29.07 69.90 60.56
N ALA E 156 -27.90 70.53 60.49
CA ALA E 156 -26.72 69.99 59.80
C ALA E 156 -25.42 70.35 60.54
N LEU E 157 -24.33 69.62 60.28
CA LEU E 157 -23.09 69.76 61.04
C LEU E 157 -21.88 69.20 60.29
N GLY E 158 -20.68 69.76 60.54
CA GLY E 158 -19.48 69.35 59.79
C GLY E 158 -18.10 69.46 60.44
N CYS E 159 -17.06 69.25 59.63
CA CYS E 159 -15.66 69.20 60.08
C CYS E 159 -14.69 69.45 58.91
N LEU E 160 -13.75 70.38 59.09
CA LEU E 160 -12.87 70.81 57.98
C LEU E 160 -11.44 70.31 58.11
N VAL E 161 -10.96 69.65 57.05
CA VAL E 161 -9.61 69.10 56.98
C VAL E 161 -8.83 69.80 55.88
N LYS E 162 -7.65 70.34 56.19
CA LYS E 162 -6.96 71.12 55.15
C LYS E 162 -5.43 71.15 55.18
N ASP E 163 -4.88 71.55 54.03
CA ASP E 163 -3.45 71.75 53.82
C ASP E 163 -2.63 70.48 54.04
N TYR E 164 -2.72 69.54 53.11
CA TYR E 164 -1.94 68.31 53.23
C TYR E 164 -1.47 67.75 51.90
N PHE E 165 -0.61 66.75 51.98
CA PHE E 165 -0.01 66.11 50.82
C PHE E 165 0.49 64.75 51.28
N PRO E 166 0.10 63.67 50.57
CA PRO E 166 -0.80 63.65 49.41
C PRO E 166 -2.22 63.23 49.78
N GLU E 167 -3.02 62.99 48.75
CA GLU E 167 -4.26 62.24 48.90
C GLU E 167 -3.86 60.78 49.07
N PRO E 168 -4.68 59.98 49.77
CA PRO E 168 -5.99 60.33 50.34
C PRO E 168 -5.99 60.50 51.86
N VAL E 169 -7.09 61.03 52.37
CA VAL E 169 -7.33 61.17 53.79
C VAL E 169 -8.60 60.43 54.15
N THR E 170 -8.62 59.80 55.32
CA THR E 170 -9.79 59.09 55.79
C THR E 170 -10.51 59.89 56.88
N VAL E 171 -11.84 59.90 56.81
CA VAL E 171 -12.66 60.56 57.82
C VAL E 171 -13.85 59.69 58.22
N SER E 172 -13.94 59.39 59.51
CA SER E 172 -15.06 58.63 60.06
C SER E 172 -15.67 59.37 61.25
N TRP E 173 -16.99 59.48 61.26
CA TRP E 173 -17.68 60.29 62.27
C TRP E 173 -17.98 59.52 63.53
N ASN E 174 -17.50 60.07 64.65
CA ASN E 174 -17.66 59.51 65.99
C ASN E 174 -17.27 58.03 66.06
N SER E 175 -16.01 57.75 65.70
CA SER E 175 -15.44 56.41 65.77
C SER E 175 -16.21 55.39 64.93
N GLY E 176 -16.86 55.87 63.87
CA GLY E 176 -17.57 54.99 62.94
C GLY E 176 -18.96 54.59 63.39
N ALA E 177 -19.38 55.07 64.56
CA ALA E 177 -20.71 54.79 65.08
C ALA E 177 -21.77 55.48 64.23
N LEU E 178 -21.62 56.78 64.06
CA LEU E 178 -22.54 57.58 63.24
C LEU E 178 -22.29 57.31 61.76
N THR E 179 -23.36 57.20 60.99
CA THR E 179 -23.23 56.87 59.57
C THR E 179 -24.22 57.61 58.68
N SER E 180 -25.48 57.70 59.12
CA SER E 180 -26.52 58.33 58.33
C SER E 180 -26.30 59.83 58.19
N GLY E 181 -26.43 60.33 56.96
CA GLY E 181 -26.28 61.74 56.68
C GLY E 181 -24.85 62.15 56.43
N VAL E 182 -23.91 61.24 56.70
CA VAL E 182 -22.49 61.52 56.50
C VAL E 182 -22.18 61.67 55.02
N HIS E 183 -21.58 62.79 54.66
CA HIS E 183 -21.22 63.07 53.27
C HIS E 183 -19.84 63.72 53.18
N THR E 184 -18.80 62.91 53.14
CA THR E 184 -17.44 63.42 53.00
C THR E 184 -17.24 63.93 51.57
N PHE E 185 -16.95 65.21 51.45
CA PHE E 185 -16.80 65.84 50.13
C PHE E 185 -15.40 65.65 49.57
N PRO E 186 -15.25 65.68 48.24
CA PRO E 186 -13.93 65.51 47.64
C PRO E 186 -13.00 66.68 47.96
N ALA E 187 -11.70 66.43 47.90
CA ALA E 187 -10.71 67.44 48.26
C ALA E 187 -10.60 68.53 47.20
N VAL E 188 -9.84 69.57 47.52
CA VAL E 188 -9.50 70.59 46.54
C VAL E 188 -8.00 70.89 46.64
N LEU E 189 -7.33 70.90 45.49
CA LEU E 189 -5.88 71.09 45.47
C LEU E 189 -5.55 72.58 45.45
N GLN E 190 -5.22 73.12 46.61
CA GLN E 190 -4.91 74.53 46.73
C GLN E 190 -3.71 74.92 45.89
N SER E 191 -3.66 76.19 45.50
CA SER E 191 -2.64 76.72 44.60
C SER E 191 -1.22 76.43 45.06
N SER E 192 -1.04 76.28 46.37
CA SER E 192 0.27 76.00 46.92
C SER E 192 0.54 74.49 46.98
N GLY E 193 -0.19 73.73 46.17
CA GLY E 193 0.01 72.30 46.06
C GLY E 193 -0.40 71.51 47.30
N LEU E 194 -1.50 71.90 47.92
CA LEU E 194 -2.00 71.19 49.10
C LEU E 194 -3.49 70.92 48.99
N TYR E 195 -3.88 69.68 49.27
CA TYR E 195 -5.28 69.30 49.24
C TYR E 195 -6.01 69.75 50.50
N SER E 196 -7.33 69.78 50.43
CA SER E 196 -8.17 70.14 51.56
C SER E 196 -9.59 69.65 51.31
N LEU E 197 -10.21 69.04 52.31
CA LEU E 197 -11.61 68.66 52.18
C LEU E 197 -12.40 68.87 53.47
N SER E 198 -13.63 68.38 53.48
CA SER E 198 -14.47 68.46 54.65
C SER E 198 -15.42 67.28 54.69
N SER E 199 -15.97 67.01 55.86
CA SER E 199 -17.03 66.02 56.00
C SER E 199 -18.24 66.72 56.60
N VAL E 200 -19.43 66.18 56.35
CA VAL E 200 -20.65 66.84 56.81
C VAL E 200 -21.78 65.85 57.10
N VAL E 201 -22.49 66.08 58.20
CA VAL E 201 -23.60 65.21 58.62
C VAL E 201 -24.87 66.00 58.91
N THR E 202 -26.02 65.35 58.82
CA THR E 202 -27.29 65.99 59.13
C THR E 202 -27.97 65.33 60.33
N VAL E 203 -27.96 66.05 61.44
CA VAL E 203 -28.57 65.59 62.69
C VAL E 203 -29.73 66.52 63.02
N PRO E 204 -30.88 65.98 63.47
CA PRO E 204 -32.00 66.88 63.79
C PRO E 204 -31.73 67.76 65.00
N SER E 205 -32.72 68.57 65.37
CA SER E 205 -32.55 69.51 66.47
C SER E 205 -32.48 68.81 67.82
N SER E 206 -32.97 67.58 67.89
CA SER E 206 -32.90 66.78 69.11
C SER E 206 -31.44 66.42 69.40
N SER E 207 -30.75 67.30 70.13
CA SER E 207 -29.33 67.10 70.39
C SER E 207 -28.83 67.86 71.62
N LEU E 208 -29.67 67.92 72.66
CA LEU E 208 -29.32 68.65 73.88
C LEU E 208 -28.45 67.80 74.80
N GLY E 209 -28.66 66.48 74.79
CA GLY E 209 -27.98 65.59 75.69
C GLY E 209 -26.54 65.29 75.36
N THR E 210 -25.74 66.35 75.15
CA THR E 210 -24.32 66.26 74.85
C THR E 210 -23.99 65.17 73.83
N GLN E 211 -24.62 65.23 72.66
CA GLN E 211 -24.40 64.20 71.65
C GLN E 211 -22.96 64.24 71.20
N THR E 212 -22.16 63.37 71.79
CA THR E 212 -20.73 63.28 71.50
C THR E 212 -20.50 63.05 70.00
N TYR E 213 -19.88 64.03 69.36
CA TYR E 213 -19.60 63.96 67.93
C TYR E 213 -18.15 64.30 67.67
N ILE E 214 -17.45 63.40 66.99
CA ILE E 214 -16.01 63.49 66.81
C ILE E 214 -15.60 63.03 65.41
N CYS E 215 -15.00 63.91 64.62
CA CYS E 215 -14.57 63.51 63.28
C CYS E 215 -13.13 62.99 63.32
N ASN E 216 -13.00 61.66 63.21
CA ASN E 216 -11.70 61.01 63.20
C ASN E 216 -11.03 61.15 61.84
N VAL E 217 -9.84 61.73 61.83
CA VAL E 217 -9.12 61.96 60.59
C VAL E 217 -7.82 61.18 60.58
N ASN E 218 -7.52 60.56 59.43
CA ASN E 218 -6.30 59.79 59.29
C ASN E 218 -5.59 60.06 57.97
N HIS E 219 -4.39 60.60 58.07
CA HIS E 219 -3.55 60.85 56.91
C HIS E 219 -2.28 60.02 57.03
N LYS E 220 -2.40 58.76 56.66
CA LYS E 220 -1.32 57.77 56.80
C LYS E 220 0.08 58.24 56.35
N PRO E 221 0.19 58.97 55.21
CA PRO E 221 1.54 59.41 54.83
C PRO E 221 2.27 60.28 55.85
N SER E 222 1.56 60.89 56.79
CA SER E 222 2.22 61.64 57.84
C SER E 222 1.90 61.04 59.20
N ASN E 223 1.33 59.84 59.20
CA ASN E 223 0.98 59.10 60.42
C ASN E 223 0.16 59.90 61.43
N THR E 224 -0.44 60.99 60.98
CA THR E 224 -1.18 61.88 61.87
C THR E 224 -2.59 61.38 62.12
N LYS E 225 -3.02 61.53 63.37
CA LYS E 225 -4.36 61.14 63.76
C LYS E 225 -5.01 62.28 64.53
N VAL E 226 -6.03 62.90 63.93
CA VAL E 226 -6.70 64.03 64.56
C VAL E 226 -8.21 63.82 64.66
N ASP E 227 -8.75 64.05 65.85
CA ASP E 227 -10.17 63.90 66.12
C ASP E 227 -10.67 65.16 66.83
N LYS E 228 -11.91 65.57 66.59
CA LYS E 228 -12.38 66.85 67.15
C LYS E 228 -13.88 66.89 67.49
N ARG E 229 -14.19 67.49 68.64
CA ARG E 229 -15.57 67.64 69.13
C ARG E 229 -16.24 68.88 68.56
N VAL E 230 -17.45 68.71 68.05
CA VAL E 230 -18.22 69.81 67.50
C VAL E 230 -19.37 70.18 68.43
N GLU E 231 -19.36 71.41 68.95
CA GLU E 231 -20.35 71.84 69.93
C GLU E 231 -20.70 73.32 69.78
N PRO E 232 -22.01 73.62 69.69
CA PRO E 232 -22.48 75.00 69.59
C PRO E 232 -22.57 75.67 70.97
N ALA F 1 -11.14 55.70 23.59
CA ALA F 1 -12.13 56.39 22.76
C ALA F 1 -13.04 57.25 23.62
N PRO F 2 -13.01 58.58 23.41
CA PRO F 2 -13.91 59.51 24.11
C PRO F 2 -15.34 59.37 23.62
N THR F 3 -15.94 58.21 23.87
CA THR F 3 -17.26 57.90 23.37
C THR F 3 -18.24 57.56 24.48
N PHE F 4 -19.52 57.88 24.25
CA PHE F 4 -20.55 57.71 25.25
C PHE F 4 -21.92 57.64 24.59
N VAL F 5 -22.53 56.47 24.62
CA VAL F 5 -23.87 56.31 24.06
C VAL F 5 -24.89 56.65 25.13
N SER F 6 -26.00 57.23 24.70
CA SER F 6 -27.06 57.62 25.62
C SER F 6 -28.34 56.84 25.32
N VAL F 7 -28.93 56.24 26.35
CA VAL F 7 -30.06 55.34 26.18
C VAL F 7 -31.17 55.69 27.16
N ALA F 8 -32.39 55.25 26.89
CA ALA F 8 -33.51 55.45 27.82
C ALA F 8 -33.77 54.17 28.61
N PRO F 9 -34.36 54.28 29.81
CA PRO F 9 -34.68 53.08 30.58
C PRO F 9 -35.66 52.18 29.85
N GLY F 10 -35.44 50.88 29.93
CA GLY F 10 -36.26 49.94 29.18
C GLY F 10 -35.92 50.00 27.71
N GLN F 11 -34.71 50.46 27.40
CA GLN F 11 -34.22 50.47 26.02
C GLN F 11 -32.86 49.81 25.96
N THR F 12 -32.38 49.54 24.75
CA THR F 12 -31.19 48.75 24.55
C THR F 12 -29.95 49.58 24.22
N ALA F 13 -28.84 49.25 24.88
CA ALA F 13 -27.57 49.94 24.68
C ALA F 13 -26.57 49.07 23.92
N ARG F 14 -26.06 49.59 22.81
CA ARG F 14 -24.98 48.94 22.08
C ARG F 14 -23.67 49.64 22.40
N ILE F 15 -22.90 49.09 23.33
CA ILE F 15 -21.60 49.68 23.65
C ILE F 15 -20.45 48.81 23.11
N THR F 16 -19.91 49.25 21.97
CA THR F 16 -18.83 48.54 21.30
C THR F 16 -17.46 48.93 21.87
N CYS F 17 -16.44 48.16 21.52
CA CYS F 17 -15.10 48.38 22.05
C CYS F 17 -14.04 47.60 21.29
N GLY F 18 -12.79 48.08 21.37
CA GLY F 18 -11.65 47.41 20.77
C GLY F 18 -11.57 47.57 19.26
N GLU F 19 -10.42 47.24 18.69
CA GLU F 19 -10.27 47.27 17.23
C GLU F 19 -10.97 46.06 16.64
N GLU F 20 -11.03 46.00 15.31
CA GLU F 20 -11.75 44.92 14.65
C GLU F 20 -11.02 43.58 14.74
N SER F 21 -11.79 42.50 14.77
CA SER F 21 -11.27 41.16 15.01
C SER F 21 -10.46 40.62 13.84
N LEU F 22 -9.53 39.71 14.14
CA LEU F 22 -8.73 39.03 13.13
C LEU F 22 -8.96 37.51 13.15
N GLY F 23 -8.64 36.91 14.29
CA GLY F 23 -8.87 35.49 14.51
C GLY F 23 -9.95 35.31 15.57
N SER F 24 -10.13 34.07 16.03
CA SER F 24 -11.06 33.79 17.11
C SER F 24 -10.61 34.48 18.39
N ARG F 25 -11.39 35.44 18.86
CA ARG F 25 -11.02 36.17 20.07
C ARG F 25 -11.84 35.73 21.29
N SER F 26 -11.35 36.11 22.47
CA SER F 26 -12.03 35.89 23.74
C SER F 26 -11.97 37.18 24.56
N VAL F 27 -13.06 37.94 24.54
CA VAL F 27 -13.02 39.30 25.04
C VAL F 27 -13.72 39.47 26.38
N ILE F 28 -12.93 39.62 27.43
CA ILE F 28 -13.46 39.80 28.79
C ILE F 28 -13.90 41.25 28.99
N TRP F 29 -15.05 41.44 29.62
CA TRP F 29 -15.59 42.77 29.86
C TRP F 29 -15.56 43.17 31.33
N TYR F 30 -15.56 44.47 31.58
CA TYR F 30 -15.54 45.01 32.93
C TYR F 30 -16.42 46.24 33.10
N GLN F 31 -16.84 46.49 34.33
CA GLN F 31 -17.67 47.64 34.66
C GLN F 31 -16.97 48.48 35.73
N GLN F 32 -16.96 49.80 35.56
CA GLN F 32 -16.33 50.65 36.55
C GLN F 32 -17.25 51.75 37.05
N ARG F 33 -17.84 51.50 38.21
CA ARG F 33 -18.60 52.51 38.94
C ARG F 33 -17.61 53.57 39.45
N PRO F 34 -18.01 54.86 39.43
CA PRO F 34 -17.14 55.97 39.83
C PRO F 34 -16.49 55.78 41.21
N GLY F 35 -15.17 55.66 41.20
CA GLY F 35 -14.38 55.56 42.42
C GLY F 35 -14.37 54.18 43.05
N GLN F 36 -14.76 53.17 42.28
CA GLN F 36 -14.84 51.81 42.78
C GLN F 36 -14.04 50.87 41.91
N ALA F 37 -13.55 49.79 42.52
CA ALA F 37 -12.82 48.76 41.81
C ALA F 37 -13.68 48.17 40.71
N PRO F 38 -13.08 47.94 39.53
CA PRO F 38 -13.83 47.43 38.39
C PRO F 38 -14.31 45.99 38.60
N SER F 39 -15.62 45.83 38.77
CA SER F 39 -16.22 44.50 38.88
C SER F 39 -16.14 43.79 37.55
N LEU F 40 -15.92 42.48 37.57
CA LEU F 40 -15.85 41.71 36.35
C LEU F 40 -17.25 41.51 35.79
N ILE F 41 -17.35 41.41 34.47
CA ILE F 41 -18.66 41.36 33.82
C ILE F 41 -18.88 40.10 32.97
N ILE F 42 -17.91 39.77 32.12
CA ILE F 42 -18.13 38.67 31.18
C ILE F 42 -16.85 37.95 30.78
N TYR F 43 -16.97 36.63 30.62
CA TYR F 43 -15.89 35.75 30.18
C TYR F 43 -16.53 34.51 29.57
N ASN F 44 -16.05 34.00 28.43
CA ASN F 44 -15.00 34.63 27.64
C ASN F 44 -15.59 35.80 26.86
N ASN F 45 -16.64 35.51 26.10
CA ASN F 45 -17.28 36.52 25.27
C ASN F 45 -18.72 36.80 25.70
N ASN F 46 -19.40 35.79 26.23
CA ASN F 46 -20.79 35.96 26.63
C ASN F 46 -21.18 35.36 27.98
N ASP F 47 -20.45 34.34 28.43
CA ASP F 47 -20.74 33.74 29.74
C ASP F 47 -20.36 34.76 30.81
N ARG F 48 -20.92 34.60 32.00
CA ARG F 48 -20.73 35.57 33.07
C ARG F 48 -20.61 34.85 34.39
N PRO F 49 -19.92 35.48 35.36
CA PRO F 49 -19.80 34.85 36.68
C PRO F 49 -21.05 35.08 37.52
N SER F 50 -20.93 34.76 38.81
CA SER F 50 -22.04 34.94 39.74
C SER F 50 -22.38 36.42 39.89
N GLY F 51 -23.68 36.72 39.86
CA GLY F 51 -24.16 38.06 40.13
C GLY F 51 -24.60 38.87 38.92
N ILE F 52 -24.12 38.50 37.74
CA ILE F 52 -24.45 39.26 36.54
C ILE F 52 -25.66 38.63 35.84
N PRO F 53 -26.72 39.42 35.62
CA PRO F 53 -27.98 38.92 35.08
C PRO F 53 -27.92 38.62 33.58
N ASP F 54 -29.04 38.15 33.05
CA ASP F 54 -29.15 37.77 31.65
C ASP F 54 -29.32 38.97 30.72
N ARG F 55 -29.45 40.16 31.30
CA ARG F 55 -29.51 41.38 30.50
C ARG F 55 -28.19 41.59 29.79
N PHE F 56 -27.12 41.10 30.40
CA PHE F 56 -25.78 41.24 29.87
C PHE F 56 -25.45 40.13 28.89
N SER F 57 -24.78 40.51 27.81
CA SER F 57 -24.42 39.59 26.75
C SER F 57 -23.42 40.26 25.83
N GLY F 58 -22.61 39.47 25.15
CA GLY F 58 -21.56 40.01 24.30
C GLY F 58 -21.41 39.31 22.96
N SER F 59 -20.56 39.87 22.11
CA SER F 59 -20.28 39.33 20.78
C SER F 59 -19.53 38.01 20.87
N PRO F 60 -20.07 36.97 20.22
CA PRO F 60 -19.39 35.67 20.20
C PRO F 60 -18.06 35.74 19.46
N GLY F 61 -16.97 35.56 20.20
CA GLY F 61 -15.63 35.61 19.62
C GLY F 61 -15.41 34.45 18.66
N SER F 62 -16.10 34.52 17.52
CA SER F 62 -16.02 33.47 16.51
C SER F 62 -16.29 34.02 15.11
N THR F 63 -16.16 35.33 14.96
CA THR F 63 -16.30 35.98 13.66
C THR F 63 -15.17 36.96 13.45
N PHE F 64 -14.87 37.25 12.19
CA PHE F 64 -13.64 37.96 11.83
C PHE F 64 -13.92 39.20 10.99
N GLY F 65 -13.65 40.36 11.59
CA GLY F 65 -13.97 41.64 10.99
C GLY F 65 -15.13 42.24 11.77
N THR F 66 -15.09 42.05 13.09
CA THR F 66 -16.17 42.48 13.97
C THR F 66 -15.63 42.99 15.30
N THR F 67 -16.07 44.17 15.71
CA THR F 67 -15.68 44.71 17.02
C THR F 67 -16.44 44.00 18.13
N ALA F 68 -15.96 44.15 19.35
CA ALA F 68 -16.60 43.55 20.51
C ALA F 68 -17.77 44.40 20.96
N THR F 69 -18.98 43.87 20.80
CA THR F 69 -20.19 44.59 21.16
C THR F 69 -20.85 44.04 22.42
N LEU F 70 -21.03 44.90 23.42
CA LEU F 70 -21.68 44.49 24.67
C LEU F 70 -23.09 45.06 24.72
N THR F 71 -24.08 44.18 24.85
CA THR F 71 -25.47 44.60 24.88
C THR F 71 -26.04 44.61 26.27
N ILE F 72 -26.59 45.75 26.66
CA ILE F 72 -27.30 45.87 27.92
C ILE F 72 -28.77 46.09 27.60
N THR F 73 -29.60 45.09 27.89
CA THR F 73 -31.01 45.13 27.53
C THR F 73 -31.88 45.78 28.60
N SER F 74 -32.79 46.65 28.16
CA SER F 74 -33.71 47.35 29.05
C SER F 74 -32.98 47.98 30.22
N VAL F 75 -32.09 48.91 29.91
CA VAL F 75 -31.20 49.49 30.89
C VAL F 75 -31.92 50.22 32.04
N GLU F 76 -31.22 50.34 33.16
CA GLU F 76 -31.74 51.03 34.33
C GLU F 76 -30.73 52.05 34.85
N ALA F 77 -30.94 52.54 36.07
CA ALA F 77 -30.09 53.56 36.66
C ALA F 77 -28.71 53.02 37.01
N GLY F 78 -28.67 51.97 37.80
CA GLY F 78 -27.42 51.42 38.30
C GLY F 78 -26.45 50.98 37.22
N ASP F 79 -26.97 50.70 36.03
CA ASP F 79 -26.15 50.22 34.92
C ASP F 79 -25.16 51.28 34.43
N GLU F 80 -25.38 52.53 34.79
CA GLU F 80 -24.48 53.63 34.44
C GLU F 80 -23.07 53.37 34.96
N ALA F 81 -22.09 53.35 34.05
CA ALA F 81 -20.70 53.13 34.43
C ALA F 81 -19.73 53.36 33.27
N ASP F 82 -18.45 53.10 33.53
CA ASP F 82 -17.41 53.10 32.50
C ASP F 82 -17.05 51.67 32.16
N TYR F 83 -17.33 51.26 30.92
CA TYR F 83 -17.14 49.88 30.50
C TYR F 83 -15.83 49.71 29.73
N TYR F 84 -15.17 48.57 29.92
CA TYR F 84 -13.86 48.32 29.32
C TYR F 84 -13.78 46.93 28.69
N CYS F 85 -12.76 46.72 27.85
CA CYS F 85 -12.52 45.44 27.19
C CYS F 85 -11.16 44.88 27.56
N HIS F 86 -11.07 43.56 27.62
CA HIS F 86 -9.78 42.88 27.70
C HIS F 86 -9.70 41.89 26.54
N ILE F 87 -9.14 42.36 25.44
CA ILE F 87 -9.22 41.66 24.16
C ILE F 87 -8.11 40.62 23.96
N TRP F 88 -8.53 39.38 23.73
CA TRP F 88 -7.58 38.30 23.48
C TRP F 88 -7.81 37.73 22.09
N ASP F 89 -7.03 38.19 21.12
CA ASP F 89 -7.17 37.70 19.75
C ASP F 89 -6.14 36.62 19.42
N SER F 90 -6.53 35.72 18.52
CA SER F 90 -5.69 34.60 18.11
C SER F 90 -4.45 35.06 17.35
N ARG F 91 -4.59 36.14 16.58
CA ARG F 91 -3.50 36.60 15.72
C ARG F 91 -2.80 37.83 16.28
N ARG F 92 -3.55 38.70 16.95
CA ARG F 92 -2.97 39.87 17.59
C ARG F 92 -2.54 39.54 19.02
N PRO F 93 -1.30 39.91 19.38
CA PRO F 93 -0.71 39.56 20.68
C PRO F 93 -1.35 40.27 21.88
N THR F 94 -0.91 39.87 23.07
CA THR F 94 -1.53 40.20 24.35
C THR F 94 -1.79 41.69 24.59
N ASN F 95 -3.02 41.99 25.01
CA ASN F 95 -3.40 43.35 25.41
C ASN F 95 -3.24 43.54 26.91
N TRP F 96 -2.25 44.34 27.30
CA TRP F 96 -1.99 44.59 28.71
C TRP F 96 -2.67 45.86 29.20
N VAL F 97 -3.02 46.75 28.28
CA VAL F 97 -3.83 47.91 28.65
C VAL F 97 -5.24 47.64 28.14
N PHE F 98 -6.23 48.03 28.92
CA PHE F 98 -7.61 47.69 28.60
C PHE F 98 -8.15 48.51 27.43
N GLY F 99 -9.39 48.22 27.04
CA GLY F 99 -10.04 48.89 25.93
C GLY F 99 -10.44 50.32 26.26
N GLU F 100 -11.42 50.84 25.55
CA GLU F 100 -11.87 52.20 25.79
C GLU F 100 -12.96 52.25 26.84
N GLY F 101 -12.93 53.29 27.67
CA GLY F 101 -13.93 53.48 28.70
C GLY F 101 -15.21 54.05 28.13
N THR F 102 -15.92 53.24 27.36
CA THR F 102 -17.21 53.66 26.82
C THR F 102 -18.15 53.96 27.98
N THR F 103 -18.61 55.21 28.04
CA THR F 103 -19.45 55.64 29.16
C THR F 103 -20.93 55.60 28.80
N LEU F 104 -21.62 54.61 29.34
CA LEU F 104 -23.06 54.46 29.16
C LEU F 104 -23.79 55.44 30.06
N ILE F 105 -24.67 56.25 29.48
CA ILE F 105 -25.51 57.13 30.27
C ILE F 105 -26.98 56.97 29.87
N VAL F 106 -27.84 56.82 30.88
CA VAL F 106 -29.28 56.70 30.71
C VAL F 106 -29.84 58.08 30.35
N LEU F 107 -31.02 58.15 29.79
CA LEU F 107 -31.56 59.42 29.33
C LEU F 107 -32.62 60.01 30.23
N SER F 108 -33.30 59.16 30.98
CA SER F 108 -34.44 59.64 31.76
C SER F 108 -34.06 59.85 33.23
N GLN F 109 -33.37 60.95 33.54
CA GLN F 109 -33.12 61.31 34.93
C GLN F 109 -33.98 62.49 35.37
N PRO F 110 -34.48 62.44 36.61
CA PRO F 110 -35.10 63.63 37.20
C PRO F 110 -34.03 64.68 37.44
N LYS F 111 -34.25 65.88 36.93
CA LYS F 111 -33.37 67.02 37.23
C LYS F 111 -33.47 67.34 38.72
N ALA F 112 -32.32 67.54 39.35
CA ALA F 112 -32.29 67.77 40.80
C ALA F 112 -31.55 69.04 41.16
N ALA F 113 -32.19 69.86 41.98
CA ALA F 113 -31.57 71.05 42.52
C ALA F 113 -30.70 70.69 43.73
N PRO F 114 -29.55 71.37 43.88
CA PRO F 114 -28.56 71.01 44.91
C PRO F 114 -28.99 71.30 46.33
N SER F 115 -28.09 71.04 47.28
CA SER F 115 -28.33 71.29 48.69
C SER F 115 -27.13 71.98 49.32
N VAL F 116 -27.08 73.30 49.18
CA VAL F 116 -25.95 74.08 49.68
C VAL F 116 -26.02 74.29 51.19
N THR F 117 -24.87 74.15 51.85
CA THR F 117 -24.77 74.32 53.30
C THR F 117 -23.55 75.16 53.65
N LEU F 118 -23.74 76.48 53.73
CA LEU F 118 -22.65 77.42 53.96
C LEU F 118 -22.12 77.36 55.39
N PHE F 119 -20.81 77.53 55.57
CA PHE F 119 -20.21 77.51 56.91
C PHE F 119 -19.15 78.58 57.07
N PRO F 120 -19.16 79.29 58.21
CA PRO F 120 -18.21 80.35 58.54
C PRO F 120 -16.89 79.78 59.07
N PRO F 121 -15.84 80.60 59.09
CA PRO F 121 -14.58 80.15 59.70
C PRO F 121 -14.78 79.85 61.17
N SER F 122 -14.44 78.63 61.59
CA SER F 122 -14.64 78.22 62.96
C SER F 122 -13.89 79.11 63.94
N SER F 123 -14.39 79.18 65.17
CA SER F 123 -13.76 79.95 66.23
C SER F 123 -12.32 79.49 66.47
N GLU F 124 -12.06 78.22 66.19
CA GLU F 124 -10.76 77.63 66.42
C GLU F 124 -9.74 78.07 65.36
N GLU F 125 -10.18 78.17 64.12
CA GLU F 125 -9.31 78.52 63.01
C GLU F 125 -8.77 79.94 63.14
N LEU F 126 -9.65 80.84 63.59
CA LEU F 126 -9.30 82.25 63.72
C LEU F 126 -8.30 82.49 64.83
N GLN F 127 -8.09 81.48 65.67
CA GLN F 127 -7.06 81.57 66.71
C GLN F 127 -5.68 81.55 66.09
N ALA F 128 -5.59 81.04 64.87
CA ALA F 128 -4.33 80.97 64.15
C ALA F 128 -4.32 81.95 62.98
N ASN F 129 -4.88 83.14 63.21
CA ASN F 129 -4.96 84.23 62.23
C ASN F 129 -5.28 83.80 60.80
N LYS F 130 -6.11 82.77 60.64
CA LYS F 130 -6.48 82.28 59.32
C LYS F 130 -7.98 82.06 59.23
N ALA F 131 -8.56 82.39 58.07
CA ALA F 131 -10.00 82.26 57.87
C ALA F 131 -10.33 81.50 56.59
N THR F 132 -11.34 80.64 56.67
CA THR F 132 -11.78 79.85 55.52
C THR F 132 -13.27 79.59 55.53
N LEU F 133 -13.95 79.95 54.45
CA LEU F 133 -15.38 79.70 54.32
C LEU F 133 -15.63 78.49 53.45
N VAL F 134 -16.69 77.75 53.75
CA VAL F 134 -17.00 76.53 53.01
C VAL F 134 -18.42 76.53 52.50
N CYS F 135 -18.59 76.11 51.25
CA CYS F 135 -19.92 75.96 50.64
C CYS F 135 -20.03 74.57 50.03
N LEU F 136 -20.67 73.65 50.76
CA LEU F 136 -20.80 72.26 50.30
C LEU F 136 -22.08 72.06 49.49
N ILE F 137 -21.93 71.64 48.24
CA ILE F 137 -23.05 71.50 47.31
C ILE F 137 -23.31 70.03 47.01
N SER F 138 -24.47 69.52 47.44
CA SER F 138 -24.70 68.07 47.41
C SER F 138 -25.90 67.62 46.57
N ASP F 139 -25.69 66.52 45.84
CA ASP F 139 -26.76 65.80 45.15
C ASP F 139 -27.60 66.65 44.20
N PHE F 140 -27.07 66.84 42.99
CA PHE F 140 -27.73 67.62 41.97
C PHE F 140 -27.50 67.02 40.58
N TYR F 141 -28.44 67.22 39.67
CA TYR F 141 -28.33 66.66 38.33
C TYR F 141 -28.78 67.66 37.27
N PRO F 142 -27.98 67.84 36.21
CA PRO F 142 -26.70 67.14 36.00
C PRO F 142 -25.52 67.80 36.70
N GLY F 143 -24.35 67.18 36.59
CA GLY F 143 -23.16 67.65 37.26
C GLY F 143 -22.44 68.79 36.56
N ALA F 144 -22.96 69.99 36.74
CA ALA F 144 -22.36 71.20 36.22
C ALA F 144 -22.94 72.39 36.97
N VAL F 145 -22.09 73.22 37.54
CA VAL F 145 -22.56 74.30 38.40
C VAL F 145 -21.57 75.45 38.52
N THR F 146 -22.09 76.67 38.41
CA THR F 146 -21.27 77.86 38.56
C THR F 146 -21.49 78.46 39.94
N VAL F 147 -20.47 78.39 40.78
CA VAL F 147 -20.53 78.97 42.12
C VAL F 147 -20.10 80.43 42.10
N ALA F 148 -20.80 81.27 42.86
CA ALA F 148 -20.46 82.69 42.96
C ALA F 148 -20.45 83.17 44.42
N TRP F 149 -19.39 83.87 44.80
CA TRP F 149 -19.26 84.41 46.15
C TRP F 149 -19.53 85.91 46.18
N LYS F 150 -20.18 86.38 47.24
CA LYS F 150 -20.48 87.80 47.40
C LYS F 150 -20.34 88.27 48.85
N ALA F 151 -19.46 89.24 49.07
CA ALA F 151 -19.26 89.82 50.39
C ALA F 151 -20.15 91.05 50.55
N ASP F 152 -21.34 90.86 51.12
CA ASP F 152 -22.32 91.93 51.28
C ASP F 152 -22.61 92.63 49.97
N SER F 153 -23.27 91.92 49.06
CA SER F 153 -23.63 92.45 47.75
C SER F 153 -22.40 92.99 47.01
N SER F 154 -21.34 92.21 47.00
CA SER F 154 -20.11 92.61 46.32
C SER F 154 -19.30 91.38 45.97
N PRO F 155 -19.01 91.20 44.68
CA PRO F 155 -18.33 90.02 44.16
C PRO F 155 -16.94 89.80 44.76
N VAL F 156 -16.68 88.58 45.20
CA VAL F 156 -15.38 88.22 45.78
C VAL F 156 -14.49 87.61 44.72
N LYS F 157 -13.39 88.29 44.39
CA LYS F 157 -12.55 87.85 43.27
C LYS F 157 -11.64 86.66 43.59
N ALA F 158 -10.88 86.74 44.67
CA ALA F 158 -9.88 85.71 44.96
C ALA F 158 -10.10 85.05 46.32
N GLY F 159 -9.34 84.00 46.59
CA GLY F 159 -9.50 83.23 47.80
C GLY F 159 -10.49 82.11 47.55
N VAL F 160 -11.14 82.16 46.39
CA VAL F 160 -12.15 81.19 46.03
C VAL F 160 -11.53 80.02 45.26
N GLU F 161 -11.79 78.81 45.74
CA GLU F 161 -11.27 77.60 45.12
C GLU F 161 -12.37 76.57 45.00
N THR F 162 -13.07 76.59 43.88
CA THR F 162 -14.18 75.67 43.66
C THR F 162 -13.66 74.39 43.02
N THR F 163 -14.25 73.26 43.40
CA THR F 163 -13.88 71.97 42.82
C THR F 163 -14.60 71.70 41.51
N THR F 164 -14.34 70.52 40.95
CA THR F 164 -15.06 70.03 39.79
C THR F 164 -16.06 69.00 40.27
N PRO F 165 -17.32 69.08 39.79
CA PRO F 165 -18.33 68.12 40.25
C PRO F 165 -17.93 66.69 39.96
N SER F 166 -17.63 65.93 41.01
CA SER F 166 -17.34 64.51 40.88
C SER F 166 -18.61 63.73 41.17
N LYS F 167 -18.84 62.69 40.39
CA LYS F 167 -20.09 61.93 40.45
C LYS F 167 -20.28 61.22 41.78
N GLN F 168 -21.50 61.29 42.32
CA GLN F 168 -21.85 60.55 43.52
C GLN F 168 -22.10 59.09 43.15
N SER F 169 -22.21 58.21 44.14
CA SER F 169 -22.47 56.80 43.86
C SER F 169 -23.85 56.65 43.22
N ASN F 170 -24.77 57.50 43.62
CA ASN F 170 -26.07 57.59 42.97
C ASN F 170 -25.94 58.42 41.69
N ASN F 171 -27.03 58.59 40.96
CA ASN F 171 -27.00 59.32 39.70
C ASN F 171 -26.61 60.80 39.87
N LYS F 172 -26.79 61.31 41.09
CA LYS F 172 -26.50 62.70 41.40
C LYS F 172 -25.01 63.01 41.38
N TYR F 173 -24.69 64.30 41.52
CA TYR F 173 -23.30 64.74 41.61
C TYR F 173 -23.10 65.50 42.92
N ALA F 174 -21.85 65.78 43.26
CA ALA F 174 -21.55 66.56 44.46
C ALA F 174 -20.22 67.30 44.32
N ALA F 175 -20.23 68.60 44.63
CA ALA F 175 -19.03 69.42 44.51
C ALA F 175 -18.89 70.34 45.74
N SER F 176 -17.71 70.93 45.90
CA SER F 176 -17.42 71.77 47.05
C SER F 176 -16.66 73.04 46.67
N SER F 177 -16.69 74.03 47.56
CA SER F 177 -16.04 75.31 47.31
C SER F 177 -15.56 75.97 48.60
N TYR F 178 -14.42 76.65 48.52
CA TYR F 178 -13.84 77.28 49.69
C TYR F 178 -13.48 78.74 49.40
N LEU F 179 -13.71 79.61 50.38
CA LEU F 179 -13.31 81.00 50.28
C LEU F 179 -12.36 81.35 51.40
N SER F 180 -11.07 81.42 51.08
CA SER F 180 -10.05 81.78 52.06
C SER F 180 -10.04 83.28 52.27
N LEU F 181 -9.96 83.69 53.53
CA LEU F 181 -9.90 85.10 53.88
C LEU F 181 -8.89 85.33 54.97
N THR F 182 -8.88 86.56 55.48
CA THR F 182 -8.19 86.89 56.71
C THR F 182 -9.27 87.26 57.72
N PRO F 183 -9.05 86.92 58.99
CA PRO F 183 -9.97 87.27 60.08
C PRO F 183 -10.47 88.72 60.00
N GLU F 184 -9.56 89.62 59.63
CA GLU F 184 -9.88 91.04 59.53
C GLU F 184 -10.91 91.29 58.45
N GLN F 185 -10.77 90.61 57.32
CA GLN F 185 -11.73 90.71 56.23
C GLN F 185 -13.05 90.09 56.64
N TRP F 186 -12.97 89.00 57.39
CA TRP F 186 -14.13 88.22 57.80
C TRP F 186 -15.08 89.00 58.69
N LYS F 187 -14.55 89.57 59.78
CA LYS F 187 -15.39 90.29 60.72
C LYS F 187 -15.63 91.74 60.27
N SER F 188 -15.07 92.11 59.12
CA SER F 188 -15.30 93.43 58.57
C SER F 188 -16.68 93.55 57.97
N HIS F 189 -16.92 92.80 56.89
CA HIS F 189 -18.21 92.82 56.22
C HIS F 189 -19.28 92.20 57.09
N LYS F 190 -20.51 92.72 56.96
CA LYS F 190 -21.62 92.25 57.77
C LYS F 190 -22.08 90.85 57.36
N SER F 191 -21.72 90.41 56.15
CA SER F 191 -22.04 89.06 55.68
C SER F 191 -21.31 88.68 54.39
N TYR F 192 -21.16 87.37 54.19
CA TYR F 192 -20.67 86.80 52.94
C TYR F 192 -21.73 85.84 52.40
N SER F 193 -21.82 85.72 51.08
CA SER F 193 -22.86 84.89 50.48
C SER F 193 -22.31 83.94 49.41
N CYS F 194 -22.89 82.74 49.36
CA CYS F 194 -22.50 81.71 48.41
C CYS F 194 -23.64 81.41 47.45
N GLN F 195 -23.62 82.05 46.28
CA GLN F 195 -24.61 81.81 45.25
C GLN F 195 -24.19 80.64 44.39
N VAL F 196 -25.16 79.79 44.04
CA VAL F 196 -24.87 78.53 43.35
C VAL F 196 -25.96 78.29 42.28
N THR F 197 -25.55 77.81 41.09
CA THR F 197 -26.47 77.65 39.97
C THR F 197 -26.73 76.20 39.54
N HIS F 198 -28.02 75.87 39.38
CA HIS F 198 -28.55 74.52 39.22
C HIS F 198 -27.88 73.54 38.20
N GLU F 199 -27.57 73.94 36.96
CA GLU F 199 -27.73 75.29 36.42
C GLU F 199 -29.12 75.53 35.85
N GLY F 200 -29.61 76.74 36.09
CA GLY F 200 -30.95 77.12 35.71
C GLY F 200 -31.54 78.00 36.79
N SER F 201 -31.48 77.52 38.03
CA SER F 201 -32.02 78.25 39.16
C SER F 201 -30.91 78.64 40.12
N THR F 202 -30.69 79.94 40.31
CA THR F 202 -29.72 80.39 41.30
C THR F 202 -30.33 80.26 42.68
N VAL F 203 -29.47 80.05 43.67
CA VAL F 203 -29.88 79.90 45.05
C VAL F 203 -28.67 80.25 45.92
N GLU F 204 -28.91 80.86 47.06
CA GLU F 204 -27.79 81.28 47.88
C GLU F 204 -28.03 81.06 49.36
N LYS F 205 -26.95 80.74 50.04
CA LYS F 205 -26.91 80.77 51.49
C LYS F 205 -26.15 82.00 51.92
N THR F 206 -26.39 82.45 53.14
CA THR F 206 -25.70 83.63 53.64
C THR F 206 -25.29 83.45 55.09
N VAL F 207 -24.03 83.75 55.39
CA VAL F 207 -23.52 83.62 56.74
C VAL F 207 -22.89 84.94 57.20
N ALA F 208 -23.04 85.24 58.48
CA ALA F 208 -22.56 86.50 59.04
C ALA F 208 -21.73 86.27 60.29
N PRO F 209 -20.81 87.19 60.60
CA PRO F 209 -20.04 87.07 61.85
C PRO F 209 -20.91 87.34 63.08
N THR F 210 -20.53 86.79 64.23
CA THR F 210 -21.31 86.99 65.45
C THR F 210 -20.67 88.04 66.34
N GLN G 116 27.84 3.59 -24.92
CA GLN G 116 28.87 4.30 -24.18
C GLN G 116 28.27 5.07 -23.01
N VAL G 117 28.67 4.71 -21.79
CA VAL G 117 28.15 5.34 -20.59
C VAL G 117 29.25 5.58 -19.55
N GLN G 118 29.88 6.76 -19.62
CA GLN G 118 31.01 7.08 -18.77
C GLN G 118 30.61 7.31 -17.31
N LEU G 119 31.61 7.25 -16.43
CA LEU G 119 31.44 7.46 -14.98
C LEU G 119 32.75 7.94 -14.36
N VAL G 120 32.66 8.89 -13.43
CA VAL G 120 33.86 9.40 -12.76
C VAL G 120 33.52 10.05 -11.42
N GLN G 121 34.46 10.01 -10.50
CA GLN G 121 34.24 10.52 -9.15
C GLN G 121 35.35 11.49 -8.73
N SER G 122 35.49 11.70 -7.41
CA SER G 122 36.53 12.60 -6.88
C SER G 122 37.84 11.85 -6.69
N GLY G 123 38.62 12.27 -5.69
CA GLY G 123 39.92 11.68 -5.43
C GLY G 123 40.31 11.68 -3.97
N GLY G 124 41.62 11.75 -3.73
CA GLY G 124 42.17 11.66 -2.38
C GLY G 124 41.68 12.73 -1.43
N GLN G 125 41.07 12.28 -0.33
CA GLN G 125 40.55 13.17 0.71
C GLN G 125 40.70 12.50 2.08
N MET G 126 41.67 12.96 2.86
CA MET G 126 42.00 12.35 4.16
C MET G 126 41.19 12.93 5.30
N LYS G 127 40.71 12.08 6.20
CA LYS G 127 39.90 12.51 7.33
C LYS G 127 40.17 11.70 8.61
N LYS G 128 39.93 12.35 9.76
CA LYS G 128 40.08 11.74 11.08
C LYS G 128 38.77 11.06 11.48
N PRO G 129 38.85 9.93 12.20
CA PRO G 129 37.65 9.24 12.67
C PRO G 129 36.67 10.15 13.45
N GLY G 130 35.39 9.99 13.18
CA GLY G 130 34.36 10.75 13.85
C GLY G 130 33.99 12.03 13.13
N GLU G 131 34.17 12.04 11.82
CA GLU G 131 33.89 13.22 11.02
C GLU G 131 32.90 12.91 9.90
N SER G 132 32.64 13.91 9.07
CA SER G 132 31.73 13.75 7.94
C SER G 132 32.46 13.97 6.63
N MET G 133 31.95 13.35 5.56
CA MET G 133 32.57 13.44 4.25
C MET G 133 31.52 13.53 3.14
N ARG G 134 31.98 13.75 1.92
CA ARG G 134 31.10 13.86 0.76
C ARG G 134 31.89 13.67 -0.53
N ILE G 135 31.33 12.94 -1.49
CA ILE G 135 31.99 12.71 -2.76
C ILE G 135 31.06 12.88 -3.95
N SER G 136 31.63 12.85 -5.14
CA SER G 136 30.88 13.04 -6.38
C SER G 136 30.83 11.77 -7.21
N CYS G 137 29.99 11.80 -8.24
CA CYS G 137 29.85 10.68 -9.16
C CYS G 137 29.09 11.12 -10.41
N ARG G 138 29.80 11.77 -11.33
CA ARG G 138 29.18 12.26 -12.56
C ARG G 138 29.02 11.13 -13.57
N ALA G 139 28.01 11.23 -14.45
CA ALA G 139 27.71 10.16 -15.39
C ALA G 139 27.01 10.68 -16.65
N SER G 140 27.13 9.92 -17.74
CA SER G 140 26.50 10.27 -19.01
C SER G 140 26.18 9.04 -19.84
N GLY G 141 25.36 9.23 -20.87
CA GLY G 141 25.04 8.19 -21.83
C GLY G 141 23.63 7.63 -21.75
N TYR G 142 22.83 8.14 -20.82
CA TYR G 142 21.47 7.65 -20.62
C TYR G 142 20.59 8.68 -19.92
N GLU G 143 19.28 8.46 -19.98
CA GLU G 143 18.33 9.27 -19.24
C GLU G 143 18.58 9.08 -17.76
N PHE G 144 19.35 9.99 -17.17
CA PHE G 144 19.78 9.92 -15.78
C PHE G 144 18.69 9.44 -14.84
N ILE G 145 17.49 10.02 -14.97
CA ILE G 145 16.39 9.74 -14.07
C ILE G 145 15.73 8.37 -14.26
N ASP G 146 15.91 7.76 -15.43
CA ASP G 146 15.22 6.51 -15.73
C ASP G 146 15.88 5.29 -15.07
N CYS G 147 17.21 5.20 -15.14
CA CYS G 147 17.93 4.06 -14.61
C CYS G 147 18.41 4.28 -13.18
N THR G 148 18.38 3.22 -12.37
CA THR G 148 18.71 3.31 -10.94
C THR G 148 20.19 3.08 -10.67
N LEU G 149 20.68 3.68 -9.59
CA LEU G 149 22.09 3.61 -9.21
C LEU G 149 22.29 2.97 -7.85
N ASN G 150 23.55 2.70 -7.51
CA ASN G 150 23.91 2.10 -6.22
C ASN G 150 25.41 2.22 -5.92
N TRP G 151 25.78 1.92 -4.67
CA TRP G 151 27.17 2.03 -4.23
C TRP G 151 27.66 0.72 -3.61
N ILE G 152 28.98 0.57 -3.52
CA ILE G 152 29.61 -0.60 -2.90
C ILE G 152 30.82 -0.21 -2.05
N ARG G 153 30.87 -0.72 -0.82
CA ARG G 153 31.99 -0.47 0.08
C ARG G 153 33.00 -1.61 -0.03
N LEU G 154 33.67 -1.70 -1.18
CA LEU G 154 34.58 -2.82 -1.45
C LEU G 154 35.84 -2.73 -0.59
N ALA G 155 35.93 -3.63 0.40
CA ALA G 155 37.02 -3.63 1.36
C ALA G 155 38.17 -4.53 0.90
N PRO G 156 39.41 -4.18 1.26
CA PRO G 156 40.58 -4.99 0.89
C PRO G 156 40.66 -6.25 1.75
N GLY G 157 40.62 -7.41 1.10
CA GLY G 157 40.65 -8.67 1.80
C GLY G 157 39.27 -9.15 2.19
N LYS G 158 38.42 -8.22 2.60
CA LYS G 158 37.06 -8.55 3.01
C LYS G 158 36.12 -8.66 1.81
N ARG G 159 34.87 -9.03 2.10
CA ARG G 159 33.85 -9.20 1.09
C ARG G 159 33.37 -7.85 0.58
N PRO G 160 33.09 -7.75 -0.74
CA PRO G 160 32.51 -6.52 -1.29
C PRO G 160 31.16 -6.24 -0.67
N GLU G 161 31.10 -5.24 0.20
CA GLU G 161 29.88 -4.92 0.93
C GLU G 161 29.01 -3.93 0.16
N TRP G 162 27.74 -4.27 0.00
CA TRP G 162 26.80 -3.38 -0.67
C TRP G 162 26.32 -2.32 0.31
N MET G 163 26.10 -1.11 -0.19
CA MET G 163 25.72 0.01 0.65
C MET G 163 24.23 0.31 0.54
N GLY G 164 23.77 0.49 -0.70
CA GLY G 164 22.37 0.76 -0.96
C GLY G 164 22.14 1.30 -2.36
N TRP G 165 20.88 1.37 -2.79
CA TRP G 165 20.59 1.92 -4.11
C TRP G 165 19.81 3.22 -4.03
N LEU G 166 19.66 3.85 -5.19
CA LEU G 166 18.97 5.12 -5.30
C LEU G 166 18.22 5.22 -6.64
N LYS G 167 16.96 5.63 -6.58
CA LYS G 167 16.22 5.99 -7.78
C LYS G 167 16.38 7.49 -7.98
N PRO G 168 16.98 7.90 -9.10
CA PRO G 168 17.31 9.32 -9.32
C PRO G 168 16.13 10.21 -9.71
N ARG G 169 15.03 9.64 -10.17
CA ARG G 169 13.86 10.44 -10.56
C ARG G 169 13.29 11.17 -9.36
N GLY G 170 12.77 10.42 -8.40
CA GLY G 170 12.19 10.99 -7.20
C GLY G 170 13.15 11.13 -6.04
N GLY G 171 14.24 10.36 -6.09
CA GLY G 171 15.24 10.39 -5.03
C GLY G 171 15.06 9.24 -4.06
N ALA G 172 14.17 8.31 -4.40
CA ALA G 172 13.86 7.16 -3.54
C ALA G 172 15.12 6.33 -3.29
N VAL G 173 15.31 5.89 -2.04
CA VAL G 173 16.53 5.19 -1.67
C VAL G 173 16.30 3.98 -0.78
N ASN G 174 17.38 3.25 -0.53
CA ASN G 174 17.35 2.05 0.28
C ASN G 174 18.73 1.81 0.87
N TYR G 175 18.81 1.64 2.18
CA TYR G 175 20.11 1.52 2.85
C TYR G 175 20.26 0.22 3.62
N CYS G 176 21.51 -0.24 3.73
CA CYS G 176 21.84 -1.41 4.55
C CYS G 176 21.98 -1.02 6.01
N ARG G 177 21.60 -1.92 6.90
CA ARG G 177 21.62 -1.66 8.35
C ARG G 177 22.97 -1.18 8.90
N PRO G 178 24.08 -1.85 8.55
CA PRO G 178 25.35 -1.38 9.12
C PRO G 178 25.72 0.04 8.71
N LEU G 179 25.15 0.52 7.61
CA LEU G 179 25.46 1.84 7.11
C LEU G 179 24.31 2.82 7.33
N GLN G 180 23.15 2.30 7.76
CA GLN G 180 21.98 3.14 8.01
C GLN G 180 22.27 4.22 9.04
N GLY G 181 21.68 5.39 8.83
CA GLY G 181 21.91 6.53 9.70
C GLY G 181 23.18 7.27 9.35
N ARG G 182 24.23 6.52 9.07
CA ARG G 182 25.54 7.09 8.73
C ARG G 182 25.54 7.57 7.28
N VAL G 183 25.14 6.67 6.38
CA VAL G 183 25.17 6.94 4.95
C VAL G 183 24.07 7.94 4.57
N THR G 184 24.30 8.68 3.48
CA THR G 184 23.32 9.62 2.95
C THR G 184 23.50 9.79 1.44
N MET G 185 22.73 9.03 0.67
CA MET G 185 22.83 9.08 -0.79
C MET G 185 21.96 10.19 -1.36
N THR G 186 22.55 11.00 -2.23
CA THR G 186 21.84 12.14 -2.82
C THR G 186 22.12 12.24 -4.32
N ARG G 187 21.53 13.24 -4.97
CA ARG G 187 21.76 13.46 -6.39
C ARG G 187 21.37 14.87 -6.82
N ASP G 188 21.57 15.14 -8.11
CA ASP G 188 21.25 16.44 -8.70
C ASP G 188 21.22 16.28 -10.21
N VAL G 189 20.03 16.16 -10.78
CA VAL G 189 19.88 15.89 -12.21
C VAL G 189 20.32 17.11 -13.04
N TYR G 190 20.35 18.28 -12.42
CA TYR G 190 20.85 19.48 -13.08
C TYR G 190 22.33 19.36 -13.43
N SER G 191 23.00 18.35 -12.85
CA SER G 191 24.42 18.13 -13.08
C SER G 191 24.77 16.67 -13.35
N ASP G 192 23.75 15.80 -13.34
CA ASP G 192 23.91 14.36 -13.54
C ASP G 192 24.93 13.79 -12.56
N THR G 193 24.81 14.17 -11.30
CA THR G 193 25.81 13.80 -10.30
C THR G 193 25.21 13.23 -9.03
N ALA G 194 25.48 11.95 -8.77
CA ALA G 194 24.97 11.28 -7.57
C ALA G 194 25.95 11.42 -6.40
N PHE G 195 25.45 11.97 -5.30
CA PHE G 195 26.30 12.24 -4.14
C PHE G 195 26.22 11.12 -3.11
N LEU G 196 27.25 11.02 -2.29
CA LEU G 196 27.30 10.05 -1.21
C LEU G 196 27.92 10.69 0.04
N GLU G 197 27.09 10.97 1.04
CA GLU G 197 27.58 11.55 2.28
C GLU G 197 27.65 10.49 3.37
N LEU G 198 28.68 10.56 4.22
CA LEU G 198 28.89 9.55 5.24
C LEU G 198 29.50 10.15 6.51
N ARG G 199 28.72 10.16 7.59
CA ARG G 199 29.17 10.73 8.85
C ARG G 199 29.61 9.64 9.84
N SER G 200 30.23 10.07 10.94
CA SER G 200 30.69 9.16 12.00
C SER G 200 31.61 8.08 11.44
N LEU G 201 32.84 8.46 11.15
CA LEU G 201 33.76 7.57 10.46
C LEU G 201 34.57 6.68 11.41
N THR G 202 35.02 5.55 10.89
CA THR G 202 35.75 4.56 11.68
C THR G 202 36.85 3.94 10.82
N VAL G 203 37.56 2.98 11.38
CA VAL G 203 38.57 2.23 10.63
C VAL G 203 37.87 1.18 9.76
N ASP G 204 36.70 0.73 10.22
CA ASP G 204 35.90 -0.25 9.47
C ASP G 204 35.58 0.24 8.07
N ASP G 205 35.20 1.50 7.96
CA ASP G 205 34.85 2.10 6.68
C ASP G 205 35.93 3.06 6.19
N THR G 206 37.09 2.50 5.84
CA THR G 206 38.21 3.30 5.35
C THR G 206 38.44 3.04 3.86
N ALA G 207 37.92 1.91 3.37
CA ALA G 207 38.17 1.45 2.01
C ALA G 207 37.56 2.36 0.94
N VAL G 208 37.96 2.14 -0.31
CA VAL G 208 37.51 2.93 -1.46
C VAL G 208 36.08 2.56 -1.88
N TYR G 209 35.31 3.55 -2.31
CA TYR G 209 33.93 3.33 -2.72
C TYR G 209 33.77 3.43 -4.23
N PHE G 210 32.70 2.82 -4.76
CA PHE G 210 32.45 2.79 -6.20
C PHE G 210 30.97 2.83 -6.54
N CYS G 211 30.56 3.81 -7.35
CA CYS G 211 29.17 3.96 -7.77
C CYS G 211 28.92 3.31 -9.13
N THR G 212 27.88 2.48 -9.22
CA THR G 212 27.60 1.72 -10.43
C THR G 212 26.12 1.74 -10.82
N ARG G 213 25.83 1.31 -12.06
CA ARG G 213 24.46 1.10 -12.49
C ARG G 213 24.36 -0.24 -13.22
N GLY G 214 23.14 -0.77 -13.31
CA GLY G 214 22.91 -2.07 -13.94
C GLY G 214 23.09 -2.07 -15.45
N LYS G 215 23.04 -3.25 -16.05
CA LYS G 215 23.22 -3.35 -17.50
C LYS G 215 22.08 -2.65 -18.22
N ASN G 216 20.87 -2.80 -17.67
CA ASN G 216 19.69 -2.14 -18.22
C ASN G 216 18.83 -1.65 -17.07
N CYS G 217 17.86 -0.80 -17.36
CA CYS G 217 16.96 -0.30 -16.34
C CYS G 217 16.11 -1.44 -15.80
N ASP G 218 15.83 -2.41 -16.67
CA ASP G 218 15.01 -3.57 -16.34
C ASP G 218 15.51 -4.30 -15.10
N TYR G 219 16.83 -4.40 -14.95
CA TYR G 219 17.40 -5.14 -13.83
C TYR G 219 18.70 -4.50 -13.33
N ASN G 220 18.65 -3.99 -12.10
CA ASN G 220 19.74 -3.22 -11.53
C ASN G 220 20.94 -4.06 -11.08
N TRP G 221 20.69 -5.29 -10.66
CA TRP G 221 21.71 -6.11 -10.00
C TRP G 221 22.72 -6.73 -10.95
N ASP G 222 22.59 -6.47 -12.24
CA ASP G 222 23.58 -6.90 -13.23
C ASP G 222 24.51 -5.75 -13.57
N PHE G 223 25.42 -5.44 -12.65
CA PHE G 223 26.29 -4.28 -12.75
C PHE G 223 27.22 -4.38 -13.96
N GLU G 224 26.88 -3.66 -15.02
CA GLU G 224 27.70 -3.66 -16.23
C GLU G 224 28.56 -2.40 -16.33
N HIS G 225 28.20 -1.38 -15.55
CA HIS G 225 28.87 -0.09 -15.65
C HIS G 225 29.28 0.43 -14.27
N TRP G 226 30.59 0.55 -14.06
CA TRP G 226 31.16 0.89 -12.77
C TRP G 226 31.85 2.26 -12.76
N GLY G 227 32.27 2.70 -11.58
CA GLY G 227 32.88 4.02 -11.40
C GLY G 227 34.37 4.07 -11.65
N ARG G 228 35.04 5.02 -10.98
CA ARG G 228 36.48 5.21 -11.12
C ARG G 228 37.12 5.43 -9.74
N GLY G 229 38.41 5.11 -9.65
CA GLY G 229 39.16 5.16 -8.39
C GLY G 229 38.96 6.40 -7.55
N THR G 230 38.71 6.19 -6.26
CA THR G 230 38.47 7.27 -5.32
C THR G 230 39.18 7.00 -3.98
N PRO G 231 40.47 7.36 -3.89
CA PRO G 231 41.26 7.14 -2.67
C PRO G 231 40.70 7.88 -1.46
N VAL G 232 40.61 7.17 -0.33
CA VAL G 232 40.13 7.75 0.92
C VAL G 232 40.99 7.26 2.09
N ILE G 233 41.42 8.18 2.94
CA ILE G 233 42.41 7.87 3.97
C ILE G 233 41.95 8.17 5.40
N VAL G 234 41.96 7.15 6.26
CA VAL G 234 41.68 7.32 7.68
C VAL G 234 42.72 6.57 8.52
N VAL H 3 25.58 -15.21 2.77
CA VAL H 3 24.77 -16.36 2.40
C VAL H 3 25.44 -17.18 1.30
N LEU H 4 26.10 -16.50 0.38
CA LEU H 4 26.83 -17.15 -0.70
C LEU H 4 28.11 -17.79 -0.20
N THR H 5 28.37 -19.02 -0.65
CA THR H 5 29.56 -19.75 -0.22
C THR H 5 30.48 -20.03 -1.41
N GLN H 6 31.40 -19.10 -1.68
CA GLN H 6 32.28 -19.20 -2.83
C GLN H 6 33.51 -20.05 -2.53
N SER H 7 33.52 -21.28 -3.03
CA SER H 7 34.60 -22.23 -2.77
C SER H 7 35.31 -22.62 -4.07
N PRO H 8 36.60 -22.97 -4.00
CA PRO H 8 37.50 -22.91 -2.84
C PRO H 8 38.50 -21.74 -2.90
N GLY H 9 39.39 -21.67 -1.93
CA GLY H 9 40.15 -20.46 -1.63
C GLY H 9 41.55 -20.22 -2.15
N THR H 10 42.33 -21.28 -2.35
CA THR H 10 43.77 -21.12 -2.64
C THR H 10 44.06 -20.54 -4.03
N LEU H 11 43.76 -21.29 -5.09
CA LEU H 11 43.50 -20.68 -6.39
C LEU H 11 44.84 -20.23 -7.07
N SER H 12 45.88 -21.07 -7.03
CA SER H 12 47.12 -20.71 -7.72
C SER H 12 47.60 -21.75 -8.75
N LEU H 13 47.64 -21.36 -10.02
CA LEU H 13 48.04 -22.28 -11.08
C LEU H 13 48.81 -21.59 -12.20
N SER H 14 49.27 -22.39 -13.16
CA SER H 14 50.10 -21.93 -14.26
C SER H 14 49.26 -21.48 -15.45
N PRO H 15 49.83 -20.68 -16.35
CA PRO H 15 49.13 -20.27 -17.58
C PRO H 15 48.66 -21.45 -18.42
N GLY H 16 49.36 -22.58 -18.32
CA GLY H 16 48.98 -23.77 -19.04
C GLY H 16 48.18 -24.73 -18.18
N GLU H 17 46.99 -24.29 -17.77
CA GLU H 17 46.11 -25.11 -16.94
C GLU H 17 44.65 -24.62 -16.98
N THR H 18 43.82 -25.18 -16.10
CA THR H 18 42.40 -24.87 -16.05
C THR H 18 41.91 -24.77 -14.60
N ALA H 19 40.97 -23.86 -14.33
CA ALA H 19 40.44 -23.69 -12.98
C ALA H 19 38.91 -23.51 -12.99
N ILE H 20 38.27 -23.96 -11.92
CA ILE H 20 36.80 -23.90 -11.79
C ILE H 20 36.38 -23.39 -10.40
N ILE H 21 35.61 -22.31 -10.37
CA ILE H 21 35.22 -21.70 -9.09
C ILE H 21 33.73 -21.94 -8.77
N SER H 22 33.47 -22.50 -7.60
CA SER H 22 32.10 -22.86 -7.22
C SER H 22 31.45 -21.81 -6.31
N CYS H 23 30.13 -21.86 -6.18
CA CYS H 23 29.38 -20.91 -5.35
C CYS H 23 28.05 -21.53 -4.92
N ARG H 24 27.74 -21.46 -3.63
CA ARG H 24 26.56 -22.12 -3.06
C ARG H 24 25.54 -21.12 -2.52
N THR H 25 24.27 -21.51 -2.52
CA THR H 25 23.21 -20.63 -2.03
C THR H 25 22.02 -21.42 -1.46
N SER H 26 21.27 -20.78 -0.58
CA SER H 26 20.07 -21.37 -0.01
C SER H 26 18.87 -21.15 -0.92
N GLN H 27 18.57 -19.88 -1.19
CA GLN H 27 17.46 -19.52 -2.06
C GLN H 27 17.94 -19.31 -3.49
N TYR H 28 17.00 -19.19 -4.41
CA TYR H 28 17.34 -19.01 -5.82
C TYR H 28 17.74 -17.58 -6.13
N GLY H 29 18.13 -17.31 -7.38
CA GLY H 29 18.49 -15.96 -7.76
C GLY H 29 19.18 -15.78 -9.10
N SER H 30 19.57 -14.53 -9.37
CA SER H 30 20.26 -14.17 -10.61
C SER H 30 21.76 -14.12 -10.39
N LEU H 31 22.48 -15.05 -11.02
CA LEU H 31 23.92 -15.17 -10.80
C LEU H 31 24.73 -14.23 -11.67
N ALA H 32 25.95 -13.95 -11.22
CA ALA H 32 26.89 -13.08 -11.93
C ALA H 32 28.31 -13.31 -11.44
N TRP H 33 29.28 -12.72 -12.12
CA TRP H 33 30.69 -12.90 -11.76
C TRP H 33 31.53 -11.69 -12.14
N TYR H 34 32.65 -11.51 -11.44
CA TYR H 34 33.51 -10.35 -11.65
C TYR H 34 35.00 -10.71 -11.56
N GLN H 35 35.87 -9.70 -11.72
CA GLN H 35 37.32 -9.89 -11.70
C GLN H 35 38.06 -8.56 -11.53
N GLN H 36 38.87 -8.45 -10.48
CA GLN H 36 39.59 -7.20 -10.19
C GLN H 36 41.00 -7.22 -10.78
N ARG H 37 41.63 -6.04 -10.84
CA ARG H 37 42.91 -5.88 -11.53
C ARG H 37 43.74 -4.76 -10.91
N PRO H 38 45.03 -4.62 -11.31
CA PRO H 38 45.84 -3.57 -10.68
C PRO H 38 45.48 -2.19 -11.22
N GLY H 39 44.78 -1.41 -10.42
CA GLY H 39 44.31 -0.11 -10.87
C GLY H 39 42.84 -0.18 -11.23
N GLN H 40 42.47 -1.24 -11.95
CA GLN H 40 41.09 -1.41 -12.40
C GLN H 40 40.16 -1.91 -11.29
N ALA H 41 38.86 -1.76 -11.52
CA ALA H 41 37.80 -2.14 -10.60
C ALA H 41 37.18 -3.48 -11.05
N PRO H 42 36.16 -4.00 -10.34
CA PRO H 42 35.59 -5.26 -10.82
C PRO H 42 35.00 -5.21 -12.23
N ARG H 43 35.33 -6.21 -13.05
CA ARG H 43 34.82 -6.31 -14.41
C ARG H 43 33.82 -7.46 -14.52
N LEU H 44 32.62 -7.15 -15.01
CA LEU H 44 31.58 -8.15 -15.18
C LEU H 44 31.95 -9.14 -16.28
N VAL H 45 31.60 -10.41 -16.08
CA VAL H 45 31.89 -11.45 -17.07
C VAL H 45 30.70 -12.36 -17.34
N ILE H 46 29.74 -12.35 -16.41
CA ILE H 46 28.53 -13.18 -16.50
C ILE H 46 27.33 -12.35 -16.01
N TYR H 47 26.21 -12.38 -16.74
CA TYR H 47 25.08 -11.56 -16.32
C TYR H 47 23.80 -12.35 -15.98
N SER H 48 23.72 -13.61 -16.39
CA SER H 48 22.60 -14.45 -15.99
C SER H 48 23.13 -15.67 -15.26
N GLY H 49 24.20 -16.23 -15.81
CA GLY H 49 24.76 -17.48 -15.35
C GLY H 49 25.39 -18.12 -16.56
N SER H 50 24.53 -18.53 -17.50
CA SER H 50 24.98 -19.07 -18.78
C SER H 50 25.54 -17.97 -19.68
N THR H 51 24.93 -16.79 -19.60
CA THR H 51 25.28 -15.68 -20.49
C THR H 51 26.61 -15.03 -20.14
N ARG H 52 27.30 -14.54 -21.16
CA ARG H 52 28.59 -13.87 -20.99
C ARG H 52 28.45 -12.36 -21.16
N ALA H 53 29.47 -11.63 -20.70
CA ALA H 53 29.49 -10.18 -20.88
C ALA H 53 30.22 -9.80 -22.17
N ALA H 54 30.54 -8.52 -22.31
CA ALA H 54 31.20 -8.03 -23.52
C ALA H 54 32.70 -8.35 -23.50
N GLY H 55 33.20 -8.85 -24.62
CA GLY H 55 34.61 -9.19 -24.75
C GLY H 55 34.96 -10.44 -23.96
N ILE H 56 34.13 -11.47 -24.10
CA ILE H 56 34.28 -12.72 -23.37
C ILE H 56 34.22 -13.92 -24.31
N PRO H 57 35.33 -14.65 -24.46
CA PRO H 57 35.40 -15.78 -25.39
C PRO H 57 34.59 -16.99 -24.94
N ASP H 58 34.74 -18.09 -25.67
CA ASP H 58 34.00 -19.31 -25.39
C ASP H 58 34.58 -20.04 -24.18
N ARG H 59 35.78 -19.65 -23.77
CA ARG H 59 36.47 -20.28 -22.65
C ARG H 59 35.67 -20.20 -21.36
N PHE H 60 35.05 -19.04 -21.12
CA PHE H 60 34.25 -18.83 -19.93
C PHE H 60 32.97 -19.67 -19.95
N SER H 61 33.06 -20.89 -19.42
CA SER H 61 31.93 -21.81 -19.42
C SER H 61 31.17 -21.82 -18.08
N GLY H 62 29.94 -21.32 -18.11
CA GLY H 62 29.01 -21.45 -16.98
C GLY H 62 28.14 -22.67 -17.25
N SER H 63 27.87 -23.49 -16.23
CA SER H 63 27.40 -24.84 -16.55
C SER H 63 26.45 -25.68 -15.66
N ARG H 64 25.99 -25.20 -14.50
CA ARG H 64 25.22 -26.10 -13.63
C ARG H 64 23.88 -25.61 -13.06
N TRP H 65 22.82 -26.35 -13.41
CA TRP H 65 21.47 -26.13 -12.88
C TRP H 65 21.38 -26.94 -11.63
N GLY H 66 21.67 -26.28 -10.51
CA GLY H 66 21.57 -26.89 -9.19
C GLY H 66 22.08 -25.93 -8.13
N PRO H 67 22.10 -26.36 -6.85
CA PRO H 67 22.54 -25.47 -5.78
C PRO H 67 23.97 -24.98 -6.00
N ASP H 68 24.81 -25.87 -6.52
CA ASP H 68 26.16 -25.51 -6.88
C ASP H 68 26.21 -24.95 -8.31
N TYR H 69 26.70 -23.71 -8.43
CA TYR H 69 26.91 -23.08 -9.73
C TYR H 69 28.41 -22.81 -9.90
N ASN H 70 28.97 -23.06 -11.08
CA ASN H 70 30.39 -22.79 -11.29
C ASN H 70 30.75 -22.00 -12.55
N LEU H 71 31.92 -21.34 -12.47
CA LEU H 71 32.47 -20.55 -13.57
C LEU H 71 33.85 -21.07 -13.97
N THR H 72 33.97 -21.58 -15.19
CA THR H 72 35.22 -22.16 -15.66
C THR H 72 35.89 -21.30 -16.74
N ILE H 73 37.19 -21.10 -16.60
CA ILE H 73 37.94 -20.30 -17.58
C ILE H 73 39.21 -21.05 -17.99
N SER H 74 39.03 -22.01 -18.87
CA SER H 74 40.13 -22.84 -19.33
C SER H 74 41.11 -22.02 -20.17
N ASN H 75 42.32 -22.54 -20.36
CA ASN H 75 43.38 -21.83 -21.08
C ASN H 75 43.69 -20.49 -20.41
N LEU H 76 44.40 -20.57 -19.28
CA LEU H 76 44.68 -19.40 -18.45
C LEU H 76 45.68 -18.43 -19.12
N GLU H 77 45.70 -17.20 -18.64
CA GLU H 77 46.60 -16.17 -19.18
C GLU H 77 47.06 -15.19 -18.09
N SER H 78 47.84 -14.20 -18.50
CA SER H 78 48.46 -13.26 -17.57
C SER H 78 47.51 -12.15 -17.12
N GLY H 79 46.43 -11.95 -17.88
CA GLY H 79 45.43 -10.96 -17.51
C GLY H 79 44.46 -11.54 -16.49
N ASP H 80 44.51 -12.87 -16.33
CA ASP H 80 43.58 -13.59 -15.47
C ASP H 80 43.89 -13.42 -13.99
N PHE H 81 45.07 -12.89 -13.66
CA PHE H 81 45.45 -12.69 -12.27
C PHE H 81 44.62 -11.57 -11.66
N GLY H 82 44.14 -11.79 -10.43
CA GLY H 82 43.31 -10.84 -9.73
C GLY H 82 42.39 -11.55 -8.75
N VAL H 83 41.27 -10.91 -8.39
CA VAL H 83 40.33 -11.53 -7.48
C VAL H 83 38.90 -11.50 -8.03
N TYR H 84 38.22 -12.64 -7.93
CA TYR H 84 36.89 -12.82 -8.48
C TYR H 84 35.85 -12.87 -7.36
N TYR H 85 34.58 -12.59 -7.69
CA TYR H 85 33.49 -12.68 -6.73
C TYR H 85 32.20 -13.15 -7.41
N CYS H 86 31.38 -13.92 -6.69
CA CYS H 86 30.05 -14.31 -7.19
C CYS H 86 28.98 -13.45 -6.54
N GLN H 87 28.13 -12.84 -7.35
CA GLN H 87 27.10 -11.94 -6.86
C GLN H 87 25.69 -12.45 -7.14
N GLN H 88 24.84 -12.38 -6.12
CA GLN H 88 23.43 -12.74 -6.26
C GLN H 88 22.59 -11.70 -5.53
N TYR H 89 21.86 -10.90 -6.30
CA TYR H 89 21.14 -9.74 -5.78
C TYR H 89 22.07 -8.81 -5.00
N GLU H 90 21.69 -8.50 -3.76
CA GLU H 90 22.43 -7.58 -2.92
C GLU H 90 23.65 -8.25 -2.29
N PHE H 91 23.66 -9.58 -2.28
CA PHE H 91 24.71 -10.35 -1.64
C PHE H 91 25.95 -10.48 -2.51
N PHE H 92 27.04 -10.93 -1.90
CA PHE H 92 28.28 -11.19 -2.61
C PHE H 92 28.91 -12.49 -2.12
N GLY H 93 29.92 -12.96 -2.86
CA GLY H 93 30.65 -14.16 -2.50
C GLY H 93 31.93 -13.82 -1.75
N GLN H 94 32.50 -14.79 -1.05
CA GLN H 94 33.70 -14.59 -0.25
C GLN H 94 34.82 -14.02 -1.10
N GLY H 95 34.89 -14.56 -2.33
CA GLY H 95 35.86 -14.15 -3.34
C GLY H 95 37.17 -14.85 -3.27
N THR H 96 37.99 -14.73 -4.32
CA THR H 96 39.26 -15.48 -4.33
C THR H 96 40.32 -14.80 -5.25
N LYS H 97 41.54 -14.75 -4.74
CA LYS H 97 42.62 -14.00 -5.36
C LYS H 97 43.57 -14.99 -5.98
N VAL H 98 43.88 -14.79 -7.26
CA VAL H 98 44.88 -15.59 -7.95
C VAL H 98 46.07 -14.71 -8.33
N GLN H 99 47.28 -15.16 -8.02
CA GLN H 99 48.48 -14.36 -8.16
C GLN H 99 49.59 -15.04 -8.96
N VAL H 100 50.68 -14.30 -9.16
CA VAL H 100 51.88 -14.82 -9.82
C VAL H 100 52.78 -15.53 -8.82
#